data_2CU3
# 
_entry.id   2CU3 
# 
_audit_conform.dict_name       mmcif_pdbx.dic 
_audit_conform.dict_version    5.398 
_audit_conform.dict_location   http://mmcif.pdb.org/dictionaries/ascii/mmcif_pdbx.dic 
# 
loop_
_database_2.database_id 
_database_2.database_code 
_database_2.pdbx_database_accession 
_database_2.pdbx_DOI 
PDB   2CU3         pdb_00002cu3 10.2210/pdb2cu3/pdb 
RCSB  RCSB024619   ?            ?                   
WWPDB D_1000024619 ?            ?                   
# 
loop_
_pdbx_audit_revision_history.ordinal 
_pdbx_audit_revision_history.data_content_type 
_pdbx_audit_revision_history.major_revision 
_pdbx_audit_revision_history.minor_revision 
_pdbx_audit_revision_history.revision_date 
1 'Structure model' 1 0 2006-05-23 
2 'Structure model' 1 1 2008-04-30 
3 'Structure model' 1 2 2011-07-13 
4 'Structure model' 1 3 2024-10-30 
# 
_pdbx_audit_revision_details.ordinal             1 
_pdbx_audit_revision_details.revision_ordinal    1 
_pdbx_audit_revision_details.data_content_type   'Structure model' 
_pdbx_audit_revision_details.provider            repository 
_pdbx_audit_revision_details.type                'Initial release' 
_pdbx_audit_revision_details.description         ? 
_pdbx_audit_revision_details.details             ? 
# 
loop_
_pdbx_audit_revision_group.ordinal 
_pdbx_audit_revision_group.revision_ordinal 
_pdbx_audit_revision_group.data_content_type 
_pdbx_audit_revision_group.group 
1 2 'Structure model' 'Version format compliance' 
2 3 'Structure model' 'Source and taxonomy'       
3 3 'Structure model' 'Version format compliance' 
4 4 'Structure model' 'Data collection'           
5 4 'Structure model' 'Database references'       
6 4 'Structure model' 'Derived calculations'      
7 4 'Structure model' 'Structure summary'         
# 
loop_
_pdbx_audit_revision_category.ordinal 
_pdbx_audit_revision_category.revision_ordinal 
_pdbx_audit_revision_category.data_content_type 
_pdbx_audit_revision_category.category 
1 4 'Structure model' chem_comp_atom            
2 4 'Structure model' chem_comp_bond            
3 4 'Structure model' database_2                
4 4 'Structure model' pdbx_entry_details        
5 4 'Structure model' pdbx_modification_feature 
6 4 'Structure model' pdbx_struct_conn_angle    
7 4 'Structure model' struct_conn               
8 4 'Structure model' struct_site               
# 
loop_
_pdbx_audit_revision_item.ordinal 
_pdbx_audit_revision_item.revision_ordinal 
_pdbx_audit_revision_item.data_content_type 
_pdbx_audit_revision_item.item 
1  4 'Structure model' '_database_2.pdbx_DOI'                        
2  4 'Structure model' '_database_2.pdbx_database_accession'         
3  4 'Structure model' '_pdbx_struct_conn_angle.ptnr1_auth_asym_id'  
4  4 'Structure model' '_pdbx_struct_conn_angle.ptnr1_auth_comp_id'  
5  4 'Structure model' '_pdbx_struct_conn_angle.ptnr1_auth_seq_id'   
6  4 'Structure model' '_pdbx_struct_conn_angle.ptnr1_label_asym_id' 
7  4 'Structure model' '_pdbx_struct_conn_angle.ptnr1_label_atom_id' 
8  4 'Structure model' '_pdbx_struct_conn_angle.ptnr1_label_comp_id' 
9  4 'Structure model' '_pdbx_struct_conn_angle.ptnr1_label_seq_id'  
10 4 'Structure model' '_pdbx_struct_conn_angle.ptnr3_auth_asym_id'  
11 4 'Structure model' '_pdbx_struct_conn_angle.ptnr3_auth_comp_id'  
12 4 'Structure model' '_pdbx_struct_conn_angle.ptnr3_auth_seq_id'   
13 4 'Structure model' '_pdbx_struct_conn_angle.ptnr3_label_asym_id' 
14 4 'Structure model' '_pdbx_struct_conn_angle.ptnr3_label_atom_id' 
15 4 'Structure model' '_pdbx_struct_conn_angle.ptnr3_label_comp_id' 
16 4 'Structure model' '_pdbx_struct_conn_angle.ptnr3_label_seq_id'  
17 4 'Structure model' '_pdbx_struct_conn_angle.value'               
18 4 'Structure model' '_struct_conn.conn_type_id'                   
19 4 'Structure model' '_struct_conn.id'                             
20 4 'Structure model' '_struct_conn.pdbx_dist_value'                
21 4 'Structure model' '_struct_conn.pdbx_leaving_atom_flag'         
22 4 'Structure model' '_struct_conn.ptnr1_auth_asym_id'             
23 4 'Structure model' '_struct_conn.ptnr1_auth_comp_id'             
24 4 'Structure model' '_struct_conn.ptnr1_auth_seq_id'              
25 4 'Structure model' '_struct_conn.ptnr1_label_asym_id'            
26 4 'Structure model' '_struct_conn.ptnr1_label_atom_id'            
27 4 'Structure model' '_struct_conn.ptnr1_label_comp_id'            
28 4 'Structure model' '_struct_conn.ptnr1_label_seq_id'             
29 4 'Structure model' '_struct_conn.ptnr2_auth_asym_id'             
30 4 'Structure model' '_struct_conn.ptnr2_auth_comp_id'             
31 4 'Structure model' '_struct_conn.ptnr2_auth_seq_id'              
32 4 'Structure model' '_struct_conn.ptnr2_label_asym_id'            
33 4 'Structure model' '_struct_conn.ptnr2_label_atom_id'            
34 4 'Structure model' '_struct_conn.ptnr2_label_comp_id'            
35 4 'Structure model' '_struct_conn.ptnr2_label_seq_id'             
36 4 'Structure model' '_struct_site.pdbx_auth_asym_id'              
37 4 'Structure model' '_struct_site.pdbx_auth_comp_id'              
38 4 'Structure model' '_struct_site.pdbx_auth_seq_id'               
# 
_pdbx_database_status.status_code                     REL 
_pdbx_database_status.entry_id                        2CU3 
_pdbx_database_status.recvd_initial_deposition_date   2005-05-25 
_pdbx_database_status.deposit_site                    PDBJ 
_pdbx_database_status.process_site                    PDBJ 
_pdbx_database_status.status_code_sf                  REL 
_pdbx_database_status.status_code_mr                  ? 
_pdbx_database_status.SG_entry                        Y 
_pdbx_database_status.pdb_format_compatible           Y 
_pdbx_database_status.status_code_cs                  ? 
_pdbx_database_status.status_code_nmr_data            ? 
_pdbx_database_status.methods_development_category    ? 
# 
_pdbx_database_related.db_name        TargetDB 
_pdbx_database_related.db_id          ttk003001568.1 
_pdbx_database_related.details        . 
_pdbx_database_related.content_type   unspecified 
# 
loop_
_audit_author.name 
_audit_author.pdbx_ordinal 
'Sugahara, M.'                                           1 
'Satoh, S.'                                              2 
'Ebihara, A.'                                            3 
'Kuramitsu, S.'                                          4 
'Yokoyama, S.'                                           5 
'Kunishima, N.'                                          6 
'RIKEN Structural Genomics/Proteomics Initiative (RSGI)' 7 
# 
_citation.id                        primary 
_citation.title                     'Crystal structure of TT1568 from Thermus thermophilus HB8' 
_citation.journal_abbrev            'To be Published' 
_citation.journal_volume            ? 
_citation.page_first                ? 
_citation.page_last                 ? 
_citation.year                      ? 
_citation.journal_id_ASTM           ? 
_citation.country                   ? 
_citation.journal_id_ISSN           ? 
_citation.journal_id_CSD            0353 
_citation.book_publisher            ? 
_citation.pdbx_database_id_PubMed   ? 
_citation.pdbx_database_id_DOI      ? 
# 
loop_
_citation_author.citation_id 
_citation_author.name 
_citation_author.ordinal 
_citation_author.identifier_ORCID 
primary 'Sugahara, M.'  1 ? 
primary 'Satoh, S.'     2 ? 
primary 'Ebihara, A.'   3 ? 
primary 'Kuramitsu, S.' 4 ? 
primary 'Yokoyama, S.'  5 ? 
primary 'Kunishima, N.' 6 ? 
# 
loop_
_entity.id 
_entity.type 
_entity.src_method 
_entity.pdbx_description 
_entity.formula_weight 
_entity.pdbx_number_of_molecules 
_entity.pdbx_ec 
_entity.pdbx_mutation 
_entity.pdbx_fragment 
_entity.details 
1 polymer     man 'unknown function protein' 7132.781 2   ? ? ? ? 
2 non-polymer syn 'CADMIUM ION'              112.411  1   ? ? ? ? 
3 water       nat water                      18.015   152 ? ? ? ? 
# 
_entity_poly.entity_id                      1 
_entity_poly.type                           'polypeptide(L)' 
_entity_poly.nstd_linkage                   no 
_entity_poly.nstd_monomer                   yes 
_entity_poly.pdbx_seq_one_letter_code       '(MSE)VWLNGEPRPLEGKTLKEVLEE(MSE)GVELKGVAVLLNEEAFLGLEVPDRPLRDGDVVEVVAL(MSE)QGG' 
_entity_poly.pdbx_seq_one_letter_code_can   MVWLNGEPRPLEGKTLKEVLEEMGVELKGVAVLLNEEAFLGLEVPDRPLRDGDVVEVVALMQGG 
_entity_poly.pdbx_strand_id                 A,B 
_entity_poly.pdbx_target_identifier         ttk003001568.1 
# 
loop_
_pdbx_entity_nonpoly.entity_id 
_pdbx_entity_nonpoly.name 
_pdbx_entity_nonpoly.comp_id 
2 'CADMIUM ION' CD  
3 water         HOH 
# 
loop_
_entity_poly_seq.entity_id 
_entity_poly_seq.num 
_entity_poly_seq.mon_id 
_entity_poly_seq.hetero 
1 1  MSE n 
1 2  VAL n 
1 3  TRP n 
1 4  LEU n 
1 5  ASN n 
1 6  GLY n 
1 7  GLU n 
1 8  PRO n 
1 9  ARG n 
1 10 PRO n 
1 11 LEU n 
1 12 GLU n 
1 13 GLY n 
1 14 LYS n 
1 15 THR n 
1 16 LEU n 
1 17 LYS n 
1 18 GLU n 
1 19 VAL n 
1 20 LEU n 
1 21 GLU n 
1 22 GLU n 
1 23 MSE n 
1 24 GLY n 
1 25 VAL n 
1 26 GLU n 
1 27 LEU n 
1 28 LYS n 
1 29 GLY n 
1 30 VAL n 
1 31 ALA n 
1 32 VAL n 
1 33 LEU n 
1 34 LEU n 
1 35 ASN n 
1 36 GLU n 
1 37 GLU n 
1 38 ALA n 
1 39 PHE n 
1 40 LEU n 
1 41 GLY n 
1 42 LEU n 
1 43 GLU n 
1 44 VAL n 
1 45 PRO n 
1 46 ASP n 
1 47 ARG n 
1 48 PRO n 
1 49 LEU n 
1 50 ARG n 
1 51 ASP n 
1 52 GLY n 
1 53 ASP n 
1 54 VAL n 
1 55 VAL n 
1 56 GLU n 
1 57 VAL n 
1 58 VAL n 
1 59 ALA n 
1 60 LEU n 
1 61 MSE n 
1 62 GLN n 
1 63 GLY n 
1 64 GLY n 
# 
_entity_src_gen.entity_id                          1 
_entity_src_gen.pdbx_src_id                        1 
_entity_src_gen.pdbx_alt_source_flag               sample 
_entity_src_gen.pdbx_seq_type                      ? 
_entity_src_gen.pdbx_beg_seq_num                   ? 
_entity_src_gen.pdbx_end_seq_num                   ? 
_entity_src_gen.gene_src_common_name               ? 
_entity_src_gen.gene_src_genus                     Thermus 
_entity_src_gen.pdbx_gene_src_gene                 ? 
_entity_src_gen.gene_src_species                   'Thermus thermophilus' 
_entity_src_gen.gene_src_strain                    HB8 
_entity_src_gen.gene_src_tissue                    ? 
_entity_src_gen.gene_src_tissue_fraction           ? 
_entity_src_gen.gene_src_details                   ? 
_entity_src_gen.pdbx_gene_src_fragment             ? 
_entity_src_gen.pdbx_gene_src_scientific_name      'Thermus thermophilus' 
_entity_src_gen.pdbx_gene_src_ncbi_taxonomy_id     300852 
_entity_src_gen.pdbx_gene_src_variant              ? 
_entity_src_gen.pdbx_gene_src_cell_line            ? 
_entity_src_gen.pdbx_gene_src_atcc                 ? 
_entity_src_gen.pdbx_gene_src_organ                ? 
_entity_src_gen.pdbx_gene_src_organelle            ? 
_entity_src_gen.pdbx_gene_src_cell                 ? 
_entity_src_gen.pdbx_gene_src_cellular_location    ? 
_entity_src_gen.host_org_common_name               ? 
_entity_src_gen.pdbx_host_org_scientific_name      'Escherichia coli' 
_entity_src_gen.pdbx_host_org_ncbi_taxonomy_id     562 
_entity_src_gen.host_org_genus                     Escherichia 
_entity_src_gen.pdbx_host_org_gene                 ? 
_entity_src_gen.pdbx_host_org_organ                ? 
_entity_src_gen.host_org_species                   ? 
_entity_src_gen.pdbx_host_org_tissue               ? 
_entity_src_gen.pdbx_host_org_tissue_fraction      ? 
_entity_src_gen.pdbx_host_org_strain               ? 
_entity_src_gen.pdbx_host_org_variant              ? 
_entity_src_gen.pdbx_host_org_cell_line            ? 
_entity_src_gen.pdbx_host_org_atcc                 ? 
_entity_src_gen.pdbx_host_org_culture_collection   ? 
_entity_src_gen.pdbx_host_org_cell                 ? 
_entity_src_gen.pdbx_host_org_organelle            ? 
_entity_src_gen.pdbx_host_org_cellular_location    ? 
_entity_src_gen.pdbx_host_org_vector_type          PLASMID 
_entity_src_gen.pdbx_host_org_vector               ? 
_entity_src_gen.host_org_details                   ? 
_entity_src_gen.expression_system_id               ? 
_entity_src_gen.plasmid_name                       pET11a 
_entity_src_gen.plasmid_details                    ? 
_entity_src_gen.pdbx_description                   ? 
# 
loop_
_chem_comp.id 
_chem_comp.type 
_chem_comp.mon_nstd_flag 
_chem_comp.name 
_chem_comp.pdbx_synonyms 
_chem_comp.formula 
_chem_comp.formula_weight 
ALA 'L-peptide linking' y ALANINE          ? 'C3 H7 N O2'     89.093  
ARG 'L-peptide linking' y ARGININE         ? 'C6 H15 N4 O2 1' 175.209 
ASN 'L-peptide linking' y ASPARAGINE       ? 'C4 H8 N2 O3'    132.118 
ASP 'L-peptide linking' y 'ASPARTIC ACID'  ? 'C4 H7 N O4'     133.103 
CD  non-polymer         . 'CADMIUM ION'    ? 'Cd 2'           112.411 
GLN 'L-peptide linking' y GLUTAMINE        ? 'C5 H10 N2 O3'   146.144 
GLU 'L-peptide linking' y 'GLUTAMIC ACID'  ? 'C5 H9 N O4'     147.129 
GLY 'peptide linking'   y GLYCINE          ? 'C2 H5 N O2'     75.067  
HOH non-polymer         . WATER            ? 'H2 O'           18.015  
LEU 'L-peptide linking' y LEUCINE          ? 'C6 H13 N O2'    131.173 
LYS 'L-peptide linking' y LYSINE           ? 'C6 H15 N2 O2 1' 147.195 
MSE 'L-peptide linking' n SELENOMETHIONINE ? 'C5 H11 N O2 Se' 196.106 
PHE 'L-peptide linking' y PHENYLALANINE    ? 'C9 H11 N O2'    165.189 
PRO 'L-peptide linking' y PROLINE          ? 'C5 H9 N O2'     115.130 
THR 'L-peptide linking' y THREONINE        ? 'C4 H9 N O3'     119.119 
TRP 'L-peptide linking' y TRYPTOPHAN       ? 'C11 H12 N2 O2'  204.225 
VAL 'L-peptide linking' y VALINE           ? 'C5 H11 N O2'    117.146 
# 
loop_
_pdbx_poly_seq_scheme.asym_id 
_pdbx_poly_seq_scheme.entity_id 
_pdbx_poly_seq_scheme.seq_id 
_pdbx_poly_seq_scheme.mon_id 
_pdbx_poly_seq_scheme.ndb_seq_num 
_pdbx_poly_seq_scheme.pdb_seq_num 
_pdbx_poly_seq_scheme.auth_seq_num 
_pdbx_poly_seq_scheme.pdb_mon_id 
_pdbx_poly_seq_scheme.auth_mon_id 
_pdbx_poly_seq_scheme.pdb_strand_id 
_pdbx_poly_seq_scheme.pdb_ins_code 
_pdbx_poly_seq_scheme.hetero 
A 1 1  MSE 1  1  1  MSE MSE A . n 
A 1 2  VAL 2  2  2  VAL VAL A . n 
A 1 3  TRP 3  3  3  TRP TRP A . n 
A 1 4  LEU 4  4  4  LEU LEU A . n 
A 1 5  ASN 5  5  5  ASN ASN A . n 
A 1 6  GLY 6  6  6  GLY GLY A . n 
A 1 7  GLU 7  7  7  GLU GLU A . n 
A 1 8  PRO 8  8  8  PRO PRO A . n 
A 1 9  ARG 9  9  9  ARG ARG A . n 
A 1 10 PRO 10 10 10 PRO PRO A . n 
A 1 11 LEU 11 11 11 LEU LEU A . n 
A 1 12 GLU 12 12 12 GLU GLU A . n 
A 1 13 GLY 13 13 13 GLY GLY A . n 
A 1 14 LYS 14 14 14 LYS LYS A . n 
A 1 15 THR 15 15 15 THR THR A . n 
A 1 16 LEU 16 16 16 LEU LEU A . n 
A 1 17 LYS 17 17 17 LYS LYS A . n 
A 1 18 GLU 18 18 18 GLU GLU A . n 
A 1 19 VAL 19 19 19 VAL VAL A . n 
A 1 20 LEU 20 20 20 LEU LEU A . n 
A 1 21 GLU 21 21 21 GLU GLU A . n 
A 1 22 GLU 22 22 22 GLU GLU A . n 
A 1 23 MSE 23 23 23 MSE MSE A . n 
A 1 24 GLY 24 24 24 GLY GLY A . n 
A 1 25 VAL 25 25 25 VAL VAL A . n 
A 1 26 GLU 26 26 26 GLU GLU A . n 
A 1 27 LEU 27 27 27 LEU LEU A . n 
A 1 28 LYS 28 28 28 LYS LYS A . n 
A 1 29 GLY 29 29 29 GLY GLY A . n 
A 1 30 VAL 30 30 30 VAL VAL A . n 
A 1 31 ALA 31 31 31 ALA ALA A . n 
A 1 32 VAL 32 32 32 VAL VAL A . n 
A 1 33 LEU 33 33 33 LEU LEU A . n 
A 1 34 LEU 34 34 34 LEU LEU A . n 
A 1 35 ASN 35 35 35 ASN ASN A . n 
A 1 36 GLU 36 36 36 GLU GLU A . n 
A 1 37 GLU 37 37 37 GLU GLU A . n 
A 1 38 ALA 38 38 38 ALA ALA A . n 
A 1 39 PHE 39 39 39 PHE PHE A . n 
A 1 40 LEU 40 40 40 LEU LEU A . n 
A 1 41 GLY 41 41 41 GLY GLY A . n 
A 1 42 LEU 42 42 42 LEU LEU A . n 
A 1 43 GLU 43 43 43 GLU GLU A . n 
A 1 44 VAL 44 44 44 VAL VAL A . n 
A 1 45 PRO 45 45 45 PRO PRO A . n 
A 1 46 ASP 46 46 46 ASP ASP A . n 
A 1 47 ARG 47 47 47 ARG ARG A . n 
A 1 48 PRO 48 48 48 PRO PRO A . n 
A 1 49 LEU 49 49 49 LEU LEU A . n 
A 1 50 ARG 50 50 50 ARG ARG A . n 
A 1 51 ASP 51 51 51 ASP ASP A . n 
A 1 52 GLY 52 52 52 GLY GLY A . n 
A 1 53 ASP 53 53 53 ASP ASP A . n 
A 1 54 VAL 54 54 54 VAL VAL A . n 
A 1 55 VAL 55 55 55 VAL VAL A . n 
A 1 56 GLU 56 56 56 GLU GLU A . n 
A 1 57 VAL 57 57 57 VAL VAL A . n 
A 1 58 VAL 58 58 58 VAL VAL A . n 
A 1 59 ALA 59 59 59 ALA ALA A . n 
A 1 60 LEU 60 60 60 LEU LEU A . n 
A 1 61 MSE 61 61 61 MSE MSE A . n 
A 1 62 GLN 62 62 62 GLN GLN A . n 
A 1 63 GLY 63 63 63 GLY GLY A . n 
A 1 64 GLY 64 64 ?  ?   ?   A . n 
B 1 1  MSE 1  1  1  MSE MSE B . n 
B 1 2  VAL 2  2  2  VAL VAL B . n 
B 1 3  TRP 3  3  3  TRP TRP B . n 
B 1 4  LEU 4  4  4  LEU LEU B . n 
B 1 5  ASN 5  5  5  ASN ASN B . n 
B 1 6  GLY 6  6  6  GLY GLY B . n 
B 1 7  GLU 7  7  7  GLU GLU B . n 
B 1 8  PRO 8  8  8  PRO PRO B . n 
B 1 9  ARG 9  9  9  ARG ARG B . n 
B 1 10 PRO 10 10 10 PRO PRO B . n 
B 1 11 LEU 11 11 11 LEU LEU B . n 
B 1 12 GLU 12 12 12 GLU GLU B . n 
B 1 13 GLY 13 13 13 GLY GLY B . n 
B 1 14 LYS 14 14 14 LYS LYS B . n 
B 1 15 THR 15 15 15 THR THR B . n 
B 1 16 LEU 16 16 16 LEU LEU B . n 
B 1 17 LYS 17 17 17 LYS LYS B . n 
B 1 18 GLU 18 18 18 GLU GLU B . n 
B 1 19 VAL 19 19 19 VAL VAL B . n 
B 1 20 LEU 20 20 20 LEU LEU B . n 
B 1 21 GLU 21 21 21 GLU GLU B . n 
B 1 22 GLU 22 22 22 GLU GLU B . n 
B 1 23 MSE 23 23 23 MSE MSE B . n 
B 1 24 GLY 24 24 24 GLY GLY B . n 
B 1 25 VAL 25 25 25 VAL VAL B . n 
B 1 26 GLU 26 26 26 GLU GLU B . n 
B 1 27 LEU 27 27 27 LEU LEU B . n 
B 1 28 LYS 28 28 28 LYS LYS B . n 
B 1 29 GLY 29 29 29 GLY GLY B . n 
B 1 30 VAL 30 30 30 VAL VAL B . n 
B 1 31 ALA 31 31 31 ALA ALA B . n 
B 1 32 VAL 32 32 32 VAL VAL B . n 
B 1 33 LEU 33 33 33 LEU LEU B . n 
B 1 34 LEU 34 34 34 LEU LEU B . n 
B 1 35 ASN 35 35 35 ASN ASN B . n 
B 1 36 GLU 36 36 36 GLU GLU B . n 
B 1 37 GLU 37 37 37 GLU GLU B . n 
B 1 38 ALA 38 38 38 ALA ALA B . n 
B 1 39 PHE 39 39 39 PHE PHE B . n 
B 1 40 LEU 40 40 40 LEU LEU B . n 
B 1 41 GLY 41 41 41 GLY GLY B . n 
B 1 42 LEU 42 42 42 LEU LEU B . n 
B 1 43 GLU 43 43 43 GLU GLU B . n 
B 1 44 VAL 44 44 44 VAL VAL B . n 
B 1 45 PRO 45 45 45 PRO PRO B . n 
B 1 46 ASP 46 46 46 ASP ASP B . n 
B 1 47 ARG 47 47 47 ARG ARG B . n 
B 1 48 PRO 48 48 48 PRO PRO B . n 
B 1 49 LEU 49 49 49 LEU LEU B . n 
B 1 50 ARG 50 50 50 ARG ARG B . n 
B 1 51 ASP 51 51 51 ASP ASP B . n 
B 1 52 GLY 52 52 52 GLY GLY B . n 
B 1 53 ASP 53 53 53 ASP ASP B . n 
B 1 54 VAL 54 54 54 VAL VAL B . n 
B 1 55 VAL 55 55 55 VAL VAL B . n 
B 1 56 GLU 56 56 56 GLU GLU B . n 
B 1 57 VAL 57 57 57 VAL VAL B . n 
B 1 58 VAL 58 58 58 VAL VAL B . n 
B 1 59 ALA 59 59 59 ALA ALA B . n 
B 1 60 LEU 60 60 60 LEU LEU B . n 
B 1 61 MSE 61 61 61 MSE MSE B . n 
B 1 62 GLN 62 62 62 GLN GLN B . n 
B 1 63 GLY 63 63 63 GLY GLY B . n 
B 1 64 GLY 64 64 64 GLY GLY B . n 
# 
loop_
_pdbx_nonpoly_scheme.asym_id 
_pdbx_nonpoly_scheme.entity_id 
_pdbx_nonpoly_scheme.mon_id 
_pdbx_nonpoly_scheme.ndb_seq_num 
_pdbx_nonpoly_scheme.pdb_seq_num 
_pdbx_nonpoly_scheme.auth_seq_num 
_pdbx_nonpoly_scheme.pdb_mon_id 
_pdbx_nonpoly_scheme.auth_mon_id 
_pdbx_nonpoly_scheme.pdb_strand_id 
_pdbx_nonpoly_scheme.pdb_ins_code 
C 2 CD  1  1001 1001 CD  CD  A . 
D 3 HOH 1  1002 1    HOH HOH A . 
D 3 HOH 2  1003 3    HOH HOH A . 
D 3 HOH 3  1004 4    HOH HOH A . 
D 3 HOH 4  1005 6    HOH HOH A . 
D 3 HOH 5  1006 7    HOH HOH A . 
D 3 HOH 6  1007 11   HOH HOH A . 
D 3 HOH 7  1008 13   HOH HOH A . 
D 3 HOH 8  1009 14   HOH HOH A . 
D 3 HOH 9  1010 16   HOH HOH A . 
D 3 HOH 10 1011 17   HOH HOH A . 
D 3 HOH 11 1012 18   HOH HOH A . 
D 3 HOH 12 1013 20   HOH HOH A . 
D 3 HOH 13 1014 21   HOH HOH A . 
D 3 HOH 14 1015 22   HOH HOH A . 
D 3 HOH 15 1016 24   HOH HOH A . 
D 3 HOH 16 1017 26   HOH HOH A . 
D 3 HOH 17 1018 28   HOH HOH A . 
D 3 HOH 18 1019 29   HOH HOH A . 
D 3 HOH 19 1020 30   HOH HOH A . 
D 3 HOH 20 1021 32   HOH HOH A . 
D 3 HOH 21 1022 33   HOH HOH A . 
D 3 HOH 22 1023 34   HOH HOH A . 
D 3 HOH 23 1024 36   HOH HOH A . 
D 3 HOH 24 1025 37   HOH HOH A . 
D 3 HOH 25 1026 39   HOH HOH A . 
D 3 HOH 26 1027 40   HOH HOH A . 
D 3 HOH 27 1028 41   HOH HOH A . 
D 3 HOH 28 1029 43   HOH HOH A . 
D 3 HOH 29 1030 45   HOH HOH A . 
D 3 HOH 30 1031 46   HOH HOH A . 
D 3 HOH 31 1032 48   HOH HOH A . 
D 3 HOH 32 1033 50   HOH HOH A . 
D 3 HOH 33 1034 51   HOH HOH A . 
D 3 HOH 34 1035 52   HOH HOH A . 
D 3 HOH 35 1036 53   HOH HOH A . 
D 3 HOH 36 1037 54   HOH HOH A . 
D 3 HOH 37 1038 55   HOH HOH A . 
D 3 HOH 38 1039 56   HOH HOH A . 
D 3 HOH 39 1040 60   HOH HOH A . 
D 3 HOH 40 1041 61   HOH HOH A . 
D 3 HOH 41 1042 64   HOH HOH A . 
D 3 HOH 42 1043 66   HOH HOH A . 
D 3 HOH 43 1044 67   HOH HOH A . 
D 3 HOH 44 1045 68   HOH HOH A . 
D 3 HOH 45 1046 69   HOH HOH A . 
D 3 HOH 46 1047 73   HOH HOH A . 
D 3 HOH 47 1048 75   HOH HOH A . 
D 3 HOH 48 1049 79   HOH HOH A . 
D 3 HOH 49 1050 80   HOH HOH A . 
D 3 HOH 50 1051 81   HOH HOH A . 
D 3 HOH 51 1052 83   HOH HOH A . 
D 3 HOH 52 1053 84   HOH HOH A . 
D 3 HOH 53 1054 88   HOH HOH A . 
D 3 HOH 54 1055 91   HOH HOH A . 
D 3 HOH 55 1056 92   HOH HOH A . 
D 3 HOH 56 1057 94   HOH HOH A . 
D 3 HOH 57 1058 97   HOH HOH A . 
D 3 HOH 58 1059 99   HOH HOH A . 
D 3 HOH 59 1060 101  HOH HOH A . 
D 3 HOH 60 1061 102  HOH HOH A . 
D 3 HOH 61 1062 104  HOH HOH A . 
D 3 HOH 62 1063 107  HOH HOH A . 
D 3 HOH 63 1064 111  HOH HOH A . 
D 3 HOH 64 1065 113  HOH HOH A . 
D 3 HOH 65 1066 114  HOH HOH A . 
D 3 HOH 66 1067 115  HOH HOH A . 
D 3 HOH 67 1068 119  HOH HOH A . 
D 3 HOH 68 1069 120  HOH HOH A . 
D 3 HOH 69 1070 122  HOH HOH A . 
D 3 HOH 70 1071 128  HOH HOH A . 
D 3 HOH 71 1072 129  HOH HOH A . 
D 3 HOH 72 1073 134  HOH HOH A . 
D 3 HOH 73 1074 137  HOH HOH A . 
D 3 HOH 74 1075 138  HOH HOH A . 
D 3 HOH 75 1076 139  HOH HOH A . 
D 3 HOH 76 1077 140  HOH HOH A . 
D 3 HOH 77 1078 141  HOH HOH A . 
D 3 HOH 78 1079 142  HOH HOH A . 
D 3 HOH 79 1080 143  HOH HOH A . 
D 3 HOH 80 1081 144  HOH HOH A . 
D 3 HOH 81 1082 145  HOH HOH A . 
D 3 HOH 82 1083 147  HOH HOH A . 
D 3 HOH 83 1084 148  HOH HOH A . 
D 3 HOH 84 1085 149  HOH HOH A . 
E 3 HOH 1  65   2    HOH HOH B . 
E 3 HOH 2  66   5    HOH HOH B . 
E 3 HOH 3  67   8    HOH HOH B . 
E 3 HOH 4  68   9    HOH HOH B . 
E 3 HOH 5  69   10   HOH HOH B . 
E 3 HOH 6  70   12   HOH HOH B . 
E 3 HOH 7  71   15   HOH HOH B . 
E 3 HOH 8  72   19   HOH HOH B . 
E 3 HOH 9  73   23   HOH HOH B . 
E 3 HOH 10 74   25   HOH HOH B . 
E 3 HOH 11 75   27   HOH HOH B . 
E 3 HOH 12 76   31   HOH HOH B . 
E 3 HOH 13 77   35   HOH HOH B . 
E 3 HOH 14 78   38   HOH HOH B . 
E 3 HOH 15 79   42   HOH HOH B . 
E 3 HOH 16 80   44   HOH HOH B . 
E 3 HOH 17 81   47   HOH HOH B . 
E 3 HOH 18 82   49   HOH HOH B . 
E 3 HOH 19 83   57   HOH HOH B . 
E 3 HOH 20 84   58   HOH HOH B . 
E 3 HOH 21 85   59   HOH HOH B . 
E 3 HOH 22 86   62   HOH HOH B . 
E 3 HOH 23 87   63   HOH HOH B . 
E 3 HOH 24 88   65   HOH HOH B . 
E 3 HOH 25 89   70   HOH HOH B . 
E 3 HOH 26 90   71   HOH HOH B . 
E 3 HOH 27 91   72   HOH HOH B . 
E 3 HOH 28 92   74   HOH HOH B . 
E 3 HOH 29 93   76   HOH HOH B . 
E 3 HOH 30 94   77   HOH HOH B . 
E 3 HOH 31 95   78   HOH HOH B . 
E 3 HOH 32 96   82   HOH HOH B . 
E 3 HOH 33 97   85   HOH HOH B . 
E 3 HOH 34 98   86   HOH HOH B . 
E 3 HOH 35 99   87   HOH HOH B . 
E 3 HOH 36 100  89   HOH HOH B . 
E 3 HOH 37 101  90   HOH HOH B . 
E 3 HOH 38 102  93   HOH HOH B . 
E 3 HOH 39 103  95   HOH HOH B . 
E 3 HOH 40 104  96   HOH HOH B . 
E 3 HOH 41 105  98   HOH HOH B . 
E 3 HOH 42 106  100  HOH HOH B . 
E 3 HOH 43 107  103  HOH HOH B . 
E 3 HOH 44 108  105  HOH HOH B . 
E 3 HOH 45 109  106  HOH HOH B . 
E 3 HOH 46 110  108  HOH HOH B . 
E 3 HOH 47 111  109  HOH HOH B . 
E 3 HOH 48 112  110  HOH HOH B . 
E 3 HOH 49 113  112  HOH HOH B . 
E 3 HOH 50 114  116  HOH HOH B . 
E 3 HOH 51 115  117  HOH HOH B . 
E 3 HOH 52 116  118  HOH HOH B . 
E 3 HOH 53 117  121  HOH HOH B . 
E 3 HOH 54 118  123  HOH HOH B . 
E 3 HOH 55 119  124  HOH HOH B . 
E 3 HOH 56 120  125  HOH HOH B . 
E 3 HOH 57 121  126  HOH HOH B . 
E 3 HOH 58 122  127  HOH HOH B . 
E 3 HOH 59 123  130  HOH HOH B . 
E 3 HOH 60 124  131  HOH HOH B . 
E 3 HOH 61 125  132  HOH HOH B . 
E 3 HOH 62 126  133  HOH HOH B . 
E 3 HOH 63 127  135  HOH HOH B . 
E 3 HOH 64 128  136  HOH HOH B . 
E 3 HOH 65 129  146  HOH HOH B . 
E 3 HOH 66 130  150  HOH HOH B . 
E 3 HOH 67 131  151  HOH HOH B . 
E 3 HOH 68 132  152  HOH HOH B . 
# 
loop_
_software.name 
_software.classification 
_software.version 
_software.citation_id 
_software.pdbx_ordinal 
HKL-2000  'data collection' .   ? 1 
SCALEPACK 'data scaling'    .   ? 2 
SOLVE     phasing           .   ? 3 
CNS       refinement        1.1 ? 4 
HKL-2000  'data reduction'  .   ? 5 
# 
_cell.entry_id           2CU3 
_cell.length_a           28.915 
_cell.length_b           72.846 
_cell.length_c           31.124 
_cell.angle_alpha        90.00 
_cell.angle_beta         113.77 
_cell.angle_gamma        90.00 
_cell.Z_PDB              4 
_cell.pdbx_unique_axis   ? 
_cell.length_a_esd       ? 
_cell.length_b_esd       ? 
_cell.length_c_esd       ? 
_cell.angle_alpha_esd    ? 
_cell.angle_beta_esd     ? 
_cell.angle_gamma_esd    ? 
# 
_symmetry.entry_id                         2CU3 
_symmetry.space_group_name_H-M             'P 1 21 1' 
_symmetry.pdbx_full_space_group_name_H-M   ? 
_symmetry.cell_setting                     ? 
_symmetry.Int_Tables_number                4 
_symmetry.space_group_name_Hall            ? 
# 
_exptl.entry_id          2CU3 
_exptl.method            'X-RAY DIFFRACTION' 
_exptl.crystals_number   1 
# 
_exptl_crystal.id                    1 
_exptl_crystal.density_meas          ? 
_exptl_crystal.density_Matthews      2.1 
_exptl_crystal.density_percent_sol   40.5 
_exptl_crystal.description           ? 
_exptl_crystal.F_000                 ? 
_exptl_crystal.preparation           ? 
# 
_exptl_crystal_grow.crystal_id      1 
_exptl_crystal_grow.method          'VAPOR DIFFUSION, SITTING DROP' 
_exptl_crystal_grow.temp            293 
_exptl_crystal_grow.temp_details    ? 
_exptl_crystal_grow.pH              8.5 
_exptl_crystal_grow.pdbx_details    
'PEG3350, cadmium chloride, magnesium chloride, pH 8.5, VAPOR DIFFUSION, SITTING DROP, temperature 293K' 
_exptl_crystal_grow.pdbx_pH_range   . 
# 
_diffrn.id                     1 
_diffrn.ambient_temp           100 
_diffrn.ambient_temp_details   ? 
_diffrn.crystal_id             1 
# 
_diffrn_detector.diffrn_id              1 
_diffrn_detector.detector               CCD 
_diffrn_detector.type                   'RIGAKU JUPITER' 
_diffrn_detector.pdbx_collection_date   2004-12-22 
_diffrn_detector.details                ? 
# 
_diffrn_radiation.diffrn_id                        1 
_diffrn_radiation.wavelength_id                    1 
_diffrn_radiation.pdbx_monochromatic_or_laue_m_l   M 
_diffrn_radiation.monochromator                    ? 
_diffrn_radiation.pdbx_diffrn_protocol             MAD 
_diffrn_radiation.pdbx_scattering_type             x-ray 
# 
loop_
_diffrn_radiation_wavelength.id 
_diffrn_radiation_wavelength.wavelength 
_diffrn_radiation_wavelength.wt 
1 1.0000  1.0 
2 0.97915 1.0 
3 0.97952 1.0 
# 
_diffrn_source.diffrn_id                   1 
_diffrn_source.source                      SYNCHROTRON 
_diffrn_source.type                        'SPRING-8 BEAMLINE BL26B2' 
_diffrn_source.pdbx_synchrotron_site       SPring-8 
_diffrn_source.pdbx_synchrotron_beamline   BL26B2 
_diffrn_source.pdbx_wavelength             ? 
_diffrn_source.pdbx_wavelength_list        '1.0000, 0.97915, 0.97952' 
# 
_reflns.entry_id                     2CU3 
_reflns.observed_criterion_sigma_F   0 
_reflns.observed_criterion_sigma_I   0 
_reflns.d_resolution_high            1.7 
_reflns.d_resolution_low             40 
_reflns.number_all                   12628 
_reflns.number_obs                   12628 
_reflns.percent_possible_obs         97.1 
_reflns.pdbx_Rmerge_I_obs            0.055 
_reflns.pdbx_Rsym_value              0.05 
_reflns.pdbx_netI_over_sigmaI        8.9 
_reflns.B_iso_Wilson_estimate        17.734 
_reflns.pdbx_redundancy              5.7 
_reflns.R_free_details               ? 
_reflns.limit_h_max                  ? 
_reflns.limit_h_min                  ? 
_reflns.limit_k_max                  ? 
_reflns.limit_k_min                  ? 
_reflns.limit_l_max                  ? 
_reflns.limit_l_min                  ? 
_reflns.observed_criterion_F_max     ? 
_reflns.observed_criterion_F_min     ? 
_reflns.pdbx_chi_squared             ? 
_reflns.pdbx_scaling_rejects         ? 
_reflns.pdbx_ordinal                 1 
_reflns.pdbx_diffrn_id               1 
# 
_reflns_shell.d_res_high             1.70 
_reflns_shell.d_res_low              1.76 
_reflns_shell.percent_possible_all   95.0 
_reflns_shell.Rmerge_I_obs           0.26 
_reflns_shell.pdbx_Rsym_value        0.236 
_reflns_shell.meanI_over_sigI_obs    3.5 
_reflns_shell.pdbx_redundancy        5.7 
_reflns_shell.percent_possible_obs   ? 
_reflns_shell.number_unique_all      1207 
_reflns_shell.number_measured_all    ? 
_reflns_shell.number_measured_obs    ? 
_reflns_shell.number_unique_obs      ? 
_reflns_shell.pdbx_chi_squared       ? 
_reflns_shell.pdbx_ordinal           1 
_reflns_shell.pdbx_diffrn_id         1 
# 
_refine.entry_id                                 2CU3 
_refine.ls_d_res_high                            1.70 
_refine.ls_d_res_low                             36.42 
_refine.pdbx_ls_sigma_F                          0 
_refine.pdbx_ls_sigma_I                          ? 
_refine.ls_number_reflns_all                     12608 
_refine.ls_number_reflns_obs                     12608 
_refine.ls_number_reflns_R_free                  635 
_refine.ls_percent_reflns_obs                    96.8 
_refine.ls_R_factor_all                          0.224 
_refine.ls_R_factor_obs                          0.224 
_refine.ls_R_factor_R_work                       0.224 
_refine.ls_R_factor_R_free                       0.241 
_refine.ls_redundancy_reflns_obs                 ? 
_refine.pdbx_data_cutoff_high_absF               ? 
_refine.pdbx_data_cutoff_low_absF                ? 
_refine.ls_number_parameters                     ? 
_refine.ls_number_restraints                     ? 
_refine.ls_percent_reflns_R_free                 ? 
_refine.ls_R_factor_R_free_error                 ? 
_refine.ls_R_factor_R_free_error_details         ? 
_refine.pdbx_method_to_determine_struct          MAD 
_refine.pdbx_starting_model                      ? 
_refine.pdbx_ls_cross_valid_method               THROUGHOUT 
_refine.pdbx_R_Free_selection_details            RANDOM 
_refine.pdbx_stereochem_target_val_spec_case     ? 
_refine.pdbx_stereochemistry_target_values       'Engh & Huber' 
_refine.solvent_model_details                    ? 
_refine.solvent_model_param_bsol                 ? 
_refine.solvent_model_param_ksol                 ? 
_refine.occupancy_max                            ? 
_refine.occupancy_min                            ? 
_refine.pdbx_isotropic_thermal_model             Anisotrop 
_refine.B_iso_mean                               19.9 
_refine.aniso_B[1][1]                            -2.70 
_refine.aniso_B[1][2]                            0.00 
_refine.aniso_B[1][3]                            0.26 
_refine.aniso_B[2][2]                            4.04 
_refine.aniso_B[2][3]                            0.00 
_refine.aniso_B[3][3]                            -1.34 
_refine.details                                  ? 
_refine.B_iso_min                                ? 
_refine.B_iso_max                                ? 
_refine.correlation_coeff_Fo_to_Fc               ? 
_refine.correlation_coeff_Fo_to_Fc_free          ? 
_refine.pdbx_solvent_vdw_probe_radii             ? 
_refine.pdbx_solvent_ion_probe_radii             ? 
_refine.pdbx_solvent_shrinkage_radii             ? 
_refine.overall_SU_R_Cruickshank_DPI             ? 
_refine.overall_SU_R_free                        ? 
_refine.overall_SU_ML                            ? 
_refine.overall_SU_B                             ? 
_refine.pdbx_overall_ESU_R_Free                  ? 
_refine.pdbx_data_cutoff_high_rms_absF           ? 
_refine.pdbx_overall_ESU_R                       ? 
_refine.ls_wR_factor_R_free                      ? 
_refine.ls_wR_factor_R_work                      ? 
_refine.overall_FOM_free_R_set                   ? 
_refine.overall_FOM_work_R_set                   ? 
_refine.pdbx_refine_id                           'X-RAY DIFFRACTION' 
_refine.pdbx_diffrn_id                           1 
_refine.pdbx_TLS_residual_ADP_flag               ? 
_refine.pdbx_overall_phase_error                 ? 
_refine.pdbx_overall_SU_R_free_Cruickshank_DPI   ? 
_refine.pdbx_overall_SU_R_Blow_DPI               ? 
_refine.pdbx_overall_SU_R_free_Blow_DPI          ? 
# 
_refine_analyze.entry_id                        2CU3 
_refine_analyze.Luzzati_coordinate_error_obs    0.22 
_refine_analyze.Luzzati_sigma_a_obs             0.15 
_refine_analyze.Luzzati_d_res_low_obs           5.00 
_refine_analyze.Luzzati_coordinate_error_free   0.23 
_refine_analyze.Luzzati_sigma_a_free            0.15 
_refine_analyze.Luzzati_d_res_low_free          ? 
_refine_analyze.number_disordered_residues      ? 
_refine_analyze.occupancy_sum_non_hydrogen      ? 
_refine_analyze.occupancy_sum_hydrogen          ? 
_refine_analyze.pdbx_Luzzati_d_res_high_obs     ? 
_refine_analyze.pdbx_refine_id                  'X-RAY DIFFRACTION' 
# 
_refine_hist.pdbx_refine_id                   'X-RAY DIFFRACTION' 
_refine_hist.cycle_id                         LAST 
_refine_hist.pdbx_number_atoms_protein        973 
_refine_hist.pdbx_number_atoms_nucleic_acid   0 
_refine_hist.pdbx_number_atoms_ligand         1 
_refine_hist.number_atoms_solvent             152 
_refine_hist.number_atoms_total               1126 
_refine_hist.d_res_high                       1.70 
_refine_hist.d_res_low                        36.42 
# 
loop_
_refine_ls_restr.type 
_refine_ls_restr.dev_ideal 
_refine_ls_restr.dev_ideal_target 
_refine_ls_restr.weight 
_refine_ls_restr.number 
_refine_ls_restr.pdbx_refine_id 
_refine_ls_restr.pdbx_restraint_function 
c_angle_deg 1.7   ? ? ? 'X-RAY DIFFRACTION' ? 
c_bond_d    0.019 ? ? ? 'X-RAY DIFFRACTION' ? 
# 
_refine_ls_shell.pdbx_total_number_of_bins_used   ? 
_refine_ls_shell.d_res_high                       1.70 
_refine_ls_shell.d_res_low                        1.76 
_refine_ls_shell.number_reflns_R_work             ? 
_refine_ls_shell.R_factor_R_work                  0.291 
_refine_ls_shell.percent_reflns_obs               93.4 
_refine_ls_shell.R_factor_R_free                  0.322 
_refine_ls_shell.R_factor_R_free_error            0.041 
_refine_ls_shell.percent_reflns_R_free            ? 
_refine_ls_shell.number_reflns_R_free             62 
_refine_ls_shell.number_reflns_obs                1126 
_refine_ls_shell.redundancy_reflns_obs            ? 
_refine_ls_shell.number_reflns_all                ? 
_refine_ls_shell.R_factor_all                     ? 
_refine_ls_shell.pdbx_refine_id                   'X-RAY DIFFRACTION' 
# 
_struct.entry_id                  2CU3 
_struct.title                     'Crystal structure of TT1568 from Thermus thermophilus HB8' 
_struct.pdbx_model_details        ? 
_struct.pdbx_CASP_flag            ? 
_struct.pdbx_model_type_details   ? 
# 
_struct_keywords.entry_id        2CU3 
_struct_keywords.pdbx_keywords   'STRUCTURAL GENOMICS, UNKNOWN FUNCTION' 
_struct_keywords.text            
;Thermus thermophilus HB8, Structural Genomics, RIKEN Structural Genomics/Proteomics Initiative, RSGI, NPPSFA, National Project on Protein Structural and Functional Analyses, UNKNOWN FUNCTION
;
# 
loop_
_struct_asym.id 
_struct_asym.pdbx_blank_PDB_chainid_flag 
_struct_asym.pdbx_modified 
_struct_asym.entity_id 
_struct_asym.details 
A N N 1 ? 
B N N 1 ? 
C N N 2 ? 
D N N 3 ? 
E N N 3 ? 
# 
_struct_ref.id                         1 
_struct_ref.db_name                    UNP 
_struct_ref.db_code                    Q72KL7_THET2 
_struct_ref.pdbx_db_accession          Q72KL7 
_struct_ref.entity_id                  1 
_struct_ref.pdbx_align_begin           1 
_struct_ref.pdbx_db_isoform            ? 
_struct_ref.pdbx_seq_one_letter_code   ? 
# 
loop_
_struct_ref_seq.align_id 
_struct_ref_seq.ref_id 
_struct_ref_seq.pdbx_PDB_id_code 
_struct_ref_seq.pdbx_strand_id 
_struct_ref_seq.seq_align_beg 
_struct_ref_seq.pdbx_seq_align_beg_ins_code 
_struct_ref_seq.seq_align_end 
_struct_ref_seq.pdbx_seq_align_end_ins_code 
_struct_ref_seq.pdbx_db_accession 
_struct_ref_seq.db_align_beg 
_struct_ref_seq.pdbx_db_align_beg_ins_code 
_struct_ref_seq.db_align_end 
_struct_ref_seq.pdbx_db_align_end_ins_code 
_struct_ref_seq.pdbx_auth_seq_align_beg 
_struct_ref_seq.pdbx_auth_seq_align_end 
1 1 2CU3 A 1 ? 64 ? Q72KL7 1 ? 64 ? 1 64 
2 1 2CU3 B 1 ? 64 ? Q72KL7 1 ? 64 ? 1 64 
# 
_pdbx_struct_assembly.id                   1 
_pdbx_struct_assembly.details              author_defined_assembly 
_pdbx_struct_assembly.method_details       ? 
_pdbx_struct_assembly.oligomeric_details   dimeric 
_pdbx_struct_assembly.oligomeric_count     2 
# 
_pdbx_struct_assembly_gen.assembly_id       1 
_pdbx_struct_assembly_gen.oper_expression   1 
_pdbx_struct_assembly_gen.asym_id_list      A,B,C,D,E 
# 
_pdbx_struct_oper_list.id                   1 
_pdbx_struct_oper_list.type                 'identity operation' 
_pdbx_struct_oper_list.name                 1_555 
_pdbx_struct_oper_list.symmetry_operation   x,y,z 
_pdbx_struct_oper_list.matrix[1][1]         1.0000000000 
_pdbx_struct_oper_list.matrix[1][2]         0.0000000000 
_pdbx_struct_oper_list.matrix[1][3]         0.0000000000 
_pdbx_struct_oper_list.vector[1]            0.0000000000 
_pdbx_struct_oper_list.matrix[2][1]         0.0000000000 
_pdbx_struct_oper_list.matrix[2][2]         1.0000000000 
_pdbx_struct_oper_list.matrix[2][3]         0.0000000000 
_pdbx_struct_oper_list.vector[2]            0.0000000000 
_pdbx_struct_oper_list.matrix[3][1]         0.0000000000 
_pdbx_struct_oper_list.matrix[3][2]         0.0000000000 
_pdbx_struct_oper_list.matrix[3][3]         1.0000000000 
_pdbx_struct_oper_list.vector[3]            0.0000000000 
# 
_struct_biol.id                    1 
_struct_biol.details               'The biological assembly is a dimer (chain A and B) in the asymmetric unit' 
_struct_biol.pdbx_parent_biol_id   ? 
# 
loop_
_struct_conf.conf_type_id 
_struct_conf.id 
_struct_conf.pdbx_PDB_helix_id 
_struct_conf.beg_label_comp_id 
_struct_conf.beg_label_asym_id 
_struct_conf.beg_label_seq_id 
_struct_conf.pdbx_beg_PDB_ins_code 
_struct_conf.end_label_comp_id 
_struct_conf.end_label_asym_id 
_struct_conf.end_label_seq_id 
_struct_conf.pdbx_end_PDB_ins_code 
_struct_conf.beg_auth_comp_id 
_struct_conf.beg_auth_asym_id 
_struct_conf.beg_auth_seq_id 
_struct_conf.end_auth_comp_id 
_struct_conf.end_auth_asym_id 
_struct_conf.end_auth_seq_id 
_struct_conf.pdbx_PDB_helix_class 
_struct_conf.details 
_struct_conf.pdbx_PDB_helix_length 
HELX_P HELX_P1 1 THR A 15 ? GLY A 24 ? THR A 15 GLY A 24 1 ? 10 
HELX_P HELX_P2 2 GLU A 26 ? LYS A 28 ? GLU A 26 LYS A 28 5 ? 3  
HELX_P HELX_P3 3 LEU A 42 ? VAL A 44 ? LEU A 42 VAL A 44 5 ? 3  
HELX_P HELX_P4 4 THR B 15 ? GLY B 24 ? THR B 15 GLY B 24 1 ? 10 
HELX_P HELX_P5 5 GLU B 26 ? LYS B 28 ? GLU B 26 LYS B 28 5 ? 3  
HELX_P HELX_P6 6 LEU B 42 ? VAL B 44 ? LEU B 42 VAL B 44 5 ? 3  
# 
_struct_conf_type.id          HELX_P 
_struct_conf_type.criteria    ? 
_struct_conf_type.reference   ? 
# 
loop_
_struct_conn.id 
_struct_conn.conn_type_id 
_struct_conn.pdbx_leaving_atom_flag 
_struct_conn.pdbx_PDB_id 
_struct_conn.ptnr1_label_asym_id 
_struct_conn.ptnr1_label_comp_id 
_struct_conn.ptnr1_label_seq_id 
_struct_conn.ptnr1_label_atom_id 
_struct_conn.pdbx_ptnr1_label_alt_id 
_struct_conn.pdbx_ptnr1_PDB_ins_code 
_struct_conn.pdbx_ptnr1_standard_comp_id 
_struct_conn.ptnr1_symmetry 
_struct_conn.ptnr2_label_asym_id 
_struct_conn.ptnr2_label_comp_id 
_struct_conn.ptnr2_label_seq_id 
_struct_conn.ptnr2_label_atom_id 
_struct_conn.pdbx_ptnr2_label_alt_id 
_struct_conn.pdbx_ptnr2_PDB_ins_code 
_struct_conn.ptnr1_auth_asym_id 
_struct_conn.ptnr1_auth_comp_id 
_struct_conn.ptnr1_auth_seq_id 
_struct_conn.ptnr2_auth_asym_id 
_struct_conn.ptnr2_auth_comp_id 
_struct_conn.ptnr2_auth_seq_id 
_struct_conn.ptnr2_symmetry 
_struct_conn.pdbx_ptnr3_label_atom_id 
_struct_conn.pdbx_ptnr3_label_seq_id 
_struct_conn.pdbx_ptnr3_label_comp_id 
_struct_conn.pdbx_ptnr3_label_asym_id 
_struct_conn.pdbx_ptnr3_label_alt_id 
_struct_conn.pdbx_ptnr3_PDB_ins_code 
_struct_conn.details 
_struct_conn.pdbx_dist_value 
_struct_conn.pdbx_value_order 
_struct_conn.pdbx_role 
covale1  covale both ? A MSE 1  C   ? ? ? 1_555 A VAL 2  N   ? ? A MSE 1    A VAL 2    1_555 ? ? ? ? ? ? ? 1.327 ? ? 
covale2  covale both ? A GLU 22 C   ? ? ? 1_555 A MSE 23 N   ? ? A GLU 22   A MSE 23   1_555 ? ? ? ? ? ? ? 1.332 ? ? 
covale3  covale both ? A MSE 23 C   ? ? ? 1_555 A GLY 24 N   ? ? A MSE 23   A GLY 24   1_555 ? ? ? ? ? ? ? 1.331 ? ? 
covale4  covale both ? A LEU 60 C   ? ? ? 1_555 A MSE 61 N   ? ? A LEU 60   A MSE 61   1_555 ? ? ? ? ? ? ? 1.329 ? ? 
covale5  covale both ? A MSE 61 C   ? ? ? 1_555 A GLN 62 N   ? ? A MSE 61   A GLN 62   1_555 ? ? ? ? ? ? ? 1.329 ? ? 
covale6  covale both ? B MSE 1  C   ? ? ? 1_555 B VAL 2  N   ? ? B MSE 1    B VAL 2    1_555 ? ? ? ? ? ? ? 1.347 ? ? 
covale7  covale both ? B GLU 22 C   ? ? ? 1_555 B MSE 23 N   ? ? B GLU 22   B MSE 23   1_555 ? ? ? ? ? ? ? 1.330 ? ? 
covale8  covale both ? B MSE 23 C   ? ? ? 1_555 B GLY 24 N   ? ? B MSE 23   B GLY 24   1_555 ? ? ? ? ? ? ? 1.330 ? ? 
covale9  covale both ? B LEU 60 C   ? ? ? 1_555 B MSE 61 N   ? ? B LEU 60   B MSE 61   1_555 ? ? ? ? ? ? ? 1.349 ? ? 
covale10 covale both ? B MSE 61 C   ? ? ? 1_555 B GLN 62 N   ? ? B MSE 61   B GLN 62   1_555 ? ? ? ? ? ? ? 1.346 ? ? 
metalc1  metalc ?    ? A GLU 7  OE2 ? ? ? 1_555 C CD  .  CD  ? ? A GLU 7    A CD  1001 1_555 ? ? ? ? ? ? ? 2.350 ? ? 
metalc2  metalc ?    ? A GLU 7  OE1 ? ? ? 1_555 C CD  .  CD  ? ? A GLU 7    A CD  1001 1_555 ? ? ? ? ? ? ? 2.713 ? ? 
metalc3  metalc ?    ? C CD  .  CD  ? ? ? 1_555 B GLU 7  OE2 ? ? A CD  1001 B GLU 7    1_555 ? ? ? ? ? ? ? 2.436 ? ? 
metalc4  metalc ?    ? C CD  .  CD  ? ? ? 1_555 B GLU 7  OE1 ? ? A CD  1001 B GLU 7    1_555 ? ? ? ? ? ? ? 2.639 ? ? 
metalc5  metalc ?    ? C CD  .  CD  ? ? ? 1_555 B GLU 43 OE2 ? ? A CD  1001 B GLU 43   1_656 ? ? ? ? ? ? ? 2.368 ? ? 
metalc6  metalc ?    ? C CD  .  CD  ? ? ? 1_555 B GLU 43 OE1 ? ? A CD  1001 B GLU 43   1_656 ? ? ? ? ? ? ? 2.775 ? ? 
metalc7  metalc ?    ? C CD  .  CD  ? ? ? 1_555 E HOH .  O   ? ? A CD  1001 B HOH 84   1_656 ? ? ? ? ? ? ? 2.884 ? ? 
# 
loop_
_struct_conn_type.id 
_struct_conn_type.criteria 
_struct_conn_type.reference 
covale ? ? 
metalc ? ? 
# 
loop_
_pdbx_struct_conn_angle.id 
_pdbx_struct_conn_angle.ptnr1_label_atom_id 
_pdbx_struct_conn_angle.ptnr1_label_alt_id 
_pdbx_struct_conn_angle.ptnr1_label_asym_id 
_pdbx_struct_conn_angle.ptnr1_label_comp_id 
_pdbx_struct_conn_angle.ptnr1_label_seq_id 
_pdbx_struct_conn_angle.ptnr1_auth_atom_id 
_pdbx_struct_conn_angle.ptnr1_auth_asym_id 
_pdbx_struct_conn_angle.ptnr1_auth_comp_id 
_pdbx_struct_conn_angle.ptnr1_auth_seq_id 
_pdbx_struct_conn_angle.ptnr1_PDB_ins_code 
_pdbx_struct_conn_angle.ptnr1_symmetry 
_pdbx_struct_conn_angle.ptnr2_label_atom_id 
_pdbx_struct_conn_angle.ptnr2_label_alt_id 
_pdbx_struct_conn_angle.ptnr2_label_asym_id 
_pdbx_struct_conn_angle.ptnr2_label_comp_id 
_pdbx_struct_conn_angle.ptnr2_label_seq_id 
_pdbx_struct_conn_angle.ptnr2_auth_atom_id 
_pdbx_struct_conn_angle.ptnr2_auth_asym_id 
_pdbx_struct_conn_angle.ptnr2_auth_comp_id 
_pdbx_struct_conn_angle.ptnr2_auth_seq_id 
_pdbx_struct_conn_angle.ptnr2_PDB_ins_code 
_pdbx_struct_conn_angle.ptnr2_symmetry 
_pdbx_struct_conn_angle.ptnr3_label_atom_id 
_pdbx_struct_conn_angle.ptnr3_label_alt_id 
_pdbx_struct_conn_angle.ptnr3_label_asym_id 
_pdbx_struct_conn_angle.ptnr3_label_comp_id 
_pdbx_struct_conn_angle.ptnr3_label_seq_id 
_pdbx_struct_conn_angle.ptnr3_auth_atom_id 
_pdbx_struct_conn_angle.ptnr3_auth_asym_id 
_pdbx_struct_conn_angle.ptnr3_auth_comp_id 
_pdbx_struct_conn_angle.ptnr3_auth_seq_id 
_pdbx_struct_conn_angle.ptnr3_PDB_ins_code 
_pdbx_struct_conn_angle.ptnr3_symmetry 
_pdbx_struct_conn_angle.value 
_pdbx_struct_conn_angle.value_esd 
1  OE2 ? A GLU 7  ? A GLU 7  ? 1_555 CD ? C CD . ? A CD 1001 ? 1_555 OE1 ? A GLU 7  ? A GLU 7  ? 1_555 49.8  ? 
2  OE2 ? A GLU 7  ? A GLU 7  ? 1_555 CD ? C CD . ? A CD 1001 ? 1_555 OE2 ? B GLU 7  ? B GLU 7  ? 1_555 93.9  ? 
3  OE1 ? A GLU 7  ? A GLU 7  ? 1_555 CD ? C CD . ? A CD 1001 ? 1_555 OE2 ? B GLU 7  ? B GLU 7  ? 1_555 75.8  ? 
4  OE2 ? A GLU 7  ? A GLU 7  ? 1_555 CD ? C CD . ? A CD 1001 ? 1_555 OE1 ? B GLU 7  ? B GLU 7  ? 1_555 86.0  ? 
5  OE1 ? A GLU 7  ? A GLU 7  ? 1_555 CD ? C CD . ? A CD 1001 ? 1_555 OE1 ? B GLU 7  ? B GLU 7  ? 1_555 107.6 ? 
6  OE2 ? B GLU 7  ? B GLU 7  ? 1_555 CD ? C CD . ? A CD 1001 ? 1_555 OE1 ? B GLU 7  ? B GLU 7  ? 1_555 50.1  ? 
7  OE2 ? A GLU 7  ? A GLU 7  ? 1_555 CD ? C CD . ? A CD 1001 ? 1_555 OE2 ? B GLU 43 ? B GLU 43 ? 1_656 88.9  ? 
8  OE1 ? A GLU 7  ? A GLU 7  ? 1_555 CD ? C CD . ? A CD 1001 ? 1_555 OE2 ? B GLU 43 ? B GLU 43 ? 1_656 135.1 ? 
9  OE2 ? B GLU 7  ? B GLU 7  ? 1_555 CD ? C CD . ? A CD 1001 ? 1_555 OE2 ? B GLU 43 ? B GLU 43 ? 1_656 131.6 ? 
10 OE1 ? B GLU 7  ? B GLU 7  ? 1_555 CD ? C CD . ? A CD 1001 ? 1_555 OE2 ? B GLU 43 ? B GLU 43 ? 1_656 82.0  ? 
11 OE2 ? A GLU 7  ? A GLU 7  ? 1_555 CD ? C CD . ? A CD 1001 ? 1_555 OE1 ? B GLU 43 ? B GLU 43 ? 1_656 103.6 ? 
12 OE1 ? A GLU 7  ? A GLU 7  ? 1_555 CD ? C CD . ? A CD 1001 ? 1_555 OE1 ? B GLU 43 ? B GLU 43 ? 1_656 116.8 ? 
13 OE2 ? B GLU 7  ? B GLU 7  ? 1_555 CD ? C CD . ? A CD 1001 ? 1_555 OE1 ? B GLU 43 ? B GLU 43 ? 1_656 162.4 ? 
14 OE1 ? B GLU 7  ? B GLU 7  ? 1_555 CD ? C CD . ? A CD 1001 ? 1_555 OE1 ? B GLU 43 ? B GLU 43 ? 1_656 128.9 ? 
15 OE2 ? B GLU 43 ? B GLU 43 ? 1_656 CD ? C CD . ? A CD 1001 ? 1_555 OE1 ? B GLU 43 ? B GLU 43 ? 1_656 48.8  ? 
16 OE2 ? A GLU 7  ? A GLU 7  ? 1_555 CD ? C CD . ? A CD 1001 ? 1_555 O   ? E HOH .  ? B HOH 84 ? 1_656 148.0 ? 
17 OE1 ? A GLU 7  ? A GLU 7  ? 1_555 CD ? C CD . ? A CD 1001 ? 1_555 O   ? E HOH .  ? B HOH 84 ? 1_656 105.2 ? 
18 OE2 ? B GLU 7  ? B GLU 7  ? 1_555 CD ? C CD . ? A CD 1001 ? 1_555 O   ? E HOH .  ? B HOH 84 ? 1_656 98.4  ? 
19 OE1 ? B GLU 7  ? B GLU 7  ? 1_555 CD ? C CD . ? A CD 1001 ? 1_555 O   ? E HOH .  ? B HOH 84 ? 1_656 124.2 ? 
20 OE2 ? B GLU 43 ? B GLU 43 ? 1_656 CD ? C CD . ? A CD 1001 ? 1_555 O   ? E HOH .  ? B HOH 84 ? 1_656 104.2 ? 
21 OE1 ? B GLU 43 ? B GLU 43 ? 1_656 CD ? C CD . ? A CD 1001 ? 1_555 O   ? E HOH .  ? B HOH 84 ? 1_656 67.2  ? 
# 
loop_
_pdbx_modification_feature.ordinal 
_pdbx_modification_feature.label_comp_id 
_pdbx_modification_feature.label_asym_id 
_pdbx_modification_feature.label_seq_id 
_pdbx_modification_feature.label_alt_id 
_pdbx_modification_feature.modified_residue_label_comp_id 
_pdbx_modification_feature.modified_residue_label_asym_id 
_pdbx_modification_feature.modified_residue_label_seq_id 
_pdbx_modification_feature.modified_residue_label_alt_id 
_pdbx_modification_feature.auth_comp_id 
_pdbx_modification_feature.auth_asym_id 
_pdbx_modification_feature.auth_seq_id 
_pdbx_modification_feature.PDB_ins_code 
_pdbx_modification_feature.symmetry 
_pdbx_modification_feature.modified_residue_auth_comp_id 
_pdbx_modification_feature.modified_residue_auth_asym_id 
_pdbx_modification_feature.modified_residue_auth_seq_id 
_pdbx_modification_feature.modified_residue_PDB_ins_code 
_pdbx_modification_feature.modified_residue_symmetry 
_pdbx_modification_feature.comp_id_linking_atom 
_pdbx_modification_feature.modified_residue_id_linking_atom 
_pdbx_modification_feature.modified_residue_id 
_pdbx_modification_feature.ref_pcm_id 
_pdbx_modification_feature.ref_comp_id 
_pdbx_modification_feature.type 
_pdbx_modification_feature.category 
1 MSE A 1  ? . . . . MSE A 1  ? 1_555 . . . . . . . MET 1 MSE Selenomethionine 'Named protein modification' 
2 MSE A 23 ? . . . . MSE A 23 ? 1_555 . . . . . . . MET 1 MSE Selenomethionine 'Named protein modification' 
3 MSE A 61 ? . . . . MSE A 61 ? 1_555 . . . . . . . MET 1 MSE Selenomethionine 'Named protein modification' 
4 MSE B 1  ? . . . . MSE B 1  ? 1_555 . . . . . . . MET 1 MSE Selenomethionine 'Named protein modification' 
5 MSE B 23 ? . . . . MSE B 23 ? 1_555 . . . . . . . MET 1 MSE Selenomethionine 'Named protein modification' 
6 MSE B 61 ? . . . . MSE B 61 ? 1_555 . . . . . . . MET 1 MSE Selenomethionine 'Named protein modification' 
# 
loop_
_struct_sheet.id 
_struct_sheet.type 
_struct_sheet.number_strands 
_struct_sheet.details 
A ? 5 ? 
B ? 5 ? 
# 
loop_
_struct_sheet_order.sheet_id 
_struct_sheet_order.range_id_1 
_struct_sheet_order.range_id_2 
_struct_sheet_order.offset 
_struct_sheet_order.sense 
A 1 2 ? anti-parallel 
A 2 3 ? parallel      
A 3 4 ? anti-parallel 
A 4 5 ? anti-parallel 
B 1 2 ? anti-parallel 
B 2 3 ? parallel      
B 3 4 ? anti-parallel 
B 4 5 ? anti-parallel 
# 
loop_
_struct_sheet_range.sheet_id 
_struct_sheet_range.id 
_struct_sheet_range.beg_label_comp_id 
_struct_sheet_range.beg_label_asym_id 
_struct_sheet_range.beg_label_seq_id 
_struct_sheet_range.pdbx_beg_PDB_ins_code 
_struct_sheet_range.end_label_comp_id 
_struct_sheet_range.end_label_asym_id 
_struct_sheet_range.end_label_seq_id 
_struct_sheet_range.pdbx_end_PDB_ins_code 
_struct_sheet_range.beg_auth_comp_id 
_struct_sheet_range.beg_auth_asym_id 
_struct_sheet_range.beg_auth_seq_id 
_struct_sheet_range.end_auth_comp_id 
_struct_sheet_range.end_auth_asym_id 
_struct_sheet_range.end_auth_seq_id 
A 1 GLU A 7  ? ARG A 9  ? GLU A 7  ARG A 9  
A 2 VAL A 2  ? LEU A 4  ? VAL A 2  LEU A 4  
A 3 VAL A 54 ? ALA A 59 ? VAL A 54 ALA A 59 
A 4 VAL A 30 ? LEU A 34 ? VAL A 30 LEU A 34 
A 5 GLU A 37 ? LEU A 40 ? GLU A 37 LEU A 40 
B 1 GLU B 7  ? ARG B 9  ? GLU B 7  ARG B 9  
B 2 VAL B 2  ? LEU B 4  ? VAL B 2  LEU B 4  
B 3 VAL B 54 ? ALA B 59 ? VAL B 54 ALA B 59 
B 4 VAL B 30 ? LEU B 34 ? VAL B 30 LEU B 34 
B 5 GLU B 37 ? LEU B 40 ? GLU B 37 LEU B 40 
# 
loop_
_pdbx_struct_sheet_hbond.sheet_id 
_pdbx_struct_sheet_hbond.range_id_1 
_pdbx_struct_sheet_hbond.range_id_2 
_pdbx_struct_sheet_hbond.range_1_label_atom_id 
_pdbx_struct_sheet_hbond.range_1_label_comp_id 
_pdbx_struct_sheet_hbond.range_1_label_asym_id 
_pdbx_struct_sheet_hbond.range_1_label_seq_id 
_pdbx_struct_sheet_hbond.range_1_PDB_ins_code 
_pdbx_struct_sheet_hbond.range_1_auth_atom_id 
_pdbx_struct_sheet_hbond.range_1_auth_comp_id 
_pdbx_struct_sheet_hbond.range_1_auth_asym_id 
_pdbx_struct_sheet_hbond.range_1_auth_seq_id 
_pdbx_struct_sheet_hbond.range_2_label_atom_id 
_pdbx_struct_sheet_hbond.range_2_label_comp_id 
_pdbx_struct_sheet_hbond.range_2_label_asym_id 
_pdbx_struct_sheet_hbond.range_2_label_seq_id 
_pdbx_struct_sheet_hbond.range_2_PDB_ins_code 
_pdbx_struct_sheet_hbond.range_2_auth_atom_id 
_pdbx_struct_sheet_hbond.range_2_auth_comp_id 
_pdbx_struct_sheet_hbond.range_2_auth_asym_id 
_pdbx_struct_sheet_hbond.range_2_auth_seq_id 
A 1 2 O ARG A 9  ? O ARG A 9  N VAL A 2  ? N VAL A 2  
A 2 3 N TRP A 3  ? N TRP A 3  O VAL A 55 ? O VAL A 55 
A 3 4 O GLU A 56 ? O GLU A 56 N LEU A 33 ? N LEU A 33 
A 4 5 N VAL A 32 ? N VAL A 32 O PHE A 39 ? O PHE A 39 
B 1 2 O GLU B 7  ? O GLU B 7  N LEU B 4  ? N LEU B 4  
B 2 3 N TRP B 3  ? N TRP B 3  O VAL B 55 ? O VAL B 55 
B 3 4 O GLU B 56 ? O GLU B 56 N LEU B 33 ? N LEU B 33 
B 4 5 N VAL B 32 ? N VAL B 32 O PHE B 39 ? O PHE B 39 
# 
_struct_site.id                   AC1 
_struct_site.pdbx_evidence_code   Software 
_struct_site.pdbx_auth_asym_id    A 
_struct_site.pdbx_auth_comp_id    CD 
_struct_site.pdbx_auth_seq_id     1001 
_struct_site.pdbx_auth_ins_code   ? 
_struct_site.pdbx_num_residues    4 
_struct_site.details              'BINDING SITE FOR RESIDUE CD A 1001' 
# 
loop_
_struct_site_gen.id 
_struct_site_gen.site_id 
_struct_site_gen.pdbx_num_res 
_struct_site_gen.label_comp_id 
_struct_site_gen.label_asym_id 
_struct_site_gen.label_seq_id 
_struct_site_gen.pdbx_auth_ins_code 
_struct_site_gen.auth_comp_id 
_struct_site_gen.auth_asym_id 
_struct_site_gen.auth_seq_id 
_struct_site_gen.label_atom_id 
_struct_site_gen.label_alt_id 
_struct_site_gen.symmetry 
_struct_site_gen.details 
1 AC1 4 GLU A 7  ? GLU A 7  . ? 1_555 ? 
2 AC1 4 GLU B 7  ? GLU B 7  . ? 1_555 ? 
3 AC1 4 GLU B 43 ? GLU B 43 . ? 1_656 ? 
4 AC1 4 HOH E .  ? HOH B 84 . ? 1_656 ? 
# 
_pdbx_entry_details.entry_id                   2CU3 
_pdbx_entry_details.compound_details           ? 
_pdbx_entry_details.source_details             ? 
_pdbx_entry_details.nonpolymer_details         ? 
_pdbx_entry_details.sequence_details           ? 
_pdbx_entry_details.has_ligand_of_interest     ? 
_pdbx_entry_details.has_protein_modification   Y 
# 
_pdbx_validate_rmsd_bond.id                        1 
_pdbx_validate_rmsd_bond.PDB_model_num             1 
_pdbx_validate_rmsd_bond.auth_atom_id_1            NE1 
_pdbx_validate_rmsd_bond.auth_asym_id_1            B 
_pdbx_validate_rmsd_bond.auth_comp_id_1            TRP 
_pdbx_validate_rmsd_bond.auth_seq_id_1             3 
_pdbx_validate_rmsd_bond.PDB_ins_code_1            ? 
_pdbx_validate_rmsd_bond.label_alt_id_1            ? 
_pdbx_validate_rmsd_bond.auth_atom_id_2            CE2 
_pdbx_validate_rmsd_bond.auth_asym_id_2            B 
_pdbx_validate_rmsd_bond.auth_comp_id_2            TRP 
_pdbx_validate_rmsd_bond.auth_seq_id_2             3 
_pdbx_validate_rmsd_bond.PDB_ins_code_2            ? 
_pdbx_validate_rmsd_bond.label_alt_id_2            ? 
_pdbx_validate_rmsd_bond.bond_value                1.483 
_pdbx_validate_rmsd_bond.bond_target_value         1.371 
_pdbx_validate_rmsd_bond.bond_deviation            0.112 
_pdbx_validate_rmsd_bond.bond_standard_deviation   0.013 
_pdbx_validate_rmsd_bond.linker_flag               N 
# 
loop_
_pdbx_validate_torsion.id 
_pdbx_validate_torsion.PDB_model_num 
_pdbx_validate_torsion.auth_comp_id 
_pdbx_validate_torsion.auth_asym_id 
_pdbx_validate_torsion.auth_seq_id 
_pdbx_validate_torsion.PDB_ins_code 
_pdbx_validate_torsion.label_alt_id 
_pdbx_validate_torsion.phi 
_pdbx_validate_torsion.psi 
1 1 ASN A 35 ? ? 55.68 -129.47 
2 1 GLU B 36 ? ? 74.39 -3.93   
# 
_pdbx_SG_project.id                    1 
_pdbx_SG_project.project_name          'NPPSFA, National Project on Protein Structural and Functional Analyses' 
_pdbx_SG_project.full_name_of_center   'RIKEN Structural Genomics/Proteomics Initiative' 
_pdbx_SG_project.initial_of_center     RSGI 
# 
loop_
_pdbx_struct_mod_residue.id 
_pdbx_struct_mod_residue.label_asym_id 
_pdbx_struct_mod_residue.label_comp_id 
_pdbx_struct_mod_residue.label_seq_id 
_pdbx_struct_mod_residue.auth_asym_id 
_pdbx_struct_mod_residue.auth_comp_id 
_pdbx_struct_mod_residue.auth_seq_id 
_pdbx_struct_mod_residue.PDB_ins_code 
_pdbx_struct_mod_residue.parent_comp_id 
_pdbx_struct_mod_residue.details 
1 A MSE 1  A MSE 1  ? MET SELENOMETHIONINE 
2 A MSE 23 A MSE 23 ? MET SELENOMETHIONINE 
3 A MSE 61 A MSE 61 ? MET SELENOMETHIONINE 
4 B MSE 1  B MSE 1  ? MET SELENOMETHIONINE 
5 B MSE 23 B MSE 23 ? MET SELENOMETHIONINE 
6 B MSE 61 B MSE 61 ? MET SELENOMETHIONINE 
# 
_pdbx_unobs_or_zero_occ_residues.id               1 
_pdbx_unobs_or_zero_occ_residues.PDB_model_num    1 
_pdbx_unobs_or_zero_occ_residues.polymer_flag     Y 
_pdbx_unobs_or_zero_occ_residues.occupancy_flag   1 
_pdbx_unobs_or_zero_occ_residues.auth_asym_id     A 
_pdbx_unobs_or_zero_occ_residues.auth_comp_id     GLY 
_pdbx_unobs_or_zero_occ_residues.auth_seq_id      64 
_pdbx_unobs_or_zero_occ_residues.PDB_ins_code     ? 
_pdbx_unobs_or_zero_occ_residues.label_asym_id    A 
_pdbx_unobs_or_zero_occ_residues.label_comp_id    GLY 
_pdbx_unobs_or_zero_occ_residues.label_seq_id     64 
# 
loop_
_chem_comp_atom.comp_id 
_chem_comp_atom.atom_id 
_chem_comp_atom.type_symbol 
_chem_comp_atom.pdbx_aromatic_flag 
_chem_comp_atom.pdbx_stereo_config 
_chem_comp_atom.pdbx_ordinal 
ALA N    N  N N 1   
ALA CA   C  N S 2   
ALA C    C  N N 3   
ALA O    O  N N 4   
ALA CB   C  N N 5   
ALA OXT  O  N N 6   
ALA H    H  N N 7   
ALA H2   H  N N 8   
ALA HA   H  N N 9   
ALA HB1  H  N N 10  
ALA HB2  H  N N 11  
ALA HB3  H  N N 12  
ALA HXT  H  N N 13  
ARG N    N  N N 14  
ARG CA   C  N S 15  
ARG C    C  N N 16  
ARG O    O  N N 17  
ARG CB   C  N N 18  
ARG CG   C  N N 19  
ARG CD   C  N N 20  
ARG NE   N  N N 21  
ARG CZ   C  N N 22  
ARG NH1  N  N N 23  
ARG NH2  N  N N 24  
ARG OXT  O  N N 25  
ARG H    H  N N 26  
ARG H2   H  N N 27  
ARG HA   H  N N 28  
ARG HB2  H  N N 29  
ARG HB3  H  N N 30  
ARG HG2  H  N N 31  
ARG HG3  H  N N 32  
ARG HD2  H  N N 33  
ARG HD3  H  N N 34  
ARG HE   H  N N 35  
ARG HH11 H  N N 36  
ARG HH12 H  N N 37  
ARG HH21 H  N N 38  
ARG HH22 H  N N 39  
ARG HXT  H  N N 40  
ASN N    N  N N 41  
ASN CA   C  N S 42  
ASN C    C  N N 43  
ASN O    O  N N 44  
ASN CB   C  N N 45  
ASN CG   C  N N 46  
ASN OD1  O  N N 47  
ASN ND2  N  N N 48  
ASN OXT  O  N N 49  
ASN H    H  N N 50  
ASN H2   H  N N 51  
ASN HA   H  N N 52  
ASN HB2  H  N N 53  
ASN HB3  H  N N 54  
ASN HD21 H  N N 55  
ASN HD22 H  N N 56  
ASN HXT  H  N N 57  
ASP N    N  N N 58  
ASP CA   C  N S 59  
ASP C    C  N N 60  
ASP O    O  N N 61  
ASP CB   C  N N 62  
ASP CG   C  N N 63  
ASP OD1  O  N N 64  
ASP OD2  O  N N 65  
ASP OXT  O  N N 66  
ASP H    H  N N 67  
ASP H2   H  N N 68  
ASP HA   H  N N 69  
ASP HB2  H  N N 70  
ASP HB3  H  N N 71  
ASP HD2  H  N N 72  
ASP HXT  H  N N 73  
CD  CD   CD N N 74  
GLN N    N  N N 75  
GLN CA   C  N S 76  
GLN C    C  N N 77  
GLN O    O  N N 78  
GLN CB   C  N N 79  
GLN CG   C  N N 80  
GLN CD   C  N N 81  
GLN OE1  O  N N 82  
GLN NE2  N  N N 83  
GLN OXT  O  N N 84  
GLN H    H  N N 85  
GLN H2   H  N N 86  
GLN HA   H  N N 87  
GLN HB2  H  N N 88  
GLN HB3  H  N N 89  
GLN HG2  H  N N 90  
GLN HG3  H  N N 91  
GLN HE21 H  N N 92  
GLN HE22 H  N N 93  
GLN HXT  H  N N 94  
GLU N    N  N N 95  
GLU CA   C  N S 96  
GLU C    C  N N 97  
GLU O    O  N N 98  
GLU CB   C  N N 99  
GLU CG   C  N N 100 
GLU CD   C  N N 101 
GLU OE1  O  N N 102 
GLU OE2  O  N N 103 
GLU OXT  O  N N 104 
GLU H    H  N N 105 
GLU H2   H  N N 106 
GLU HA   H  N N 107 
GLU HB2  H  N N 108 
GLU HB3  H  N N 109 
GLU HG2  H  N N 110 
GLU HG3  H  N N 111 
GLU HE2  H  N N 112 
GLU HXT  H  N N 113 
GLY N    N  N N 114 
GLY CA   C  N N 115 
GLY C    C  N N 116 
GLY O    O  N N 117 
GLY OXT  O  N N 118 
GLY H    H  N N 119 
GLY H2   H  N N 120 
GLY HA2  H  N N 121 
GLY HA3  H  N N 122 
GLY HXT  H  N N 123 
HOH O    O  N N 124 
HOH H1   H  N N 125 
HOH H2   H  N N 126 
LEU N    N  N N 127 
LEU CA   C  N S 128 
LEU C    C  N N 129 
LEU O    O  N N 130 
LEU CB   C  N N 131 
LEU CG   C  N N 132 
LEU CD1  C  N N 133 
LEU CD2  C  N N 134 
LEU OXT  O  N N 135 
LEU H    H  N N 136 
LEU H2   H  N N 137 
LEU HA   H  N N 138 
LEU HB2  H  N N 139 
LEU HB3  H  N N 140 
LEU HG   H  N N 141 
LEU HD11 H  N N 142 
LEU HD12 H  N N 143 
LEU HD13 H  N N 144 
LEU HD21 H  N N 145 
LEU HD22 H  N N 146 
LEU HD23 H  N N 147 
LEU HXT  H  N N 148 
LYS N    N  N N 149 
LYS CA   C  N S 150 
LYS C    C  N N 151 
LYS O    O  N N 152 
LYS CB   C  N N 153 
LYS CG   C  N N 154 
LYS CD   C  N N 155 
LYS CE   C  N N 156 
LYS NZ   N  N N 157 
LYS OXT  O  N N 158 
LYS H    H  N N 159 
LYS H2   H  N N 160 
LYS HA   H  N N 161 
LYS HB2  H  N N 162 
LYS HB3  H  N N 163 
LYS HG2  H  N N 164 
LYS HG3  H  N N 165 
LYS HD2  H  N N 166 
LYS HD3  H  N N 167 
LYS HE2  H  N N 168 
LYS HE3  H  N N 169 
LYS HZ1  H  N N 170 
LYS HZ2  H  N N 171 
LYS HZ3  H  N N 172 
LYS HXT  H  N N 173 
MSE N    N  N N 174 
MSE CA   C  N S 175 
MSE C    C  N N 176 
MSE O    O  N N 177 
MSE OXT  O  N N 178 
MSE CB   C  N N 179 
MSE CG   C  N N 180 
MSE SE   SE N N 181 
MSE CE   C  N N 182 
MSE H    H  N N 183 
MSE H2   H  N N 184 
MSE HA   H  N N 185 
MSE HXT  H  N N 186 
MSE HB2  H  N N 187 
MSE HB3  H  N N 188 
MSE HG2  H  N N 189 
MSE HG3  H  N N 190 
MSE HE1  H  N N 191 
MSE HE2  H  N N 192 
MSE HE3  H  N N 193 
PHE N    N  N N 194 
PHE CA   C  N S 195 
PHE C    C  N N 196 
PHE O    O  N N 197 
PHE CB   C  N N 198 
PHE CG   C  Y N 199 
PHE CD1  C  Y N 200 
PHE CD2  C  Y N 201 
PHE CE1  C  Y N 202 
PHE CE2  C  Y N 203 
PHE CZ   C  Y N 204 
PHE OXT  O  N N 205 
PHE H    H  N N 206 
PHE H2   H  N N 207 
PHE HA   H  N N 208 
PHE HB2  H  N N 209 
PHE HB3  H  N N 210 
PHE HD1  H  N N 211 
PHE HD2  H  N N 212 
PHE HE1  H  N N 213 
PHE HE2  H  N N 214 
PHE HZ   H  N N 215 
PHE HXT  H  N N 216 
PRO N    N  N N 217 
PRO CA   C  N S 218 
PRO C    C  N N 219 
PRO O    O  N N 220 
PRO CB   C  N N 221 
PRO CG   C  N N 222 
PRO CD   C  N N 223 
PRO OXT  O  N N 224 
PRO H    H  N N 225 
PRO HA   H  N N 226 
PRO HB2  H  N N 227 
PRO HB3  H  N N 228 
PRO HG2  H  N N 229 
PRO HG3  H  N N 230 
PRO HD2  H  N N 231 
PRO HD3  H  N N 232 
PRO HXT  H  N N 233 
THR N    N  N N 234 
THR CA   C  N S 235 
THR C    C  N N 236 
THR O    O  N N 237 
THR CB   C  N R 238 
THR OG1  O  N N 239 
THR CG2  C  N N 240 
THR OXT  O  N N 241 
THR H    H  N N 242 
THR H2   H  N N 243 
THR HA   H  N N 244 
THR HB   H  N N 245 
THR HG1  H  N N 246 
THR HG21 H  N N 247 
THR HG22 H  N N 248 
THR HG23 H  N N 249 
THR HXT  H  N N 250 
TRP N    N  N N 251 
TRP CA   C  N S 252 
TRP C    C  N N 253 
TRP O    O  N N 254 
TRP CB   C  N N 255 
TRP CG   C  Y N 256 
TRP CD1  C  Y N 257 
TRP CD2  C  Y N 258 
TRP NE1  N  Y N 259 
TRP CE2  C  Y N 260 
TRP CE3  C  Y N 261 
TRP CZ2  C  Y N 262 
TRP CZ3  C  Y N 263 
TRP CH2  C  Y N 264 
TRP OXT  O  N N 265 
TRP H    H  N N 266 
TRP H2   H  N N 267 
TRP HA   H  N N 268 
TRP HB2  H  N N 269 
TRP HB3  H  N N 270 
TRP HD1  H  N N 271 
TRP HE1  H  N N 272 
TRP HE3  H  N N 273 
TRP HZ2  H  N N 274 
TRP HZ3  H  N N 275 
TRP HH2  H  N N 276 
TRP HXT  H  N N 277 
VAL N    N  N N 278 
VAL CA   C  N S 279 
VAL C    C  N N 280 
VAL O    O  N N 281 
VAL CB   C  N N 282 
VAL CG1  C  N N 283 
VAL CG2  C  N N 284 
VAL OXT  O  N N 285 
VAL H    H  N N 286 
VAL H2   H  N N 287 
VAL HA   H  N N 288 
VAL HB   H  N N 289 
VAL HG11 H  N N 290 
VAL HG12 H  N N 291 
VAL HG13 H  N N 292 
VAL HG21 H  N N 293 
VAL HG22 H  N N 294 
VAL HG23 H  N N 295 
VAL HXT  H  N N 296 
# 
loop_
_chem_comp_bond.comp_id 
_chem_comp_bond.atom_id_1 
_chem_comp_bond.atom_id_2 
_chem_comp_bond.value_order 
_chem_comp_bond.pdbx_aromatic_flag 
_chem_comp_bond.pdbx_stereo_config 
_chem_comp_bond.pdbx_ordinal 
ALA N   CA   sing N N 1   
ALA N   H    sing N N 2   
ALA N   H2   sing N N 3   
ALA CA  C    sing N N 4   
ALA CA  CB   sing N N 5   
ALA CA  HA   sing N N 6   
ALA C   O    doub N N 7   
ALA C   OXT  sing N N 8   
ALA CB  HB1  sing N N 9   
ALA CB  HB2  sing N N 10  
ALA CB  HB3  sing N N 11  
ALA OXT HXT  sing N N 12  
ARG N   CA   sing N N 13  
ARG N   H    sing N N 14  
ARG N   H2   sing N N 15  
ARG CA  C    sing N N 16  
ARG CA  CB   sing N N 17  
ARG CA  HA   sing N N 18  
ARG C   O    doub N N 19  
ARG C   OXT  sing N N 20  
ARG CB  CG   sing N N 21  
ARG CB  HB2  sing N N 22  
ARG CB  HB3  sing N N 23  
ARG CG  CD   sing N N 24  
ARG CG  HG2  sing N N 25  
ARG CG  HG3  sing N N 26  
ARG CD  NE   sing N N 27  
ARG CD  HD2  sing N N 28  
ARG CD  HD3  sing N N 29  
ARG NE  CZ   sing N N 30  
ARG NE  HE   sing N N 31  
ARG CZ  NH1  sing N N 32  
ARG CZ  NH2  doub N N 33  
ARG NH1 HH11 sing N N 34  
ARG NH1 HH12 sing N N 35  
ARG NH2 HH21 sing N N 36  
ARG NH2 HH22 sing N N 37  
ARG OXT HXT  sing N N 38  
ASN N   CA   sing N N 39  
ASN N   H    sing N N 40  
ASN N   H2   sing N N 41  
ASN CA  C    sing N N 42  
ASN CA  CB   sing N N 43  
ASN CA  HA   sing N N 44  
ASN C   O    doub N N 45  
ASN C   OXT  sing N N 46  
ASN CB  CG   sing N N 47  
ASN CB  HB2  sing N N 48  
ASN CB  HB3  sing N N 49  
ASN CG  OD1  doub N N 50  
ASN CG  ND2  sing N N 51  
ASN ND2 HD21 sing N N 52  
ASN ND2 HD22 sing N N 53  
ASN OXT HXT  sing N N 54  
ASP N   CA   sing N N 55  
ASP N   H    sing N N 56  
ASP N   H2   sing N N 57  
ASP CA  C    sing N N 58  
ASP CA  CB   sing N N 59  
ASP CA  HA   sing N N 60  
ASP C   O    doub N N 61  
ASP C   OXT  sing N N 62  
ASP CB  CG   sing N N 63  
ASP CB  HB2  sing N N 64  
ASP CB  HB3  sing N N 65  
ASP CG  OD1  doub N N 66  
ASP CG  OD2  sing N N 67  
ASP OD2 HD2  sing N N 68  
ASP OXT HXT  sing N N 69  
GLN N   CA   sing N N 70  
GLN N   H    sing N N 71  
GLN N   H2   sing N N 72  
GLN CA  C    sing N N 73  
GLN CA  CB   sing N N 74  
GLN CA  HA   sing N N 75  
GLN C   O    doub N N 76  
GLN C   OXT  sing N N 77  
GLN CB  CG   sing N N 78  
GLN CB  HB2  sing N N 79  
GLN CB  HB3  sing N N 80  
GLN CG  CD   sing N N 81  
GLN CG  HG2  sing N N 82  
GLN CG  HG3  sing N N 83  
GLN CD  OE1  doub N N 84  
GLN CD  NE2  sing N N 85  
GLN NE2 HE21 sing N N 86  
GLN NE2 HE22 sing N N 87  
GLN OXT HXT  sing N N 88  
GLU N   CA   sing N N 89  
GLU N   H    sing N N 90  
GLU N   H2   sing N N 91  
GLU CA  C    sing N N 92  
GLU CA  CB   sing N N 93  
GLU CA  HA   sing N N 94  
GLU C   O    doub N N 95  
GLU C   OXT  sing N N 96  
GLU CB  CG   sing N N 97  
GLU CB  HB2  sing N N 98  
GLU CB  HB3  sing N N 99  
GLU CG  CD   sing N N 100 
GLU CG  HG2  sing N N 101 
GLU CG  HG3  sing N N 102 
GLU CD  OE1  doub N N 103 
GLU CD  OE2  sing N N 104 
GLU OE2 HE2  sing N N 105 
GLU OXT HXT  sing N N 106 
GLY N   CA   sing N N 107 
GLY N   H    sing N N 108 
GLY N   H2   sing N N 109 
GLY CA  C    sing N N 110 
GLY CA  HA2  sing N N 111 
GLY CA  HA3  sing N N 112 
GLY C   O    doub N N 113 
GLY C   OXT  sing N N 114 
GLY OXT HXT  sing N N 115 
HOH O   H1   sing N N 116 
HOH O   H2   sing N N 117 
LEU N   CA   sing N N 118 
LEU N   H    sing N N 119 
LEU N   H2   sing N N 120 
LEU CA  C    sing N N 121 
LEU CA  CB   sing N N 122 
LEU CA  HA   sing N N 123 
LEU C   O    doub N N 124 
LEU C   OXT  sing N N 125 
LEU CB  CG   sing N N 126 
LEU CB  HB2  sing N N 127 
LEU CB  HB3  sing N N 128 
LEU CG  CD1  sing N N 129 
LEU CG  CD2  sing N N 130 
LEU CG  HG   sing N N 131 
LEU CD1 HD11 sing N N 132 
LEU CD1 HD12 sing N N 133 
LEU CD1 HD13 sing N N 134 
LEU CD2 HD21 sing N N 135 
LEU CD2 HD22 sing N N 136 
LEU CD2 HD23 sing N N 137 
LEU OXT HXT  sing N N 138 
LYS N   CA   sing N N 139 
LYS N   H    sing N N 140 
LYS N   H2   sing N N 141 
LYS CA  C    sing N N 142 
LYS CA  CB   sing N N 143 
LYS CA  HA   sing N N 144 
LYS C   O    doub N N 145 
LYS C   OXT  sing N N 146 
LYS CB  CG   sing N N 147 
LYS CB  HB2  sing N N 148 
LYS CB  HB3  sing N N 149 
LYS CG  CD   sing N N 150 
LYS CG  HG2  sing N N 151 
LYS CG  HG3  sing N N 152 
LYS CD  CE   sing N N 153 
LYS CD  HD2  sing N N 154 
LYS CD  HD3  sing N N 155 
LYS CE  NZ   sing N N 156 
LYS CE  HE2  sing N N 157 
LYS CE  HE3  sing N N 158 
LYS NZ  HZ1  sing N N 159 
LYS NZ  HZ2  sing N N 160 
LYS NZ  HZ3  sing N N 161 
LYS OXT HXT  sing N N 162 
MSE N   CA   sing N N 163 
MSE N   H    sing N N 164 
MSE N   H2   sing N N 165 
MSE CA  C    sing N N 166 
MSE CA  CB   sing N N 167 
MSE CA  HA   sing N N 168 
MSE C   O    doub N N 169 
MSE C   OXT  sing N N 170 
MSE OXT HXT  sing N N 171 
MSE CB  CG   sing N N 172 
MSE CB  HB2  sing N N 173 
MSE CB  HB3  sing N N 174 
MSE CG  SE   sing N N 175 
MSE CG  HG2  sing N N 176 
MSE CG  HG3  sing N N 177 
MSE SE  CE   sing N N 178 
MSE CE  HE1  sing N N 179 
MSE CE  HE2  sing N N 180 
MSE CE  HE3  sing N N 181 
PHE N   CA   sing N N 182 
PHE N   H    sing N N 183 
PHE N   H2   sing N N 184 
PHE CA  C    sing N N 185 
PHE CA  CB   sing N N 186 
PHE CA  HA   sing N N 187 
PHE C   O    doub N N 188 
PHE C   OXT  sing N N 189 
PHE CB  CG   sing N N 190 
PHE CB  HB2  sing N N 191 
PHE CB  HB3  sing N N 192 
PHE CG  CD1  doub Y N 193 
PHE CG  CD2  sing Y N 194 
PHE CD1 CE1  sing Y N 195 
PHE CD1 HD1  sing N N 196 
PHE CD2 CE2  doub Y N 197 
PHE CD2 HD2  sing N N 198 
PHE CE1 CZ   doub Y N 199 
PHE CE1 HE1  sing N N 200 
PHE CE2 CZ   sing Y N 201 
PHE CE2 HE2  sing N N 202 
PHE CZ  HZ   sing N N 203 
PHE OXT HXT  sing N N 204 
PRO N   CA   sing N N 205 
PRO N   CD   sing N N 206 
PRO N   H    sing N N 207 
PRO CA  C    sing N N 208 
PRO CA  CB   sing N N 209 
PRO CA  HA   sing N N 210 
PRO C   O    doub N N 211 
PRO C   OXT  sing N N 212 
PRO CB  CG   sing N N 213 
PRO CB  HB2  sing N N 214 
PRO CB  HB3  sing N N 215 
PRO CG  CD   sing N N 216 
PRO CG  HG2  sing N N 217 
PRO CG  HG3  sing N N 218 
PRO CD  HD2  sing N N 219 
PRO CD  HD3  sing N N 220 
PRO OXT HXT  sing N N 221 
THR N   CA   sing N N 222 
THR N   H    sing N N 223 
THR N   H2   sing N N 224 
THR CA  C    sing N N 225 
THR CA  CB   sing N N 226 
THR CA  HA   sing N N 227 
THR C   O    doub N N 228 
THR C   OXT  sing N N 229 
THR CB  OG1  sing N N 230 
THR CB  CG2  sing N N 231 
THR CB  HB   sing N N 232 
THR OG1 HG1  sing N N 233 
THR CG2 HG21 sing N N 234 
THR CG2 HG22 sing N N 235 
THR CG2 HG23 sing N N 236 
THR OXT HXT  sing N N 237 
TRP N   CA   sing N N 238 
TRP N   H    sing N N 239 
TRP N   H2   sing N N 240 
TRP CA  C    sing N N 241 
TRP CA  CB   sing N N 242 
TRP CA  HA   sing N N 243 
TRP C   O    doub N N 244 
TRP C   OXT  sing N N 245 
TRP CB  CG   sing N N 246 
TRP CB  HB2  sing N N 247 
TRP CB  HB3  sing N N 248 
TRP CG  CD1  doub Y N 249 
TRP CG  CD2  sing Y N 250 
TRP CD1 NE1  sing Y N 251 
TRP CD1 HD1  sing N N 252 
TRP CD2 CE2  doub Y N 253 
TRP CD2 CE3  sing Y N 254 
TRP NE1 CE2  sing Y N 255 
TRP NE1 HE1  sing N N 256 
TRP CE2 CZ2  sing Y N 257 
TRP CE3 CZ3  doub Y N 258 
TRP CE3 HE3  sing N N 259 
TRP CZ2 CH2  doub Y N 260 
TRP CZ2 HZ2  sing N N 261 
TRP CZ3 CH2  sing Y N 262 
TRP CZ3 HZ3  sing N N 263 
TRP CH2 HH2  sing N N 264 
TRP OXT HXT  sing N N 265 
VAL N   CA   sing N N 266 
VAL N   H    sing N N 267 
VAL N   H2   sing N N 268 
VAL CA  C    sing N N 269 
VAL CA  CB   sing N N 270 
VAL CA  HA   sing N N 271 
VAL C   O    doub N N 272 
VAL C   OXT  sing N N 273 
VAL CB  CG1  sing N N 274 
VAL CB  CG2  sing N N 275 
VAL CB  HB   sing N N 276 
VAL CG1 HG11 sing N N 277 
VAL CG1 HG12 sing N N 278 
VAL CG1 HG13 sing N N 279 
VAL CG2 HG21 sing N N 280 
VAL CG2 HG22 sing N N 281 
VAL CG2 HG23 sing N N 282 
VAL OXT HXT  sing N N 283 
# 
_atom_sites.entry_id                    2CU3 
_atom_sites.fract_transf_matrix[1][1]   -0.02701201 
_atom_sites.fract_transf_matrix[1][2]   0.02455886 
_atom_sites.fract_transf_matrix[1][3]   -0.00976120 
_atom_sites.fract_transf_matrix[2][1]   0.00462418 
_atom_sites.fract_transf_matrix[2][2]   -0.00005136 
_atom_sites.fract_transf_matrix[2][3]   -0.01292565 
_atom_sites.fract_transf_matrix[3][1]   -0.02980628 
_atom_sites.fract_transf_matrix[3][2]   -0.01522295 
_atom_sites.fract_transf_matrix[3][3]   -0.01060277 
_atom_sites.fract_transf_vector[1]      0.708475 
_atom_sites.fract_transf_vector[2]      0.423404 
_atom_sites.fract_transf_vector[3]      0.372536 
# 
loop_
_atom_type.symbol 
C  
CD 
N  
O  
SE 
# 
loop_
_atom_site.group_PDB 
_atom_site.id 
_atom_site.type_symbol 
_atom_site.label_atom_id 
_atom_site.label_alt_id 
_atom_site.label_comp_id 
_atom_site.label_asym_id 
_atom_site.label_entity_id 
_atom_site.label_seq_id 
_atom_site.pdbx_PDB_ins_code 
_atom_site.Cartn_x 
_atom_site.Cartn_y 
_atom_site.Cartn_z 
_atom_site.occupancy 
_atom_site.B_iso_or_equiv 
_atom_site.pdbx_formal_charge 
_atom_site.auth_seq_id 
_atom_site.auth_comp_id 
_atom_site.auth_asym_id 
_atom_site.auth_atom_id 
_atom_site.pdbx_PDB_model_num 
HETATM 1    N  N   . MSE A 1 1  ? -18.849 -3.243  4.099   1.00 23.89 ? 1    MSE A N   1 
HETATM 2    C  CA  . MSE A 1 1  ? -17.374 -3.231  3.895   1.00 22.79 ? 1    MSE A CA  1 
HETATM 3    C  C   . MSE A 1 1  ? -16.889 -1.785  3.809   1.00 19.34 ? 1    MSE A C   1 
HETATM 4    O  O   . MSE A 1 1  ? -17.680 -0.853  3.644   1.00 17.54 ? 1    MSE A O   1 
HETATM 5    C  CB  . MSE A 1 1  ? -17.004 -3.979  2.597   1.00 27.85 ? 1    MSE A CB  1 
HETATM 6    C  CG  . MSE A 1 1  ? -16.038 -5.185  2.772   1.00 33.44 ? 1    MSE A CG  1 
HETATM 7    SE SE  . MSE A 1 1  ? -16.913 -6.751  2.841   1.00 50.13 ? 1    MSE A SE  1 
HETATM 8    C  CE  . MSE A 1 1  ? -16.753 -7.100  4.570   1.00 41.81 ? 1    MSE A CE  1 
ATOM   9    N  N   . VAL A 1 2  ? -15.581 -1.609  3.946   1.00 16.10 ? 2    VAL A N   1 
ATOM   10   C  CA  . VAL A 1 2  ? -14.951 -0.298  3.845   1.00 15.65 ? 2    VAL A CA  1 
ATOM   11   C  C   . VAL A 1 2  ? -14.175 -0.380  2.541   1.00 15.21 ? 2    VAL A C   1 
ATOM   12   O  O   . VAL A 1 2  ? -13.559 -1.407  2.256   1.00 16.10 ? 2    VAL A O   1 
ATOM   13   C  CB  . VAL A 1 2  ? -13.965 -0.054  5.013   1.00 14.08 ? 2    VAL A CB  1 
ATOM   14   C  CG1 . VAL A 1 2  ? -13.109 1.164   4.729   1.00 16.93 ? 2    VAL A CG1 1 
ATOM   15   C  CG2 . VAL A 1 2  ? -14.740 0.134   6.318   1.00 15.80 ? 2    VAL A CG2 1 
ATOM   16   N  N   . TRP A 1 3  ? -14.217 0.677   1.737   1.00 14.41 ? 3    TRP A N   1 
ATOM   17   C  CA  . TRP A 1 3  ? -13.500 0.660   0.468   1.00 14.89 ? 3    TRP A CA  1 
ATOM   18   C  C   . TRP A 1 3  ? -12.141 1.312   0.592   1.00 14.25 ? 3    TRP A C   1 
ATOM   19   O  O   . TRP A 1 3  ? -12.023 2.492   0.926   1.00 14.22 ? 3    TRP A O   1 
ATOM   20   C  CB  . TRP A 1 3  ? -14.341 1.325   -0.623  1.00 16.30 ? 3    TRP A CB  1 
ATOM   21   C  CG  . TRP A 1 3  ? -15.609 0.577   -0.839  1.00 17.91 ? 3    TRP A CG  1 
ATOM   22   C  CD1 . TRP A 1 3  ? -16.720 0.610   -0.049  1.00 19.01 ? 3    TRP A CD1 1 
ATOM   23   C  CD2 . TRP A 1 3  ? -15.855 -0.417  -1.838  1.00 19.11 ? 3    TRP A CD2 1 
ATOM   24   N  NE1 . TRP A 1 3  ? -17.644 -0.308  -0.488  1.00 20.52 ? 3    TRP A NE1 1 
ATOM   25   C  CE2 . TRP A 1 3  ? -17.139 -0.952  -1.587  1.00 20.41 ? 3    TRP A CE2 1 
ATOM   26   C  CE3 . TRP A 1 3  ? -15.117 -0.910  -2.921  1.00 19.34 ? 3    TRP A CE3 1 
ATOM   27   C  CZ2 . TRP A 1 3  ? -17.702 -1.959  -2.380  1.00 21.26 ? 3    TRP A CZ2 1 
ATOM   28   C  CZ3 . TRP A 1 3  ? -15.677 -1.911  -3.710  1.00 21.47 ? 3    TRP A CZ3 1 
ATOM   29   C  CH2 . TRP A 1 3  ? -16.958 -2.423  -3.433  1.00 20.96 ? 3    TRP A CH2 1 
ATOM   30   N  N   . LEU A 1 4  ? -11.112 0.512   0.341   1.00 12.46 ? 4    LEU A N   1 
ATOM   31   C  CA  . LEU A 1 4  ? -9.716  0.936   0.442   1.00 11.68 ? 4    LEU A CA  1 
ATOM   32   C  C   . LEU A 1 4  ? -8.996  0.868   -0.917  1.00 12.10 ? 4    LEU A C   1 
ATOM   33   O  O   . LEU A 1 4  ? -8.735  -0.185  -1.480  1.00 12.39 ? 4    LEU A O   1 
ATOM   34   C  CB  . LEU A 1 4  ? -9.026  0.035   1.466   1.00 9.25  ? 4    LEU A CB  1 
ATOM   35   C  CG  . LEU A 1 4  ? -7.541  0.345   1.627   1.00 10.24 ? 4    LEU A CG  1 
ATOM   36   C  CD1 . LEU A 1 4  ? -7.297  1.752   2.172   1.00 9.73  ? 4    LEU A CD1 1 
ATOM   37   C  CD2 . LEU A 1 4  ? -6.829  -0.623  2.574   1.00 10.06 ? 4    LEU A CD2 1 
ATOM   38   N  N   . ASN A 1 5  ? -8.716  2.064   -1.468  1.00 12.26 ? 5    ASN A N   1 
ATOM   39   C  CA  . ASN A 1 5  ? -8.069  2.124   -2.778  1.00 14.00 ? 5    ASN A CA  1 
ATOM   40   C  C   . ASN A 1 5  ? -8.841  1.341   -3.850  1.00 14.92 ? 5    ASN A C   1 
ATOM   41   O  O   . ASN A 1 5  ? -8.270  0.693   -4.715  1.00 14.13 ? 5    ASN A O   1 
ATOM   42   C  CB  . ASN A 1 5  ? -6.650  1.564   -2.650  1.00 15.22 ? 5    ASN A CB  1 
ATOM   43   C  CG  . ASN A 1 5  ? -5.757  2.560   -1.951  1.00 17.37 ? 5    ASN A CG  1 
ATOM   44   O  OD1 . ASN A 1 5  ? -6.112  3.717   -1.743  1.00 17.18 ? 5    ASN A OD1 1 
ATOM   45   N  ND2 . ASN A 1 5  ? -4.555  2.082   -1.589  1.00 19.74 ? 5    ASN A ND2 1 
ATOM   46   N  N   . GLY A 1 6  ? -10.183 1.377   -3.740  1.00 13.94 ? 6    GLY A N   1 
ATOM   47   C  CA  . GLY A 1 6  ? -11.001 0.806   -4.807  1.00 15.18 ? 6    GLY A CA  1 
ATOM   48   C  C   . GLY A 1 6  ? -11.389 -0.660  -4.556  1.00 15.04 ? 6    GLY A C   1 
ATOM   49   O  O   . GLY A 1 6  ? -12.029 -1.308  -5.374  1.00 16.83 ? 6    GLY A O   1 
ATOM   50   N  N   . GLU A 1 7  ? -10.948 -1.200  -3.400  1.00 14.00 ? 7    GLU A N   1 
ATOM   51   C  CA  . GLU A 1 7  ? -11.311 -2.571  -3.059  1.00 14.20 ? 7    GLU A CA  1 
ATOM   52   C  C   . GLU A 1 7  ? -12.050 -2.644  -1.720  1.00 13.51 ? 7    GLU A C   1 
ATOM   53   O  O   . GLU A 1 7  ? -11.781 -1.905  -0.782  1.00 13.24 ? 7    GLU A O   1 
ATOM   54   C  CB  . GLU A 1 7  ? -10.028 -3.399  -2.989  1.00 15.48 ? 7    GLU A CB  1 
ATOM   55   C  CG  . GLU A 1 7  ? -9.256  -3.386  -4.310  1.00 18.25 ? 7    GLU A CG  1 
ATOM   56   C  CD  . GLU A 1 7  ? -9.937  -4.307  -5.296  1.00 19.71 ? 7    GLU A CD  1 
ATOM   57   O  OE1 . GLU A 1 7  ? -10.362 -5.382  -4.899  1.00 21.31 ? 7    GLU A OE1 1 
ATOM   58   O  OE2 . GLU A 1 7  ? -10.044 -3.933  -6.464  1.00 24.03 ? 7    GLU A OE2 1 
ATOM   59   N  N   . PRO A 1 8  ? -13.044 -3.550  -1.670  1.00 13.59 ? 8    PRO A N   1 
ATOM   60   C  CA  . PRO A 1 8  ? -13.820 -3.767  -0.459  1.00 13.44 ? 8    PRO A CA  1 
ATOM   61   C  C   . PRO A 1 8  ? -13.016 -4.538  0.590   1.00 13.95 ? 8    PRO A C   1 
ATOM   62   O  O   . PRO A 1 8  ? -12.456 -5.597  0.336   1.00 14.77 ? 8    PRO A O   1 
ATOM   63   C  CB  . PRO A 1 8  ? -15.061 -4.562  -0.851  1.00 13.40 ? 8    PRO A CB  1 
ATOM   64   C  CG  . PRO A 1 8  ? -14.778 -5.246  -2.187  1.00 14.58 ? 8    PRO A CG  1 
ATOM   65   C  CD  . PRO A 1 8  ? -13.514 -4.424  -2.732  1.00 14.41 ? 8    PRO A CD  1 
ATOM   66   N  N   . ARG A 1 9  ? -12.937 -3.946  1.795   1.00 13.51 ? 9    ARG A N   1 
ATOM   67   C  CA  . ARG A 1 9  ? -12.185 -4.594  2.865   1.00 14.60 ? 9    ARG A CA  1 
ATOM   68   C  C   . ARG A 1 9  ? -12.897 -4.470  4.213   1.00 15.32 ? 9    ARG A C   1 
ATOM   69   O  O   . ARG A 1 9  ? -13.456 -3.440  4.566   1.00 14.32 ? 9    ARG A O   1 
ATOM   70   C  CB  . ARG A 1 9  ? -10.807 -3.937  2.941   1.00 15.66 ? 9    ARG A CB  1 
ATOM   71   C  CG  . ARG A 1 9  ? -9.983  -4.177  1.675   1.00 18.02 ? 9    ARG A CG  1 
ATOM   72   C  CD  . ARG A 1 9  ? -9.388  -5.589  1.639   1.00 20.60 ? 9    ARG A CD  1 
ATOM   73   N  NE  . ARG A 1 9  ? -8.401  -5.705  0.563   1.00 24.28 ? 9    ARG A NE  1 
ATOM   74   C  CZ  . ARG A 1 9  ? -8.851  -6.072  -0.650  1.00 26.48 ? 9    ARG A CZ  1 
ATOM   75   N  NH1 . ARG A 1 9  ? -10.137 -6.311  -0.836  1.00 27.71 ? 9    ARG A NH1 1 
ATOM   76   N  NH2 . ARG A 1 9  ? -7.991  -6.192  -1.665  1.00 27.88 ? 9    ARG A NH2 1 
ATOM   77   N  N   . PRO A 1 10 ? -12.893 -5.588  4.964   1.00 16.53 ? 10   PRO A N   1 
ATOM   78   C  CA  . PRO A 1 10 ? -13.524 -5.631  6.277   1.00 17.08 ? 10   PRO A CA  1 
ATOM   79   C  C   . PRO A 1 10 ? -12.725 -4.826  7.301   1.00 17.09 ? 10   PRO A C   1 
ATOM   80   O  O   . PRO A 1 10 ? -11.964 -5.357  8.101   1.00 18.53 ? 10   PRO A O   1 
ATOM   81   C  CB  . PRO A 1 10 ? -13.587 -7.095  6.702   1.00 18.57 ? 10   PRO A CB  1 
ATOM   82   C  CG  . PRO A 1 10 ? -12.542 -7.858  5.892   1.00 18.71 ? 10   PRO A CG  1 
ATOM   83   C  CD  . PRO A 1 10 ? -12.300 -6.880  4.648   1.00 17.27 ? 10   PRO A CD  1 
ATOM   84   N  N   . LEU A 1 11 ? -12.893 -3.493  7.234   1.00 14.99 ? 11   LEU A N   1 
ATOM   85   C  CA  . LEU A 1 11 ? -12.065 -2.621  8.057   1.00 15.51 ? 11   LEU A CA  1 
ATOM   86   C  C   . LEU A 1 11 ? -12.872 -1.904  9.144   1.00 16.24 ? 11   LEU A C   1 
ATOM   87   O  O   . LEU A 1 11 ? -12.343 -1.162  9.961   1.00 15.91 ? 11   LEU A O   1 
ATOM   88   C  CB  . LEU A 1 11 ? -11.406 -1.593  7.137   1.00 12.90 ? 11   LEU A CB  1 
ATOM   89   C  CG  . LEU A 1 11 ? -10.438 -2.236  6.140   1.00 13.11 ? 11   LEU A CG  1 
ATOM   90   C  CD1 . LEU A 1 11 ? -9.706  -1.199  5.284   1.00 14.31 ? 11   LEU A CD1 1 
ATOM   91   C  CD2 . LEU A 1 11 ? -9.354  -3.073  6.818   1.00 14.44 ? 11   LEU A CD2 1 
ATOM   92   N  N   . GLU A 1 12 ? -14.201 -2.118  9.115   1.00 16.96 ? 12   GLU A N   1 
ATOM   93   C  CA  . GLU A 1 12 ? -15.050 -1.456  10.100  1.00 19.05 ? 12   GLU A CA  1 
ATOM   94   C  C   . GLU A 1 12 ? -14.526 -1.657  11.522  1.00 18.69 ? 12   GLU A C   1 
ATOM   95   O  O   . GLU A 1 12 ? -14.143 -2.749  11.924  1.00 18.49 ? 12   GLU A O   1 
ATOM   96   C  CB  . GLU A 1 12 ? -16.465 -2.023  9.981   1.00 22.45 ? 12   GLU A CB  1 
ATOM   97   C  CG  . GLU A 1 12 ? -17.527 -1.039  10.478  1.00 29.36 ? 12   GLU A CG  1 
ATOM   98   C  CD  . GLU A 1 12 ? -18.358 -1.690  11.559  1.00 32.40 ? 12   GLU A CD  1 
ATOM   99   O  OE1 . GLU A 1 12 ? -17.801 -2.414  12.371  1.00 34.77 ? 12   GLU A OE1 1 
ATOM   100  O  OE2 . GLU A 1 12 ? -19.565 -1.456  11.587  1.00 35.19 ? 12   GLU A OE2 1 
ATOM   101  N  N   . GLY A 1 13 ? -14.505 -0.577  12.298  1.00 17.32 ? 13   GLY A N   1 
ATOM   102  C  CA  . GLY A 1 13 ? -14.040 -0.658  13.670  1.00 18.40 ? 13   GLY A CA  1 
ATOM   103  C  C   . GLY A 1 13 ? -12.581 -0.295  13.861  1.00 18.71 ? 13   GLY A C   1 
ATOM   104  O  O   . GLY A 1 13 ? -12.174 0.088   14.961  1.00 18.31 ? 13   GLY A O   1 
ATOM   105  N  N   . LYS A 1 14 ? -11.791 -0.422  12.797  1.00 17.33 ? 14   LYS A N   1 
ATOM   106  C  CA  . LYS A 1 14 ? -10.369 -0.098  12.847  1.00 16.23 ? 14   LYS A CA  1 
ATOM   107  C  C   . LYS A 1 14 ? -10.163 1.385   12.564  1.00 15.57 ? 14   LYS A C   1 
ATOM   108  O  O   . LYS A 1 14 ? -10.989 2.018   11.908  1.00 15.99 ? 14   LYS A O   1 
ATOM   109  C  CB  . LYS A 1 14 ? -9.597  -0.914  11.803  1.00 16.18 ? 14   LYS A CB  1 
ATOM   110  C  CG  . LYS A 1 14 ? -9.614  -2.421  12.023  1.00 16.06 ? 14   LYS A CG  1 
ATOM   111  C  CD  . LYS A 1 14 ? -8.813  -3.148  10.944  1.00 16.86 ? 14   LYS A CD  1 
ATOM   112  C  CE  . LYS A 1 14 ? -8.639  -4.629  11.277  1.00 18.37 ? 14   LYS A CE  1 
ATOM   113  N  NZ  . LYS A 1 14 ? -7.772  -5.322  10.277  1.00 19.97 ? 14   LYS A NZ  1 
ATOM   114  N  N   . THR A 1 15 ? -9.068  1.940   13.071  1.00 14.49 ? 15   THR A N   1 
ATOM   115  C  CA  . THR A 1 15 ? -8.751  3.345   12.832  1.00 13.99 ? 15   THR A CA  1 
ATOM   116  C  C   . THR A 1 15 ? -7.824  3.420   11.626  1.00 12.78 ? 15   THR A C   1 
ATOM   117  O  O   . THR A 1 15 ? -7.182  2.432   11.265  1.00 12.84 ? 15   THR A O   1 
ATOM   118  C  CB  . THR A 1 15 ? -8.018  3.980   14.029  1.00 14.32 ? 15   THR A CB  1 
ATOM   119  O  OG1 . THR A 1 15 ? -6.712  3.402   14.146  1.00 15.50 ? 15   THR A OG1 1 
ATOM   120  C  CG2 . THR A 1 15 ? -8.788  3.739   15.320  1.00 14.33 ? 15   THR A CG2 1 
ATOM   121  N  N   . LEU A 1 16 ? -7.748  4.593   11.008  1.00 12.12 ? 16   LEU A N   1 
ATOM   122  C  CA  . LEU A 1 16 ? -6.880  4.772   9.852   1.00 12.84 ? 16   LEU A CA  1 
ATOM   123  C  C   . LEU A 1 16 ? -5.422  4.461   10.188  1.00 13.36 ? 16   LEU A C   1 
ATOM   124  O  O   . LEU A 1 16 ? -4.720  3.838   9.394   1.00 13.66 ? 16   LEU A O   1 
ATOM   125  C  CB  . LEU A 1 16 ? -7.010  6.196   9.312   1.00 11.68 ? 16   LEU A CB  1 
ATOM   126  C  CG  . LEU A 1 16 ? -8.279  6.423   8.484   1.00 10.53 ? 16   LEU A CG  1 
ATOM   127  C  CD1 . LEU A 1 16 ? -8.410  7.897   8.144   1.00 13.04 ? 16   LEU A CD1 1 
ATOM   128  C  CD2 . LEU A 1 16 ? -8.223  5.579   7.216   1.00 11.98 ? 16   LEU A CD2 1 
ATOM   129  N  N   . LYS A 1 17 ? -4.966  4.886   11.362  1.00 15.12 ? 17   LYS A N   1 
ATOM   130  C  CA  . LYS A 1 17 ? -3.586  4.612   11.759  1.00 16.50 ? 17   LYS A CA  1 
ATOM   131  C  C   . LYS A 1 17 ? -3.328  3.113   11.780  1.00 15.85 ? 17   LYS A C   1 
ATOM   132  O  O   . LYS A 1 17 ? -2.295  2.646   11.309  1.00 15.57 ? 17   LYS A O   1 
ATOM   133  C  CB  . LYS A 1 17 ? -3.289  5.173   13.147  1.00 19.48 ? 17   LYS A CB  1 
ATOM   134  C  CG  . LYS A 1 17 ? -2.507  6.461   13.158  1.00 24.98 ? 17   LYS A CG  1 
ATOM   135  C  CD  . LYS A 1 17 ? -1.973  6.726   14.555  1.00 27.46 ? 17   LYS A CD  1 
ATOM   136  C  CE  . LYS A 1 17 ? -2.425  8.076   15.054  1.00 30.28 ? 17   LYS A CE  1 
ATOM   137  N  NZ  . LYS A 1 17 ? -3.842  7.994   15.499  1.00 30.99 ? 17   LYS A NZ  1 
ATOM   138  N  N   . GLU A 1 18 ? -4.269  2.364   12.344  1.00 15.08 ? 18   GLU A N   1 
ATOM   139  C  CA  . GLU A 1 18 ? -4.133  0.918   12.421  1.00 14.74 ? 18   GLU A CA  1 
ATOM   140  C  C   . GLU A 1 18 ? -4.063  0.350   11.012  1.00 13.28 ? 18   GLU A C   1 
ATOM   141  O  O   . GLU A 1 18 ? -3.214  -0.486  10.715  1.00 14.38 ? 18   GLU A O   1 
ATOM   142  C  CB  . GLU A 1 18 ? -5.314  0.317   13.195  1.00 17.09 ? 18   GLU A CB  1 
ATOM   143  C  CG  . GLU A 1 18 ? -5.125  0.364   14.710  1.00 22.30 ? 18   GLU A CG  1 
ATOM   144  C  CD  . GLU A 1 18 ? -6.431  0.284   15.486  1.00 25.04 ? 18   GLU A CD  1 
ATOM   145  O  OE1 . GLU A 1 18 ? -7.497  0.151   14.849  1.00 25.84 ? 18   GLU A OE1 1 
ATOM   146  O  OE2 . GLU A 1 18 ? -6.392  0.368   16.734  1.00 26.57 ? 18   GLU A OE2 1 
ATOM   147  N  N   . VAL A 1 19 ? -4.951  0.817   10.140  1.00 12.41 ? 19   VAL A N   1 
ATOM   148  C  CA  . VAL A 1 19 ? -4.977  0.349   8.762   1.00 11.62 ? 19   VAL A CA  1 
ATOM   149  C  C   . VAL A 1 19 ? -3.680  0.672   8.025   1.00 12.07 ? 19   VAL A C   1 
ATOM   150  O  O   . VAL A 1 19 ? -3.135  -0.176  7.314   1.00 12.64 ? 19   VAL A O   1 
ATOM   151  C  CB  . VAL A 1 19 ? -6.160  0.975   7.992   1.00 12.10 ? 19   VAL A CB  1 
ATOM   152  C  CG1 . VAL A 1 19 ? -6.068  0.629   6.517   1.00 12.35 ? 19   VAL A CG1 1 
ATOM   153  C  CG2 . VAL A 1 19 ? -7.471  0.471   8.582   1.00 11.41 ? 19   VAL A CG2 1 
ATOM   154  N  N   . LEU A 1 20 ? -3.184  1.894   8.197   1.00 12.24 ? 20   LEU A N   1 
ATOM   155  C  CA  . LEU A 1 20 ? -1.954  2.307   7.525   1.00 12.45 ? 20   LEU A CA  1 
ATOM   156  C  C   . LEU A 1 20 ? -0.752  1.470   7.964   1.00 14.77 ? 20   LEU A C   1 
ATOM   157  O  O   . LEU A 1 20 ? 0.130   1.164   7.155   1.00 14.35 ? 20   LEU A O   1 
ATOM   158  C  CB  . LEU A 1 20 ? -1.692  3.795   7.781   1.00 12.78 ? 20   LEU A CB  1 
ATOM   159  C  CG  . LEU A 1 20 ? -2.666  4.732   7.051   1.00 13.47 ? 20   LEU A CG  1 
ATOM   160  C  CD1 . LEU A 1 20 ? -2.593  6.143   7.632   1.00 13.79 ? 20   LEU A CD1 1 
ATOM   161  C  CD2 . LEU A 1 20 ? -2.337  4.742   5.567   1.00 14.46 ? 20   LEU A CD2 1 
ATOM   162  N  N   . GLU A 1 21 ? -0.718  1.099   9.239   1.00 15.36 ? 21   GLU A N   1 
ATOM   163  C  CA  . GLU A 1 21 ? 0.382   0.292   9.752   1.00 17.88 ? 21   GLU A CA  1 
ATOM   164  C  C   . GLU A 1 21 ? 0.305   -1.112  9.169   1.00 18.12 ? 21   GLU A C   1 
ATOM   165  O  O   . GLU A 1 21 ? 1.330   -1.731  8.897   1.00 16.77 ? 21   GLU A O   1 
ATOM   166  C  CB  . GLU A 1 21 ? 0.339   0.215   11.282  1.00 20.37 ? 21   GLU A CB  1 
ATOM   167  C  CG  . GLU A 1 21 ? 1.486   -0.550  11.904  1.00 25.78 ? 21   GLU A CG  1 
ATOM   168  C  CD  . GLU A 1 21 ? 1.256   -0.878  13.369  1.00 28.29 ? 21   GLU A CD  1 
ATOM   169  O  OE1 . GLU A 1 21 ? 0.168   -1.391  13.707  1.00 30.52 ? 21   GLU A OE1 1 
ATOM   170  O  OE2 . GLU A 1 21 ? 2.166   -0.610  14.184  1.00 31.65 ? 21   GLU A OE2 1 
ATOM   171  N  N   . GLU A 1 22 ? -0.913  -1.608  8.968   1.00 17.83 ? 22   GLU A N   1 
ATOM   172  C  CA  . GLU A 1 22 ? -1.106  -2.942  8.413   1.00 17.87 ? 22   GLU A CA  1 
ATOM   173  C  C   . GLU A 1 22 ? -0.768  -2.965  6.928   1.00 17.69 ? 22   GLU A C   1 
ATOM   174  O  O   . GLU A 1 22 ? -0.582  -4.032  6.349   1.00 18.32 ? 22   GLU A O   1 
ATOM   175  C  CB  . GLU A 1 22 ? -2.551  -3.414  8.617   1.00 19.24 ? 22   GLU A CB  1 
ATOM   176  C  CG  . GLU A 1 22 ? -2.998  -3.493  10.071  1.00 22.56 ? 22   GLU A CG  1 
ATOM   177  C  CD  . GLU A 1 22 ? -4.356  -4.158  10.229  1.00 25.03 ? 22   GLU A CD  1 
ATOM   178  O  OE1 . GLU A 1 22 ? -5.206  -3.996  9.330   1.00 25.24 ? 22   GLU A OE1 1 
ATOM   179  O  OE2 . GLU A 1 22 ? -4.577  -4.839  11.255  1.00 26.55 ? 22   GLU A OE2 1 
HETATM 180  N  N   . MSE A 1 23 ? -0.696  -1.781  6.321   1.00 16.37 ? 23   MSE A N   1 
HETATM 181  C  CA  . MSE A 1 23 ? -0.371  -1.639  4.904   1.00 16.28 ? 23   MSE A CA  1 
HETATM 182  C  C   . MSE A 1 23 ? 1.135   -1.422  4.729   1.00 15.99 ? 23   MSE A C   1 
HETATM 183  O  O   . MSE A 1 23 ? 1.652   -1.509  3.619   1.00 17.81 ? 23   MSE A O   1 
HETATM 184  C  CB  . MSE A 1 23 ? -1.116  -0.438  4.293   1.00 17.32 ? 23   MSE A CB  1 
HETATM 185  C  CG  . MSE A 1 23 ? -2.648  -0.543  4.237   1.00 18.91 ? 23   MSE A CG  1 
HETATM 186  SE SE  . MSE A 1 23 ? -3.442  0.966   3.544   1.00 21.18 ? 23   MSE A SE  1 
HETATM 187  C  CE  . MSE A 1 23 ? -3.103  0.746   1.792   1.00 19.56 ? 23   MSE A CE  1 
ATOM   188  N  N   . GLY A 1 24 ? 1.825   -1.124  5.828   1.00 15.10 ? 24   GLY A N   1 
ATOM   189  C  CA  . GLY A 1 24 ? 3.259   -0.885  5.762   1.00 13.53 ? 24   GLY A CA  1 
ATOM   190  C  C   . GLY A 1 24 ? 3.538   0.469   5.135   1.00 13.66 ? 24   GLY A C   1 
ATOM   191  O  O   . GLY A 1 24 ? 4.597   0.698   4.560   1.00 12.07 ? 24   GLY A O   1 
ATOM   192  N  N   . VAL A 1 25 ? 2.573   1.374   5.251   1.00 12.05 ? 25   VAL A N   1 
ATOM   193  C  CA  . VAL A 1 25 ? 2.689   2.712   4.687   1.00 12.51 ? 25   VAL A CA  1 
ATOM   194  C  C   . VAL A 1 25 ? 3.554   3.680   5.493   1.00 12.78 ? 25   VAL A C   1 
ATOM   195  O  O   . VAL A 1 25 ? 3.588   3.631   6.717   1.00 13.85 ? 25   VAL A O   1 
ATOM   196  C  CB  . VAL A 1 25 ? 1.277   3.326   4.489   1.00 14.00 ? 25   VAL A CB  1 
ATOM   197  C  CG1 . VAL A 1 25 ? 1.361   4.843   4.320   1.00 14.47 ? 25   VAL A CG1 1 
ATOM   198  C  CG2 . VAL A 1 25 ? 0.624   2.695   3.273   1.00 16.91 ? 25   VAL A CG2 1 
ATOM   199  N  N   . GLU A 1 26 ? 4.270   4.541   4.778   1.00 12.93 ? 26   GLU A N   1 
ATOM   200  C  CA  . GLU A 1 26 ? 5.117   5.562   5.381   1.00 15.22 ? 26   GLU A CA  1 
ATOM   201  C  C   . GLU A 1 26 ? 4.180   6.752   5.573   1.00 13.72 ? 26   GLU A C   1 
ATOM   202  O  O   . GLU A 1 26 ? 3.817   7.420   4.607   1.00 14.14 ? 26   GLU A O   1 
ATOM   203  C  CB  . GLU A 1 26 ? 6.250   5.935   4.423   1.00 19.37 ? 26   GLU A CB  1 
ATOM   204  C  CG  . GLU A 1 26 ? 7.301   6.866   5.004   1.00 24.48 ? 26   GLU A CG  1 
ATOM   205  C  CD  . GLU A 1 26 ? 8.239   7.408   3.940   1.00 28.84 ? 26   GLU A CD  1 
ATOM   206  O  OE1 . GLU A 1 26 ? 7.771   7.643   2.803   1.00 31.60 ? 26   GLU A OE1 1 
ATOM   207  O  OE2 . GLU A 1 26 ? 9.437   7.604   4.235   1.00 31.06 ? 26   GLU A OE2 1 
ATOM   208  N  N   . LEU A 1 27 ? 3.785   7.009   6.814   1.00 13.37 ? 27   LEU A N   1 
ATOM   209  C  CA  . LEU A 1 27 ? 2.852   8.094   7.109   1.00 14.10 ? 27   LEU A CA  1 
ATOM   210  C  C   . LEU A 1 27 ? 3.256   9.460   6.582   1.00 13.87 ? 27   LEU A C   1 
ATOM   211  O  O   . LEU A 1 27 ? 2.426   10.170  6.021   1.00 11.57 ? 27   LEU A O   1 
ATOM   212  C  CB  . LEU A 1 27 ? 2.606   8.185   8.616   1.00 15.81 ? 27   LEU A CB  1 
ATOM   213  C  CG  . LEU A 1 27 ? 1.956   6.934   9.215   1.00 18.44 ? 27   LEU A CG  1 
ATOM   214  C  CD1 . LEU A 1 27 ? 1.821   7.082   10.720  1.00 19.60 ? 27   LEU A CD1 1 
ATOM   215  C  CD2 . LEU A 1 27 ? 0.599   6.717   8.574   1.00 18.78 ? 27   LEU A CD2 1 
ATOM   216  N  N   . LYS A 1 28 ? 4.520   9.832   6.754   1.00 13.17 ? 28   LYS A N   1 
ATOM   217  C  CA  . LYS A 1 28 ? 4.975   11.143  6.297   1.00 13.88 ? 28   LYS A CA  1 
ATOM   218  C  C   . LYS A 1 28 ? 5.020   11.264  4.779   1.00 12.81 ? 28   LYS A C   1 
ATOM   219  O  O   . LYS A 1 28 ? 5.120   12.368  4.243   1.00 12.98 ? 28   LYS A O   1 
ATOM   220  C  CB  . LYS A 1 28 ? 6.360   11.461  6.876   1.00 15.96 ? 28   LYS A CB  1 
ATOM   221  C  CG  . LYS A 1 28 ? 7.474   10.562  6.363   1.00 18.11 ? 28   LYS A CG  1 
ATOM   222  C  CD  . LYS A 1 28 ? 8.800   10.824  7.086   1.00 21.36 ? 28   LYS A CD  1 
ATOM   223  C  CE  . LYS A 1 28 ? 9.251   12.279  6.993   1.00 24.41 ? 28   LYS A CE  1 
ATOM   224  N  NZ  . LYS A 1 28 ? 9.851   12.646  5.682   1.00 26.22 ? 28   LYS A NZ  1 
ATOM   225  N  N   . GLY A 1 29 ? 4.934   10.133  4.088   1.00 12.43 ? 29   GLY A N   1 
ATOM   226  C  CA  . GLY A 1 29 ? 4.994   10.161  2.641   1.00 11.06 ? 29   GLY A CA  1 
ATOM   227  C  C   . GLY A 1 29 ? 3.666   10.030  1.921   1.00 10.68 ? 29   GLY A C   1 
ATOM   228  O  O   . GLY A 1 29 ? 3.646   9.893   0.701   1.00 9.12  ? 29   GLY A O   1 
ATOM   229  N  N   . VAL A 1 30 ? 2.559   10.073  2.654   1.00 8.76  ? 30   VAL A N   1 
ATOM   230  C  CA  . VAL A 1 30 ? 1.262   9.928   2.003   1.00 7.99  ? 30   VAL A CA  1 
ATOM   231  C  C   . VAL A 1 30 ? 0.201   10.885  2.517   1.00 7.51  ? 30   VAL A C   1 
ATOM   232  O  O   . VAL A 1 30 ? 0.372   11.544  3.537   1.00 6.85  ? 30   VAL A O   1 
ATOM   233  C  CB  . VAL A 1 30 ? 0.689   8.489   2.182   1.00 7.17  ? 30   VAL A CB  1 
ATOM   234  C  CG1 . VAL A 1 30 ? 1.722   7.442   1.774   1.00 7.05  ? 30   VAL A CG1 1 
ATOM   235  C  CG2 . VAL A 1 30 ? 0.238   8.281   3.632   1.00 7.78  ? 30   VAL A CG2 1 
ATOM   236  N  N   . ALA A 1 31 ? -0.893  10.950  1.768   1.00 7.90  ? 31   ALA A N   1 
ATOM   237  C  CA  . ALA A 1 31 ? -2.052  11.744  2.123   1.00 9.12  ? 31   ALA A CA  1 
ATOM   238  C  C   . ALA A 1 31 ? -3.157  10.697  2.154   1.00 9.36  ? 31   ALA A C   1 
ATOM   239  O  O   . ALA A 1 31 ? -3.070  9.675   1.473   1.00 8.88  ? 31   ALA A O   1 
ATOM   240  C  CB  . ALA A 1 31 ? -2.337  12.798  1.065   1.00 10.48 ? 31   ALA A CB  1 
ATOM   241  N  N   . VAL A 1 32 ? -4.189  10.935  2.948   1.00 9.76  ? 32   VAL A N   1 
ATOM   242  C  CA  . VAL A 1 32 ? -5.271  9.969   3.056   1.00 9.18  ? 32   VAL A CA  1 
ATOM   243  C  C   . VAL A 1 32 ? -6.615  10.645  2.857   1.00 10.55 ? 32   VAL A C   1 
ATOM   244  O  O   . VAL A 1 32 ? -6.916  11.632  3.527   1.00 11.10 ? 32   VAL A O   1 
ATOM   245  C  CB  . VAL A 1 32 ? -5.249  9.302   4.444   1.00 8.37  ? 32   VAL A CB  1 
ATOM   246  C  CG1 . VAL A 1 32 ? -6.377  8.290   4.565   1.00 9.53  ? 32   VAL A CG1 1 
ATOM   247  C  CG2 . VAL A 1 32 ? -3.885  8.640   4.676   1.00 8.82  ? 32   VAL A CG2 1 
ATOM   248  N  N   . LEU A 1 33 ? -7.409  10.119  1.925   1.00 10.20 ? 33   LEU A N   1 
ATOM   249  C  CA  . LEU A 1 33 ? -8.772  10.546  1.654   1.00 12.49 ? 33   LEU A CA  1 
ATOM   250  C  C   . LEU A 1 33 ? -9.797  9.677   2.382   1.00 13.07 ? 33   LEU A C   1 
ATOM   251  O  O   . LEU A 1 33 ? -9.903  8.475   2.179   1.00 13.32 ? 33   LEU A O   1 
ATOM   252  C  CB  . LEU A 1 33 ? -9.002  10.471  0.145   1.00 15.34 ? 33   LEU A CB  1 
ATOM   253  C  CG  . LEU A 1 33 ? -8.412  11.674  -0.594  1.00 18.39 ? 33   LEU A CG  1 
ATOM   254  C  CD1 . LEU A 1 33 ? -6.930  11.884  -0.276  1.00 20.92 ? 33   LEU A CD1 1 
ATOM   255  C  CD2 . LEU A 1 33 ? -8.510  11.541  -2.115  1.00 19.78 ? 33   LEU A CD2 1 
ATOM   256  N  N   . LEU A 1 34 ? -10.531 10.332  3.300   1.00 12.47 ? 34   LEU A N   1 
ATOM   257  C  CA  . LEU A 1 34 ? -11.650 9.661   3.952   1.00 13.33 ? 34   LEU A CA  1 
ATOM   258  C  C   . LEU A 1 34 ? -12.966 10.335  3.566   1.00 13.92 ? 34   LEU A C   1 
ATOM   259  O  O   . LEU A 1 34 ? -13.303 11.419  4.022   1.00 15.38 ? 34   LEU A O   1 
ATOM   260  C  CB  . LEU A 1 34 ? -11.444 9.750   5.463   1.00 11.55 ? 34   LEU A CB  1 
ATOM   261  C  CG  . LEU A 1 34 ? -12.597 9.132   6.252   1.00 11.35 ? 34   LEU A CG  1 
ATOM   262  C  CD1 . LEU A 1 34 ? -12.818 7.657   5.911   1.00 10.39 ? 34   LEU A CD1 1 
ATOM   263  C  CD2 . LEU A 1 34 ? -12.370 9.190   7.762   1.00 13.19 ? 34   LEU A CD2 1 
ATOM   264  N  N   . ASN A 1 35 ? -13.703 9.679   2.653   1.00 15.10 ? 35   ASN A N   1 
ATOM   265  C  CA  . ASN A 1 35 ? -14.888 10.329  2.112   1.00 17.48 ? 35   ASN A CA  1 
ATOM   266  C  C   . ASN A 1 35 ? -14.545 11.691  1.502   1.00 18.81 ? 35   ASN A C   1 
ATOM   267  O  O   . ASN A 1 35 ? -13.650 11.828  0.677   1.00 20.15 ? 35   ASN A O   1 
ATOM   268  C  CB  . ASN A 1 35 ? -15.907 10.490  3.243   1.00 15.74 ? 35   ASN A CB  1 
ATOM   269  C  CG  . ASN A 1 35 ? -16.258 9.133   3.794   1.00 14.85 ? 35   ASN A CG  1 
ATOM   270  O  OD1 . ASN A 1 35 ? -16.248 8.126   3.092   1.00 14.64 ? 35   ASN A OD1 1 
ATOM   271  N  ND2 . ASN A 1 35 ? -16.576 9.115   5.100   1.00 14.89 ? 35   ASN A ND2 1 
ATOM   272  N  N   . GLU A 1 36 ? -15.312 12.716  1.913   1.00 20.58 ? 36   GLU A N   1 
ATOM   273  C  CA  . GLU A 1 36 ? -15.092 14.047  1.355   1.00 23.80 ? 36   GLU A CA  1 
ATOM   274  C  C   . GLU A 1 36 ? -14.020 14.807  2.144   1.00 23.96 ? 36   GLU A C   1 
ATOM   275  O  O   . GLU A 1 36 ? -14.049 16.026  2.262   1.00 24.74 ? 36   GLU A O   1 
ATOM   276  C  CB  . GLU A 1 36 ? -16.416 14.811  1.398   1.00 26.30 ? 36   GLU A CB  1 
ATOM   277  C  CG  . GLU A 1 36 ? -17.623 13.876  1.479   1.00 30.36 ? 36   GLU A CG  1 
ATOM   278  C  CD  . GLU A 1 36 ? -17.825 13.438  2.912   1.00 32.55 ? 36   GLU A CD  1 
ATOM   279  O  OE1 . GLU A 1 36 ? -18.884 12.911  3.221   1.00 34.26 ? 36   GLU A OE1 1 
ATOM   280  O  OE2 . GLU A 1 36 ? -16.914 13.637  3.715   1.00 33.30 ? 36   GLU A OE2 1 
ATOM   281  N  N   . GLU A 1 37 ? -13.070 14.048  2.722   1.00 22.87 ? 37   GLU A N   1 
ATOM   282  C  CA  . GLU A 1 37 ? -12.021 14.694  3.504   1.00 20.77 ? 37   GLU A CA  1 
ATOM   283  C  C   . GLU A 1 37 ? -10.629 14.160  3.153   1.00 18.57 ? 37   GLU A C   1 
ATOM   284  O  O   . GLU A 1 37 ? -10.451 13.002  2.799   1.00 19.19 ? 37   GLU A O   1 
ATOM   285  C  CB  . GLU A 1 37 ? -12.313 14.456  4.987   1.00 22.29 ? 37   GLU A CB  1 
ATOM   286  C  CG  . GLU A 1 37 ? -12.008 15.684  5.843   1.00 25.45 ? 37   GLU A CG  1 
ATOM   287  C  CD  . GLU A 1 37 ? -12.951 15.723  7.023   1.00 26.15 ? 37   GLU A CD  1 
ATOM   288  O  OE1 . GLU A 1 37 ? -13.256 14.670  7.567   1.00 24.98 ? 37   GLU A OE1 1 
ATOM   289  O  OE2 . GLU A 1 37 ? -13.372 16.817  7.397   1.00 27.82 ? 37   GLU A OE2 1 
ATOM   290  N  N   . ALA A 1 38 ? -9.634  15.028  3.318   1.00 14.70 ? 38   ALA A N   1 
ATOM   291  C  CA  . ALA A 1 38 ? -8.240  14.640  3.122   1.00 12.86 ? 38   ALA A CA  1 
ATOM   292  C  C   . ALA A 1 38 ? -7.383  14.955  4.350   1.00 12.82 ? 38   ALA A C   1 
ATOM   293  O  O   . ALA A 1 38 ? -7.584  15.932  5.062   1.00 12.64 ? 38   ALA A O   1 
ATOM   294  C  CB  . ALA A 1 38 ? -7.699  15.390  1.902   1.00 14.40 ? 38   ALA A CB  1 
ATOM   295  N  N   . PHE A 1 39 ? -6.418  14.052  4.609   1.00 10.60 ? 39   PHE A N   1 
ATOM   296  C  CA  . PHE A 1 39 ? -5.475  14.271  5.708   1.00 10.10 ? 39   PHE A CA  1 
ATOM   297  C  C   . PHE A 1 39 ? -4.064  13.859  5.298   1.00 11.01 ? 39   PHE A C   1 
ATOM   298  O  O   . PHE A 1 39 ? -3.860  12.951  4.502   1.00 12.25 ? 39   PHE A O   1 
ATOM   299  C  CB  . PHE A 1 39 ? -5.897  13.385  6.884   1.00 8.99  ? 39   PHE A CB  1 
ATOM   300  C  CG  . PHE A 1 39 ? -7.311  13.669  7.282   1.00 9.21  ? 39   PHE A CG  1 
ATOM   301  C  CD1 . PHE A 1 39 ? -7.567  14.706  8.170   1.00 11.78 ? 39   PHE A CD1 1 
ATOM   302  C  CD2 . PHE A 1 39 ? -8.337  12.837  6.865   1.00 10.60 ? 39   PHE A CD2 1 
ATOM   303  C  CE1 . PHE A 1 39 ? -8.857  14.916  8.629   1.00 10.91 ? 39   PHE A CE1 1 
ATOM   304  C  CE2 . PHE A 1 39 ? -9.631  13.055  7.329   1.00 10.26 ? 39   PHE A CE2 1 
ATOM   305  C  CZ  . PHE A 1 39 ? -9.898  14.103  8.203   1.00 10.93 ? 39   PHE A CZ  1 
ATOM   306  N  N   . LEU A 1 40 ? -3.069  14.567  5.851   1.00 9.96  ? 40   LEU A N   1 
ATOM   307  C  CA  . LEU A 1 40 ? -1.724  14.032  5.762   1.00 10.28 ? 40   LEU A CA  1 
ATOM   308  C  C   . LEU A 1 40 ? -1.643  12.739  6.577   1.00 10.94 ? 40   LEU A C   1 
ATOM   309  O  O   . LEU A 1 40 ? -2.393  12.524  7.520   1.00 10.43 ? 40   LEU A O   1 
ATOM   310  C  CB  . LEU A 1 40 ? -0.743  15.067  6.322   1.00 10.77 ? 40   LEU A CB  1 
ATOM   311  C  CG  . LEU A 1 40 ? -0.541  16.262  5.385   1.00 11.82 ? 40   LEU A CG  1 
ATOM   312  C  CD1 . LEU A 1 40 ? 0.420   17.300  5.966   1.00 13.01 ? 40   LEU A CD1 1 
ATOM   313  C  CD2 . LEU A 1 40 ? 0.033   15.865  4.022   1.00 14.50 ? 40   LEU A CD2 1 
ATOM   314  N  N   . GLY A 1 41 ? -0.743  11.827  6.168   1.00 10.06 ? 41   GLY A N   1 
ATOM   315  C  CA  . GLY A 1 41 ? -0.671  10.540  6.857   1.00 11.46 ? 41   GLY A CA  1 
ATOM   316  C  C   . GLY A 1 41 ? -0.448  10.708  8.362   1.00 12.07 ? 41   GLY A C   1 
ATOM   317  O  O   . GLY A 1 41 ? -0.895  9.916   9.184   1.00 12.54 ? 41   GLY A O   1 
ATOM   318  N  N   . LEU A 1 42 ? 0.304   11.766  8.712   1.00 11.65 ? 42   LEU A N   1 
ATOM   319  C  CA  . LEU A 1 42 ? 0.658   11.971  10.113  1.00 12.85 ? 42   LEU A CA  1 
ATOM   320  C  C   . LEU A 1 42 ? -0.476  12.627  10.907  1.00 14.14 ? 42   LEU A C   1 
ATOM   321  O  O   . LEU A 1 42 ? -0.413  12.783  12.120  1.00 15.74 ? 42   LEU A O   1 
ATOM   322  C  CB  . LEU A 1 42 ? 1.899   12.860  10.164  1.00 14.13 ? 42   LEU A CB  1 
ATOM   323  C  CG  . LEU A 1 42 ? 3.172   12.124  9.740   1.00 15.60 ? 42   LEU A CG  1 
ATOM   324  C  CD1 . LEU A 1 42 ? 4.375   13.062  9.628   1.00 16.89 ? 42   LEU A CD1 1 
ATOM   325  C  CD2 . LEU A 1 42 ? 3.577   11.025  10.723  1.00 15.67 ? 42   LEU A CD2 1 
ATOM   326  N  N   . GLU A 1 43 ? -1.524  13.057  10.181  1.00 13.32 ? 43   GLU A N   1 
ATOM   327  C  CA  . GLU A 1 43 ? -2.583  13.811  10.846  1.00 13.91 ? 43   GLU A CA  1 
ATOM   328  C  C   . GLU A 1 43 ? -3.973  13.223  10.587  1.00 13.24 ? 43   GLU A C   1 
ATOM   329  O  O   . GLU A 1 43 ? -4.977  13.924  10.575  1.00 13.79 ? 43   GLU A O   1 
ATOM   330  C  CB  . GLU A 1 43 ? -2.522  15.251  10.339  1.00 14.92 ? 43   GLU A CB  1 
ATOM   331  C  CG  . GLU A 1 43 ? -1.219  15.946  10.732  1.00 16.75 ? 43   GLU A CG  1 
ATOM   332  C  CD  . GLU A 1 43 ? -1.350  17.430  10.480  1.00 20.26 ? 43   GLU A CD  1 
ATOM   333  O  OE1 . GLU A 1 43 ? -1.802  17.803  9.406   1.00 19.53 ? 43   GLU A OE1 1 
ATOM   334  O  OE2 . GLU A 1 43 ? -1.003  18.206  11.369  1.00 22.15 ? 43   GLU A OE2 1 
ATOM   335  N  N   . VAL A 1 44 ? -4.014  11.902  10.344  1.00 12.86 ? 44   VAL A N   1 
ATOM   336  C  CA  . VAL A 1 44 ? -5.307  11.260  10.157  1.00 12.05 ? 44   VAL A CA  1 
ATOM   337  C  C   . VAL A 1 44 ? -6.105  11.229  11.464  1.00 13.46 ? 44   VAL A C   1 
ATOM   338  O  O   . VAL A 1 44 ? -5.554  11.198  12.556  1.00 13.11 ? 44   VAL A O   1 
ATOM   339  C  CB  . VAL A 1 44 ? -5.064  9.835   9.658   1.00 12.33 ? 44   VAL A CB  1 
ATOM   340  C  CG1 . VAL A 1 44 ? -4.612  9.867   8.199   1.00 11.57 ? 44   VAL A CG1 1 
ATOM   341  C  CG2 . VAL A 1 44 ? -3.990  9.170   10.499  1.00 12.41 ? 44   VAL A CG2 1 
ATOM   342  N  N   . PRO A 1 45 ? -7.445  11.286  11.354  1.00 12.95 ? 45   PRO A N   1 
ATOM   343  C  CA  . PRO A 1 45 ? -8.304  11.318  12.527  1.00 14.54 ? 45   PRO A CA  1 
ATOM   344  C  C   . PRO A 1 45 ? -8.343  9.961   13.235  1.00 16.19 ? 45   PRO A C   1 
ATOM   345  O  O   . PRO A 1 45 ? -7.978  8.933   12.679  1.00 15.29 ? 45   PRO A O   1 
ATOM   346  C  CB  . PRO A 1 45 ? -9.704  11.697  12.054  1.00 14.75 ? 45   PRO A CB  1 
ATOM   347  C  CG  . PRO A 1 45 ? -9.792  11.369  10.566  1.00 14.13 ? 45   PRO A CG  1 
ATOM   348  C  CD  . PRO A 1 45 ? -8.248  11.325  10.140  1.00 13.94 ? 45   PRO A CD  1 
ATOM   349  N  N   . ASP A 1 46 ? -8.812  9.918   14.479  1.00 18.04 ? 46   ASP A N   1 
ATOM   350  C  CA  . ASP A 1 46 ? -8.893  8.662   15.220  1.00 20.95 ? 46   ASP A CA  1 
ATOM   351  C  C   . ASP A 1 46 ? -10.271 8.003   15.189  1.00 21.11 ? 46   ASP A C   1 
ATOM   352  O  O   . ASP A 1 46 ? -10.475 6.957   15.806  1.00 20.07 ? 46   ASP A O   1 
ATOM   353  C  CB  . ASP A 1 46 ? -8.465  8.888   16.671  1.00 24.91 ? 46   ASP A CB  1 
ATOM   354  C  CG  . ASP A 1 46 ? -6.982  9.172   16.797  1.00 27.58 ? 46   ASP A CG  1 
ATOM   355  O  OD1 . ASP A 1 46 ? -6.180  8.307   16.387  1.00 31.30 ? 46   ASP A OD1 1 
ATOM   356  O  OD2 . ASP A 1 46 ? -6.618  10.256  17.300  1.00 30.50 ? 46   ASP A OD2 1 
ATOM   357  N  N   . ARG A 1 47 ? -11.207 8.608   14.465  1.00 21.56 ? 47   ARG A N   1 
ATOM   358  C  CA  . ARG A 1 47 ? -12.560 8.067   14.358  1.00 21.81 ? 47   ARG A CA  1 
ATOM   359  C  C   . ARG A 1 47 ? -12.532 6.673   13.736  1.00 21.89 ? 47   ARG A C   1 
ATOM   360  O  O   . ARG A 1 47 ? -11.946 6.468   12.672  1.00 22.44 ? 47   ARG A O   1 
ATOM   361  C  CB  . ARG A 1 47 ? -13.425 8.998   13.503  1.00 23.23 ? 47   ARG A CB  1 
ATOM   362  C  CG  . ARG A 1 47 ? -12.983 9.079   12.046  1.00 25.63 ? 47   ARG A CG  1 
ATOM   363  C  CD  . ARG A 1 47 ? -13.565 10.283  11.323  1.00 27.25 ? 47   ARG A CD  1 
ATOM   364  N  NE  . ARG A 1 47 ? -13.029 11.543  11.834  1.00 29.52 ? 47   ARG A NE  1 
ATOM   365  C  CZ  . ARG A 1 47 ? -13.057 12.693  11.164  1.00 30.15 ? 47   ARG A CZ  1 
ATOM   366  N  NH1 . ARG A 1 47 ? -13.735 12.783  10.030  1.00 30.87 ? 47   ARG A NH1 1 
ATOM   367  N  NH2 . ARG A 1 47 ? -12.399 13.750  11.623  1.00 30.91 ? 47   ARG A NH2 1 
ATOM   368  N  N   . PRO A 1 48 ? -13.152 5.686   14.403  1.00 20.80 ? 48   PRO A N   1 
ATOM   369  C  CA  . PRO A 1 48 ? -13.158 4.329   13.849  1.00 19.08 ? 48   PRO A CA  1 
ATOM   370  C  C   . PRO A 1 48 ? -13.830 4.326   12.482  1.00 17.12 ? 48   PRO A C   1 
ATOM   371  O  O   . PRO A 1 48 ? -14.783 5.071   12.254  1.00 17.20 ? 48   PRO A O   1 
ATOM   372  C  CB  . PRO A 1 48 ? -13.964 3.539   14.881  1.00 20.68 ? 48   PRO A CB  1 
ATOM   373  C  CG  . PRO A 1 48 ? -13.657 4.260   16.161  1.00 22.08 ? 48   PRO A CG  1 
ATOM   374  C  CD  . PRO A 1 48 ? -13.766 5.710   15.741  1.00 20.76 ? 48   PRO A CD  1 
ATOM   375  N  N   . LEU A 1 49 ? -13.324 3.497   11.572  1.00 15.98 ? 49   LEU A N   1 
ATOM   376  C  CA  . LEU A 1 49 ? -13.901 3.401   10.235  1.00 14.70 ? 49   LEU A CA  1 
ATOM   377  C  C   . LEU A 1 49 ? -15.295 2.792   10.334  1.00 15.52 ? 49   LEU A C   1 
ATOM   378  O  O   . LEU A 1 49 ? -15.551 1.956   11.194  1.00 15.45 ? 49   LEU A O   1 
ATOM   379  C  CB  . LEU A 1 49 ? -12.999 2.547   9.340   1.00 13.06 ? 49   LEU A CB  1 
ATOM   380  C  CG  . LEU A 1 49 ? -11.692 3.249   8.963   1.00 11.27 ? 49   LEU A CG  1 
ATOM   381  C  CD1 . LEU A 1 49 ? -10.741 2.265   8.310   1.00 10.60 ? 49   LEU A CD1 1 
ATOM   382  C  CD2 . LEU A 1 49 ? -12.002 4.420   8.029   1.00 10.24 ? 49   LEU A CD2 1 
ATOM   383  N  N   . ARG A 1 50 ? -16.192 3.229   9.455   1.00 16.42 ? 50   ARG A N   1 
ATOM   384  C  CA  . ARG A 1 50 ? -17.570 2.749   9.445   1.00 16.51 ? 50   ARG A CA  1 
ATOM   385  C  C   . ARG A 1 50 ? -17.917 2.113   8.098   1.00 17.50 ? 50   ARG A C   1 
ATOM   386  O  O   . ARG A 1 50 ? -17.290 2.409   7.082   1.00 15.56 ? 50   ARG A O   1 
ATOM   387  C  CB  . ARG A 1 50 ? -18.525 3.919   9.705   1.00 18.17 ? 50   ARG A CB  1 
ATOM   388  C  CG  . ARG A 1 50 ? -18.355 4.593   11.059  1.00 20.33 ? 50   ARG A CG  1 
ATOM   389  C  CD  . ARG A 1 50 ? -18.982 5.984   11.080  1.00 22.28 ? 50   ARG A CD  1 
ATOM   390  N  NE  . ARG A 1 50 ? -20.422 5.974   10.820  1.00 25.46 ? 50   ARG A NE  1 
ATOM   391  C  CZ  . ARG A 1 50 ? -21.344 5.604   11.705  1.00 26.53 ? 50   ARG A CZ  1 
ATOM   392  N  NH1 . ARG A 1 50 ? -20.983 5.209   12.919  1.00 27.72 ? 50   ARG A NH1 1 
ATOM   393  N  NH2 . ARG A 1 50 ? -22.628 5.630   11.377  1.00 26.40 ? 50   ARG A NH2 1 
ATOM   394  N  N   . ASP A 1 51 ? -18.923 1.242   8.096   1.00 18.30 ? 51   ASP A N   1 
ATOM   395  C  CA  . ASP A 1 51 ? -19.359 0.606   6.859   1.00 20.64 ? 51   ASP A CA  1 
ATOM   396  C  C   . ASP A 1 51 ? -19.680 1.703   5.854   1.00 20.43 ? 51   ASP A C   1 
ATOM   397  O  O   . ASP A 1 51 ? -20.252 2.730   6.220   1.00 20.94 ? 51   ASP A O   1 
ATOM   398  C  CB  . ASP A 1 51 ? -20.609 -0.246  7.107   1.00 24.27 ? 51   ASP A CB  1 
ATOM   399  C  CG  . ASP A 1 51 ? -21.206 -0.791  5.821   1.00 28.62 ? 51   ASP A CG  1 
ATOM   400  O  OD1 . ASP A 1 51 ? -20.491 -1.505  5.087   1.00 31.13 ? 51   ASP A OD1 1 
ATOM   401  O  OD2 . ASP A 1 51 ? -22.391 -0.504  5.542   1.00 31.39 ? 51   ASP A OD2 1 
ATOM   402  N  N   . GLY A 1 52 ? -19.298 1.494   4.597   1.00 19.08 ? 52   GLY A N   1 
ATOM   403  C  CA  . GLY A 1 52 ? -19.572 2.481   3.568   1.00 18.83 ? 52   GLY A CA  1 
ATOM   404  C  C   . GLY A 1 52 ? -18.485 3.520   3.379   1.00 17.91 ? 52   GLY A C   1 
ATOM   405  O  O   . GLY A 1 52 ? -18.487 4.235   2.377   1.00 19.50 ? 52   GLY A O   1 
ATOM   406  N  N   . ASP A 1 53 ? -17.563 3.621   4.334   1.00 16.44 ? 53   ASP A N   1 
ATOM   407  C  CA  . ASP A 1 53 ? -16.480 4.592   4.221   1.00 15.12 ? 53   ASP A CA  1 
ATOM   408  C  C   . ASP A 1 53 ? -15.619 4.279   3.009   1.00 13.81 ? 53   ASP A C   1 
ATOM   409  O  O   . ASP A 1 53 ? -15.424 3.116   2.652   1.00 13.82 ? 53   ASP A O   1 
ATOM   410  C  CB  . ASP A 1 53 ? -15.602 4.602   5.480   1.00 16.02 ? 53   ASP A CB  1 
ATOM   411  C  CG  . ASP A 1 53 ? -16.081 5.603   6.520   1.00 18.65 ? 53   ASP A CG  1 
ATOM   412  O  OD1 . ASP A 1 53 ? -16.904 6.478   6.184   1.00 21.71 ? 53   ASP A OD1 1 
ATOM   413  O  OD2 . ASP A 1 53 ? -15.617 5.526   7.674   1.00 18.63 ? 53   ASP A OD2 1 
ATOM   414  N  N   . VAL A 1 54 ? -15.130 5.332   2.368   1.00 12.56 ? 54   VAL A N   1 
ATOM   415  C  CA  . VAL A 1 54 ? -14.273 5.191   1.201   1.00 13.09 ? 54   VAL A CA  1 
ATOM   416  C  C   . VAL A 1 54 ? -12.926 5.794   1.570   1.00 12.81 ? 54   VAL A C   1 
ATOM   417  O  O   . VAL A 1 54 ? -12.829 6.980   1.892   1.00 13.31 ? 54   VAL A O   1 
ATOM   418  C  CB  . VAL A 1 54 ? -14.871 5.926   -0.021  1.00 13.59 ? 54   VAL A CB  1 
ATOM   419  C  CG1 . VAL A 1 54 ? -13.925 5.833   -1.202  1.00 14.20 ? 54   VAL A CG1 1 
ATOM   420  C  CG2 . VAL A 1 54 ? -16.222 5.307   -0.389  1.00 14.29 ? 54   VAL A CG2 1 
ATOM   421  N  N   . VAL A 1 55 ? -11.887 4.969   1.542   1.00 12.05 ? 55   VAL A N   1 
ATOM   422  C  CA  . VAL A 1 55 ? -10.556 5.429   1.895   1.00 11.80 ? 55   VAL A CA  1 
ATOM   423  C  C   . VAL A 1 55 ? -9.585  5.284   0.738   1.00 11.80 ? 55   VAL A C   1 
ATOM   424  O  O   . VAL A 1 55 ? -9.530  4.241   0.087   1.00 12.42 ? 55   VAL A O   1 
ATOM   425  C  CB  . VAL A 1 55 ? -9.994  4.629   3.095   1.00 11.63 ? 55   VAL A CB  1 
ATOM   426  C  CG1 . VAL A 1 55 ? -8.664  5.220   3.539   1.00 13.21 ? 55   VAL A CG1 1 
ATOM   427  C  CG2 . VAL A 1 55 ? -10.998 4.624   4.236   1.00 11.40 ? 55   VAL A CG2 1 
ATOM   428  N  N   . GLU A 1 56 ? -8.835  6.349   0.481   1.00 11.25 ? 56   GLU A N   1 
ATOM   429  C  CA  . GLU A 1 56 ? -7.830  6.345   -0.568  1.00 11.95 ? 56   GLU A CA  1 
ATOM   430  C  C   . GLU A 1 56 ? -6.511  6.771   0.063   1.00 12.11 ? 56   GLU A C   1 
ATOM   431  O  O   . GLU A 1 56 ? -6.424  7.839   0.676   1.00 12.53 ? 56   GLU A O   1 
ATOM   432  C  CB  . GLU A 1 56 ? -8.190  7.338   -1.679  1.00 14.22 ? 56   GLU A CB  1 
ATOM   433  C  CG  . GLU A 1 56 ? -9.416  6.986   -2.519  1.00 17.57 ? 56   GLU A CG  1 
ATOM   434  C  CD  . GLU A 1 56 ? -9.228  5.741   -3.375  1.00 20.72 ? 56   GLU A CD  1 
ATOM   435  O  OE1 . GLU A 1 56 ? -8.092  5.478   -3.829  1.00 23.28 ? 56   GLU A OE1 1 
ATOM   436  O  OE2 . GLU A 1 56 ? -10.227 5.030   -3.614  1.00 25.08 ? 56   GLU A OE2 1 
ATOM   437  N  N   . VAL A 1 57 ? -5.493  5.929   -0.068  1.00 11.85 ? 57   VAL A N   1 
ATOM   438  C  CA  . VAL A 1 57 ? -4.172  6.246   0.461   1.00 11.35 ? 57   VAL A CA  1 
ATOM   439  C  C   . VAL A 1 57 ? -3.332  6.576   -0.769  1.00 11.24 ? 57   VAL A C   1 
ATOM   440  O  O   . VAL A 1 57 ? -3.149  5.724   -1.643  1.00 13.32 ? 57   VAL A O   1 
ATOM   441  C  CB  . VAL A 1 57 ? -3.544  5.041   1.205   1.00 10.52 ? 57   VAL A CB  1 
ATOM   442  C  CG1 . VAL A 1 57 ? -2.173  5.431   1.760   1.00 12.65 ? 57   VAL A CG1 1 
ATOM   443  C  CG2 . VAL A 1 57 ? -4.454  4.591   2.333   1.00 12.04 ? 57   VAL A CG2 1 
ATOM   444  N  N   . VAL A 1 58 ? -2.846  7.814   -0.847  1.00 10.13 ? 58   VAL A N   1 
ATOM   445  C  CA  . VAL A 1 58 ? -2.060  8.254   -1.993  1.00 10.06 ? 58   VAL A CA  1 
ATOM   446  C  C   . VAL A 1 58 ? -0.654  8.739   -1.651  1.00 9.83  ? 58   VAL A C   1 
ATOM   447  O  O   . VAL A 1 58 ? -0.463  9.572   -0.764  1.00 10.31 ? 58   VAL A O   1 
ATOM   448  C  CB  . VAL A 1 58 ? -2.790  9.385   -2.758  1.00 10.88 ? 58   VAL A CB  1 
ATOM   449  C  CG1 . VAL A 1 58 ? -4.144  8.882   -3.259  1.00 14.12 ? 58   VAL A CG1 1 
ATOM   450  C  CG2 . VAL A 1 58 ? -2.979  10.594  -1.852  1.00 11.40 ? 58   VAL A CG2 1 
ATOM   451  N  N   . ALA A 1 59 ? 0.330   8.217   -2.374  1.00 8.77  ? 59   ALA A N   1 
ATOM   452  C  CA  . ALA A 1 59 ? 1.712   8.610   -2.146  1.00 8.85  ? 59   ALA A CA  1 
ATOM   453  C  C   . ALA A 1 59 ? 1.954   10.008  -2.710  1.00 8.63  ? 59   ALA A C   1 
ATOM   454  O  O   . ALA A 1 59 ? 1.579   10.307  -3.850  1.00 9.39  ? 59   ALA A O   1 
ATOM   455  C  CB  . ALA A 1 59 ? 2.664   7.606   -2.803  1.00 8.84  ? 59   ALA A CB  1 
ATOM   456  N  N   . LEU A 1 60 ? 2.577   10.857  -1.899  1.00 8.43  ? 60   LEU A N   1 
ATOM   457  C  CA  . LEU A 1 60 ? 2.894   12.223  -2.295  1.00 9.10  ? 60   LEU A CA  1 
ATOM   458  C  C   . LEU A 1 60 ? 4.151   12.206  -3.158  1.00 11.92 ? 60   LEU A C   1 
ATOM   459  O  O   . LEU A 1 60 ? 5.241   11.876  -2.686  1.00 11.95 ? 60   LEU A O   1 
ATOM   460  C  CB  . LEU A 1 60 ? 3.108   13.090  -1.053  1.00 8.98  ? 60   LEU A CB  1 
ATOM   461  C  CG  . LEU A 1 60 ? 1.865   13.246  -0.170  1.00 11.39 ? 60   LEU A CG  1 
ATOM   462  C  CD1 . LEU A 1 60 ? 2.218   14.003  1.104   1.00 11.79 ? 60   LEU A CD1 1 
ATOM   463  C  CD2 . LEU A 1 60 ? 0.771   13.974  -0.946  1.00 10.46 ? 60   LEU A CD2 1 
HETATM 464  N  N   . MSE A 1 61 ? 3.991   12.564  -4.428  1.00 12.56 ? 61   MSE A N   1 
HETATM 465  C  CA  . MSE A 1 61 ? 5.112   12.552  -5.356  1.00 16.70 ? 61   MSE A CA  1 
HETATM 466  C  C   . MSE A 1 61 ? 5.693   13.951  -5.570  1.00 17.07 ? 61   MSE A C   1 
HETATM 467  O  O   . MSE A 1 61 ? 5.142   14.943  -5.096  1.00 15.71 ? 61   MSE A O   1 
HETATM 468  C  CB  . MSE A 1 61 ? 4.655   11.946  -6.690  1.00 18.96 ? 61   MSE A CB  1 
HETATM 469  C  CG  . MSE A 1 61 ? 3.811   10.656  -6.557  1.00 22.53 ? 61   MSE A CG  1 
HETATM 470  SE SE  . MSE A 1 61 ? 4.666   9.218   -5.772  1.00 28.90 ? 61   MSE A SE  1 
HETATM 471  C  CE  . MSE A 1 61 ? 5.950   8.949   -6.947  1.00 26.06 ? 61   MSE A CE  1 
ATOM   472  N  N   . GLN A 1 62 ? 6.820   14.027  -6.269  1.00 19.21 ? 62   GLN A N   1 
ATOM   473  C  CA  . GLN A 1 62 ? 7.409   15.323  -6.539  1.00 22.72 ? 62   GLN A CA  1 
ATOM   474  C  C   . GLN A 1 62 ? 7.190   15.700  -7.994  1.00 23.23 ? 62   GLN A C   1 
ATOM   475  O  O   . GLN A 1 62 ? 7.598   15.001  -8.912  1.00 24.50 ? 62   GLN A O   1 
ATOM   476  C  CB  . GLN A 1 62 ? 8.907   15.239  -6.242  1.00 24.88 ? 62   GLN A CB  1 
ATOM   477  C  CG  . GLN A 1 62 ? 9.322   16.126  -5.068  1.00 29.47 ? 62   GLN A CG  1 
ATOM   478  C  CD  . GLN A 1 62 ? 9.151   17.578  -5.449  1.00 32.02 ? 62   GLN A CD  1 
ATOM   479  O  OE1 . GLN A 1 62 ? 8.573   17.936  -6.462  1.00 33.77 ? 62   GLN A OE1 1 
ATOM   480  N  NE2 . GLN A 1 62 ? 9.702   18.439  -4.570  1.00 32.82 ? 62   GLN A NE2 1 
ATOM   481  N  N   . GLY A 1 63 ? 6.509   16.823  -8.190  1.00 24.75 ? 63   GLY A N   1 
ATOM   482  C  CA  . GLY A 1 63 ? 6.202   17.287  -9.530  1.00 25.64 ? 63   GLY A CA  1 
ATOM   483  C  C   . GLY A 1 63 ? 7.426   17.637  -10.353 1.00 27.03 ? 63   GLY A C   1 
ATOM   484  O  O   . GLY A 1 63 ? 7.625   17.015  -11.418 1.00 28.24 ? 63   GLY A O   1 
HETATM 485  N  N   . MSE B 1 1  ? 0.432   -7.439  -18.561 1.00 27.58 ? 1    MSE B N   1 
HETATM 486  C  CA  . MSE B 1 1  ? -0.122  -6.987  -17.290 1.00 26.86 ? 1    MSE B CA  1 
HETATM 487  C  C   . MSE B 1 1  ? 0.623   -7.599  -16.102 1.00 23.97 ? 1    MSE B C   1 
HETATM 488  O  O   . MSE B 1 1  ? 1.143   -8.705  -16.166 1.00 22.91 ? 1    MSE B O   1 
HETATM 489  C  CB  . MSE B 1 1  ? -1.597  -7.387  -17.243 1.00 31.61 ? 1    MSE B CB  1 
HETATM 490  C  CG  . MSE B 1 1  ? -2.444  -6.409  -16.425 1.00 37.57 ? 1    MSE B CG  1 
HETATM 491  SE SE  . MSE B 1 1  ? -3.215  -5.152  -17.452 1.00 49.69 ? 1    MSE B SE  1 
HETATM 492  C  CE  . MSE B 1 1  ? -3.071  -3.773  -16.306 1.00 41.47 ? 1    MSE B CE  1 
ATOM   493  N  N   . VAL B 1 2  ? 0.757   -6.795  -15.030 1.00 20.74 ? 2    VAL B N   1 
ATOM   494  C  CA  . VAL B 1 2  ? 1.438   -7.282  -13.837 1.00 19.16 ? 2    VAL B CA  1 
ATOM   495  C  C   . VAL B 1 2  ? 0.469   -7.419  -12.662 1.00 19.00 ? 2    VAL B C   1 
ATOM   496  O  O   . VAL B 1 2  ? -0.317  -6.529  -12.363 1.00 18.67 ? 2    VAL B O   1 
ATOM   497  C  CB  . VAL B 1 2  ? 2.549   -6.293  -13.479 1.00 17.97 ? 2    VAL B CB  1 
ATOM   498  C  CG1 . VAL B 1 2  ? 3.285   -6.772  -12.230 1.00 18.65 ? 2    VAL B CG1 1 
ATOM   499  C  CG2 . VAL B 1 2  ? 3.536   -6.186  -14.625 1.00 17.62 ? 2    VAL B CG2 1 
ATOM   500  N  N   . TRP B 1 3  ? 0.489   -8.554  -11.974 1.00 18.64 ? 3    TRP B N   1 
ATOM   501  C  CA  . TRP B 1 3  ? -0.440  -8.718  -10.852 1.00 20.01 ? 3    TRP B CA  1 
ATOM   502  C  C   . TRP B 1 3  ? 0.167   -8.229  -9.529  1.00 19.73 ? 3    TRP B C   1 
ATOM   503  O  O   . TRP B 1 3  ? 1.183   -8.716  -9.057  1.00 19.26 ? 3    TRP B O   1 
ATOM   504  C  CB  . TRP B 1 3  ? -0.818  -10.199 -10.735 1.00 23.82 ? 3    TRP B CB  1 
ATOM   505  C  CG  . TRP B 1 3  ? -1.450  -10.687 -11.987 1.00 28.84 ? 3    TRP B CG  1 
ATOM   506  C  CD1 . TRP B 1 3  ? -0.783  -11.212 -13.118 1.00 30.48 ? 3    TRP B CD1 1 
ATOM   507  C  CD2 . TRP B 1 3  ? -2.869  -10.787 -12.262 1.00 30.93 ? 3    TRP B CD2 1 
ATOM   508  N  NE1 . TRP B 1 3  ? -1.643  -11.630 -14.080 1.00 32.43 ? 3    TRP B NE1 1 
ATOM   509  C  CE2 . TRP B 1 3  ? -3.001  -11.349 -13.559 1.00 32.39 ? 3    TRP B CE2 1 
ATOM   510  C  CE3 . TRP B 1 3  ? -4.013  -10.445 -11.548 1.00 32.40 ? 3    TRP B CE3 1 
ATOM   511  C  CZ2 . TRP B 1 3  ? -4.258  -11.542 -14.107 1.00 33.35 ? 3    TRP B CZ2 1 
ATOM   512  C  CZ3 . TRP B 1 3  ? -5.271  -10.643 -12.093 1.00 33.27 ? 3    TRP B CZ3 1 
ATOM   513  C  CH2 . TRP B 1 3  ? -5.391  -11.187 -13.386 1.00 33.88 ? 3    TRP B CH2 1 
ATOM   514  N  N   . LEU B 1 4  ? -0.479  -7.200  -8.947  1.00 17.97 ? 4    LEU B N   1 
ATOM   515  C  CA  . LEU B 1 4  ? 0.041   -6.626  -7.710  1.00 18.07 ? 4    LEU B CA  1 
ATOM   516  C  C   . LEU B 1 4  ? -0.928  -6.834  -6.541  1.00 18.48 ? 4    LEU B C   1 
ATOM   517  O  O   . LEU B 1 4  ? -1.975  -6.209  -6.438  1.00 18.30 ? 4    LEU B O   1 
ATOM   518  C  CB  . LEU B 1 4  ? 0.269   -5.133  -7.944  1.00 18.18 ? 4    LEU B CB  1 
ATOM   519  C  CG  . LEU B 1 4  ? 0.734   -4.406  -6.676  1.00 18.20 ? 4    LEU B CG  1 
ATOM   520  C  CD1 . LEU B 1 4  ? 2.135   -4.828  -6.232  1.00 17.53 ? 4    LEU B CD1 1 
ATOM   521  C  CD2 . LEU B 1 4  ? 0.775   -2.887  -6.843  1.00 17.98 ? 4    LEU B CD2 1 
ATOM   522  N  N   . ASN B 1 5  ? -0.560  -7.780  -5.660  1.00 17.18 ? 5    ASN B N   1 
ATOM   523  C  CA  . ASN B 1 5  ? -1.459  -8.129  -4.567  1.00 18.96 ? 5    ASN B CA  1 
ATOM   524  C  C   . ASN B 1 5  ? -2.795  -8.673  -5.088  1.00 20.39 ? 5    ASN B C   1 
ATOM   525  O  O   . ASN B 1 5  ? -3.858  -8.413  -4.548  1.00 19.75 ? 5    ASN B O   1 
ATOM   526  C  CB  . ASN B 1 5  ? -1.696  -6.879  -3.712  1.00 19.58 ? 5    ASN B CB  1 
ATOM   527  C  CG  . ASN B 1 5  ? -0.514  -6.661  -2.803  1.00 20.57 ? 5    ASN B CG  1 
ATOM   528  O  OD1 . ASN B 1 5  ? 0.396   -7.479  -2.719  1.00 20.04 ? 5    ASN B OD1 1 
ATOM   529  N  ND2 . ASN B 1 5  ? -0.536  -5.514  -2.100  1.00 20.72 ? 5    ASN B ND2 1 
ATOM   530  N  N   . GLY B 1 6  ? -2.717  -9.420  -6.210  1.00 20.61 ? 6    GLY B N   1 
ATOM   531  C  CA  . GLY B 1 6  ? -3.916  -10.072 -6.729  1.00 22.07 ? 6    GLY B CA  1 
ATOM   532  C  C   . GLY B 1 6  ? -4.630  -9.227  -7.792  1.00 23.18 ? 6    GLY B C   1 
ATOM   533  O  O   . GLY B 1 6  ? -5.589  -9.655  -8.421  1.00 22.97 ? 6    GLY B O   1 
ATOM   534  N  N   . GLU B 1 7  ? -4.190  -7.959  -7.908  1.00 22.96 ? 7    GLU B N   1 
ATOM   535  C  CA  . GLU B 1 7  ? -4.845  -7.051  -8.842  1.00 23.65 ? 7    GLU B CA  1 
ATOM   536  C  C   . GLU B 1 7  ? -3.954  -6.742  -10.048 1.00 24.11 ? 7    GLU B C   1 
ATOM   537  O  O   . GLU B 1 7  ? -2.745  -6.582  -9.944  1.00 22.97 ? 7    GLU B O   1 
ATOM   538  C  CB  . GLU B 1 7  ? -5.180  -5.760  -8.096  1.00 23.36 ? 7    GLU B CB  1 
ATOM   539  C  CG  . GLU B 1 7  ? -6.087  -6.005  -6.889  1.00 22.83 ? 7    GLU B CG  1 
ATOM   540  C  CD  . GLU B 1 7  ? -7.505  -6.220  -7.365  1.00 23.88 ? 7    GLU B CD  1 
ATOM   541  O  OE1 . GLU B 1 7  ? -7.861  -5.686  -8.406  1.00 22.32 ? 7    GLU B OE1 1 
ATOM   542  O  OE2 . GLU B 1 7  ? -8.248  -6.928  -6.687  1.00 22.75 ? 7    GLU B OE2 1 
ATOM   543  N  N   . PRO B 1 8  ? -4.594  -6.703  -11.232 1.00 24.91 ? 8    PRO B N   1 
ATOM   544  C  CA  . PRO B 1 8  ? -3.898  -6.436  -12.482 1.00 25.00 ? 8    PRO B CA  1 
ATOM   545  C  C   . PRO B 1 8  ? -3.605  -4.945  -12.658 1.00 24.46 ? 8    PRO B C   1 
ATOM   546  O  O   . PRO B 1 8  ? -4.460  -4.085  -12.492 1.00 25.15 ? 8    PRO B O   1 
ATOM   547  C  CB  . PRO B 1 8  ? -4.786  -6.929  -13.620 1.00 25.30 ? 8    PRO B CB  1 
ATOM   548  C  CG  . PRO B 1 8  ? -6.214  -7.019  -13.096 1.00 26.45 ? 8    PRO B CG  1 
ATOM   549  C  CD  . PRO B 1 8  ? -6.016  -6.860  -11.513 1.00 25.84 ? 8    PRO B CD  1 
ATOM   550  N  N   . ARG B 1 9  ? -2.329  -4.649  -12.970 1.00 22.92 ? 9    ARG B N   1 
ATOM   551  C  CA  . ARG B 1 9  ? -1.932  -3.265  -13.192 1.00 22.31 ? 9    ARG B CA  1 
ATOM   552  C  C   . ARG B 1 9  ? -0.816  -3.160  -14.239 1.00 21.09 ? 9    ARG B C   1 
ATOM   553  O  O   . ARG B 1 9  ? 0.050   -4.011  -14.363 1.00 18.05 ? 9    ARG B O   1 
ATOM   554  C  CB  . ARG B 1 9  ? -1.460  -2.697  -11.848 1.00 24.49 ? 9    ARG B CB  1 
ATOM   555  C  CG  . ARG B 1 9  ? -2.556  -2.742  -10.776 1.00 27.65 ? 9    ARG B CG  1 
ATOM   556  C  CD  . ARG B 1 9  ? -3.218  -1.372  -10.555 1.00 30.43 ? 9    ARG B CD  1 
ATOM   557  N  NE  . ARG B 1 9  ? -3.787  -1.276  -9.200  1.00 34.25 ? 9    ARG B NE  1 
ATOM   558  C  CZ  . ARG B 1 9  ? -4.924  -1.954  -8.950  1.00 35.06 ? 9    ARG B CZ  1 
ATOM   559  N  NH1 . ARG B 1 9  ? -5.485  -2.683  -9.899  1.00 36.86 ? 9    ARG B NH1 1 
ATOM   560  N  NH2 . ARG B 1 9  ? -5.483  -1.889  -7.737  1.00 35.59 ? 9    ARG B NH2 1 
ATOM   561  N  N   . PRO B 1 10 ? -0.890  -2.081  -15.036 1.00 20.09 ? 10   PRO B N   1 
ATOM   562  C  CA  . PRO B 1 10 ? 0.071   -1.837  -16.110 1.00 20.29 ? 10   PRO B CA  1 
ATOM   563  C  C   . PRO B 1 10 ? 1.417   -1.299  -15.595 1.00 19.34 ? 10   PRO B C   1 
ATOM   564  O  O   . PRO B 1 10 ? 1.789   -0.158  -15.829 1.00 20.53 ? 10   PRO B O   1 
ATOM   565  C  CB  . PRO B 1 10 ? -0.564  -0.794  -17.025 1.00 20.60 ? 10   PRO B CB  1 
ATOM   566  C  CG  . PRO B 1 10 ? -1.536  0.018   -16.172 1.00 20.41 ? 10   PRO B CG  1 
ATOM   567  C  CD  . PRO B 1 10 ? -1.898  -1.033  -15.017 1.00 21.65 ? 10   PRO B CD  1 
ATOM   568  N  N   . LEU B 1 11 ? 2.145   -2.152  -14.852 1.00 18.16 ? 11   LEU B N   1 
ATOM   569  C  CA  . LEU B 1 11 ? 3.387   -1.681  -14.242 1.00 17.17 ? 11   LEU B CA  1 
ATOM   570  C  C   . LEU B 1 11 ? 4.628   -2.063  -15.060 1.00 17.32 ? 11   LEU B C   1 
ATOM   571  O  O   . LEU B 1 11 ? 5.760   -1.891  -14.629 1.00 17.81 ? 11   LEU B O   1 
ATOM   572  C  CB  . LEU B 1 11 ? 3.475   -2.280  -12.838 1.00 16.09 ? 11   LEU B CB  1 
ATOM   573  C  CG  . LEU B 1 11 ? 2.213   -2.011  -12.014 1.00 15.26 ? 11   LEU B CG  1 
ATOM   574  C  CD1 . LEU B 1 11 ? 2.253   -2.695  -10.647 1.00 17.05 ? 11   LEU B CD1 1 
ATOM   575  C  CD2 . LEU B 1 11 ? 1.984   -0.523  -11.743 1.00 15.63 ? 11   LEU B CD2 1 
ATOM   576  N  N   . GLU B 1 12 ? 4.374   -2.641  -16.249 1.00 17.44 ? 12   GLU B N   1 
ATOM   577  C  CA  . GLU B 1 12 ? 5.487   -3.042  -17.102 1.00 18.05 ? 12   GLU B CA  1 
ATOM   578  C  C   . GLU B 1 12 ? 6.442   -1.876  -17.362 1.00 18.01 ? 12   GLU B C   1 
ATOM   579  O  O   . GLU B 1 12 ? 6.045   -0.765  -17.688 1.00 18.94 ? 12   GLU B O   1 
ATOM   580  C  CB  . GLU B 1 12 ? 4.916   -3.552  -18.424 1.00 19.04 ? 12   GLU B CB  1 
ATOM   581  C  CG  . GLU B 1 12 ? 4.363   -4.974  -18.312 1.00 21.04 ? 12   GLU B CG  1 
ATOM   582  C  CD  . GLU B 1 12 ? 2.856   -4.919  -18.218 1.00 21.75 ? 12   GLU B CD  1 
ATOM   583  O  OE1 . GLU B 1 12 ? 2.335   -3.929  -17.723 1.00 20.89 ? 12   GLU B OE1 1 
ATOM   584  O  OE2 . GLU B 1 12 ? 2.210   -5.877  -18.639 1.00 23.30 ? 12   GLU B OE2 1 
ATOM   585  N  N   . GLY B 1 13 ? 7.744   -2.154  -17.163 1.00 16.92 ? 13   GLY B N   1 
ATOM   586  C  CA  . GLY B 1 13 ? 8.744   -1.111  -17.368 1.00 16.04 ? 13   GLY B CA  1 
ATOM   587  C  C   . GLY B 1 13 ? 9.199   -0.505  -16.039 1.00 16.30 ? 13   GLY B C   1 
ATOM   588  O  O   . GLY B 1 13 ? 10.277  0.062   -15.912 1.00 16.22 ? 13   GLY B O   1 
ATOM   589  N  N   . LYS B 1 14 ? 8.310   -0.608  -15.035 1.00 15.56 ? 14   LYS B N   1 
ATOM   590  C  CA  . LYS B 1 14 ? 8.645   -0.066  -13.724 1.00 15.94 ? 14   LYS B CA  1 
ATOM   591  C  C   . LYS B 1 14 ? 9.465   -1.060  -12.900 1.00 14.75 ? 14   LYS B C   1 
ATOM   592  O  O   . LYS B 1 14 ? 9.327   -2.271  -13.022 1.00 14.51 ? 14   LYS B O   1 
ATOM   593  C  CB  . LYS B 1 14 ? 7.341   0.264   -12.997 1.00 16.63 ? 14   LYS B CB  1 
ATOM   594  C  CG  . LYS B 1 14 ? 6.655   1.501   -13.580 1.00 18.93 ? 14   LYS B CG  1 
ATOM   595  C  CD  . LYS B 1 14 ? 5.382   1.874   -12.818 1.00 20.98 ? 14   LYS B CD  1 
ATOM   596  C  CE  . LYS B 1 14 ? 4.615   3.017   -13.489 1.00 23.44 ? 14   LYS B CE  1 
ATOM   597  N  NZ  . LYS B 1 14 ? 3.389   3.295   -12.742 1.00 26.05 ? 14   LYS B NZ  1 
ATOM   598  N  N   . THR B 1 15 ? 10.327  -0.552  -12.027 1.00 14.49 ? 15   THR B N   1 
ATOM   599  C  CA  . THR B 1 15 ? 11.096  -1.424  -11.147 1.00 12.95 ? 15   THR B CA  1 
ATOM   600  C  C   . THR B 1 15 ? 10.289  -1.562  -9.871  1.00 11.98 ? 15   THR B C   1 
ATOM   601  O  O   . THR B 1 15 ? 9.387   -0.763  -9.607  1.00 10.85 ? 15   THR B O   1 
ATOM   602  C  CB  . THR B 1 15 ? 12.469  -0.827  -10.783 1.00 12.92 ? 15   THR B CB  1 
ATOM   603  O  OG1 . THR B 1 15 ? 12.293  0.257   -9.864  1.00 13.92 ? 15   THR B OG1 1 
ATOM   604  C  CG2 . THR B 1 15 ? 13.186  -0.333  -12.024 1.00 14.20 ? 15   THR B CG2 1 
ATOM   605  N  N   . LEU B 1 16 ? 10.603  -2.573  -9.072  1.00 9.98  ? 16   LEU B N   1 
ATOM   606  C  CA  . LEU B 1 16 ? 9.872   -2.758  -7.834  1.00 10.64 ? 16   LEU B CA  1 
ATOM   607  C  C   . LEU B 1 16 ? 10.019  -1.546  -6.925  1.00 11.02 ? 16   LEU B C   1 
ATOM   608  O  O   . LEU B 1 16 ? 9.049   -1.115  -6.301  1.00 11.71 ? 16   LEU B O   1 
ATOM   609  C  CB  . LEU B 1 16 ? 10.346  -4.025  -7.127  1.00 8.64  ? 16   LEU B CB  1 
ATOM   610  C  CG  . LEU B 1 16 ? 9.875   -5.309  -7.812  1.00 8.48  ? 16   LEU B CG  1 
ATOM   611  C  CD1 . LEU B 1 16 ? 10.557  -6.502  -7.174  1.00 9.42  ? 16   LEU B CD1 1 
ATOM   612  C  CD2 . LEU B 1 16 ? 8.350   -5.432  -7.702  1.00 10.73 ? 16   LEU B CD2 1 
ATOM   613  N  N   . LYS B 1 17 ? 11.225  -0.989  -6.850  1.00 12.42 ? 17   LYS B N   1 
ATOM   614  C  CA  . LYS B 1 17 ? 11.582  0.257   -6.196  1.00 14.80 ? 17   LYS B CA  1 
ATOM   615  C  C   . LYS B 1 17 ? 10.508  1.314   -6.426  1.00 14.89 ? 17   LYS B C   1 
ATOM   616  O  O   . LYS B 1 17 ? 9.987   1.918   -5.497  1.00 13.85 ? 17   LYS B O   1 
ATOM   617  C  CB  . LYS B 1 17 ? 12.915  0.735   -6.774  1.00 19.28 ? 17   LYS B CB  1 
ATOM   618  C  CG  . LYS B 1 17 ? 13.979  0.927   -5.692  1.00 25.27 ? 17   LYS B CG  1 
ATOM   619  C  CD  . LYS B 1 17 ? 14.194  -0.340  -4.861  1.00 26.99 ? 17   LYS B CD  1 
ATOM   620  C  CE  . LYS B 1 17 ? 14.457  -0.035  -3.383  1.00 27.91 ? 17   LYS B CE  1 
ATOM   621  N  NZ  . LYS B 1 17 ? 14.974  -1.230  -2.718  1.00 27.64 ? 17   LYS B NZ  1 
ATOM   622  N  N   . GLU B 1 18 ? 10.364  1.513   -7.731  1.00 13.01 ? 18   GLU B N   1 
ATOM   623  C  CA  . GLU B 1 18 ? 9.476   2.557   -8.227  1.00 13.89 ? 18   GLU B CA  1 
ATOM   624  C  C   . GLU B 1 18 ? 8.031   2.269   -7.822  1.00 12.43 ? 18   GLU B C   1 
ATOM   625  O  O   . GLU B 1 18 ? 7.300   3.177   -7.436  1.00 11.87 ? 18   GLU B O   1 
ATOM   626  C  CB  . GLU B 1 18 ? 9.575   2.673   -9.749  1.00 16.85 ? 18   GLU B CB  1 
ATOM   627  C  CG  . GLU B 1 18 ? 10.827  3.393   -10.228 1.00 22.30 ? 18   GLU B CG  1 
ATOM   628  C  CD  . GLU B 1 18 ? 10.950  3.406   -11.742 1.00 25.26 ? 18   GLU B CD  1 
ATOM   629  O  OE1 . GLU B 1 18 ? 10.467  2.454   -12.385 1.00 26.45 ? 18   GLU B OE1 1 
ATOM   630  O  OE2 . GLU B 1 18 ? 11.544  4.363   -12.286 1.00 27.94 ? 18   GLU B OE2 1 
ATOM   631  N  N   . VAL B 1 19 ? 7.625   1.005   -7.904  1.00 11.58 ? 19   VAL B N   1 
ATOM   632  C  CA  . VAL B 1 19 ? 6.266   0.631   -7.529  1.00 11.30 ? 19   VAL B CA  1 
ATOM   633  C  C   . VAL B 1 19 ? 6.055   0.845   -6.034  1.00 12.74 ? 19   VAL B C   1 
ATOM   634  O  O   . VAL B 1 19 ? 5.027   1.375   -5.614  1.00 12.55 ? 19   VAL B O   1 
ATOM   635  C  CB  . VAL B 1 19 ? 5.968   -0.854  -7.888  1.00 9.88  ? 19   VAL B CB  1 
ATOM   636  C  CG1 . VAL B 1 19 ? 4.597   -1.268  -7.351  1.00 9.11  ? 19   VAL B CG1 1 
ATOM   637  C  CG2 . VAL B 1 19 ? 6.011   -1.032  -9.403  1.00 10.32 ? 19   VAL B CG2 1 
ATOM   638  N  N   . LEU B 1 20 ? 7.032   0.435   -5.230  1.00 12.04 ? 20   LEU B N   1 
ATOM   639  C  CA  . LEU B 1 20 ? 6.905   0.610   -3.790  1.00 13.27 ? 20   LEU B CA  1 
ATOM   640  C  C   . LEU B 1 20 ? 6.761   2.086   -3.419  1.00 13.77 ? 20   LEU B C   1 
ATOM   641  O  O   . LEU B 1 20 ? 6.042   2.463   -2.503  1.00 14.30 ? 20   LEU B O   1 
ATOM   642  C  CB  . LEU B 1 20 ? 8.155   0.029   -3.133  1.00 13.12 ? 20   LEU B CB  1 
ATOM   643  C  CG  . LEU B 1 20 ? 8.216   -1.495  -3.243  1.00 15.67 ? 20   LEU B CG  1 
ATOM   644  C  CD1 . LEU B 1 20 ? 9.473   -2.077  -2.597  1.00 15.91 ? 20   LEU B CD1 1 
ATOM   645  C  CD2 . LEU B 1 20 ? 7.027   -2.184  -2.570  1.00 14.88 ? 20   LEU B CD2 1 
ATOM   646  N  N   . GLU B 1 21 ? 7.516   2.929   -4.145  1.00 16.50 ? 21   GLU B N   1 
ATOM   647  C  CA  . GLU B 1 21 ? 7.463   4.361   -3.872  1.00 17.92 ? 21   GLU B CA  1 
ATOM   648  C  C   . GLU B 1 21 ? 6.137   4.975   -4.329  1.00 18.27 ? 21   GLU B C   1 
ATOM   649  O  O   . GLU B 1 21 ? 5.676   5.988   -3.819  1.00 17.54 ? 21   GLU B O   1 
ATOM   650  C  CB  . GLU B 1 21 ? 8.632   5.028   -4.595  1.00 21.64 ? 21   GLU B CB  1 
ATOM   651  C  CG  . GLU B 1 21 ? 9.952   4.850   -3.845  1.00 27.99 ? 21   GLU B CG  1 
ATOM   652  C  CD  . GLU B 1 21 ? 11.096  5.307   -4.720  1.00 31.80 ? 21   GLU B CD  1 
ATOM   653  O  OE1 . GLU B 1 21 ? 10.954  5.276   -5.934  1.00 33.22 ? 21   GLU B OE1 1 
ATOM   654  O  OE2 . GLU B 1 21 ? 12.132  5.683   -4.175  1.00 33.73 ? 21   GLU B OE2 1 
ATOM   655  N  N   . GLU B 1 22 ? 5.540   4.344   -5.356  1.00 18.05 ? 22   GLU B N   1 
ATOM   656  C  CA  . GLU B 1 22 ? 4.241   4.807   -5.821  1.00 18.27 ? 22   GLU B CA  1 
ATOM   657  C  C   . GLU B 1 22 ? 3.123   4.351   -4.883  1.00 17.14 ? 22   GLU B C   1 
ATOM   658  O  O   . GLU B 1 22 ? 2.055   4.944   -4.812  1.00 17.25 ? 22   GLU B O   1 
ATOM   659  C  CB  . GLU B 1 22 ? 4.008   4.246   -7.223  1.00 20.57 ? 22   GLU B CB  1 
ATOM   660  C  CG  . GLU B 1 22 ? 4.722   5.058   -8.303  1.00 23.98 ? 22   GLU B CG  1 
ATOM   661  C  CD  . GLU B 1 22 ? 4.464   4.427   -9.652  1.00 26.77 ? 22   GLU B CD  1 
ATOM   662  O  OE1 . GLU B 1 22 ? 3.601   3.566   -9.739  1.00 29.33 ? 22   GLU B OE1 1 
ATOM   663  O  OE2 . GLU B 1 22 ? 5.142   4.796   -10.609 1.00 29.23 ? 22   GLU B OE2 1 
HETATM 664  N  N   . MSE B 1 23 ? 3.429   3.299   -4.130  1.00 15.43 ? 23   MSE B N   1 
HETATM 665  C  CA  . MSE B 1 23 ? 2.496   2.764   -3.148  1.00 15.87 ? 23   MSE B CA  1 
HETATM 666  C  C   . MSE B 1 23 ? 2.605   3.517   -1.826  1.00 15.63 ? 23   MSE B C   1 
HETATM 667  O  O   . MSE B 1 23 ? 1.716   3.424   -0.984  1.00 14.55 ? 23   MSE B O   1 
HETATM 668  C  CB  . MSE B 1 23 ? 2.773   1.275   -2.904  1.00 17.52 ? 23   MSE B CB  1 
HETATM 669  C  CG  . MSE B 1 23 ? 2.417   0.358   -4.076  1.00 18.97 ? 23   MSE B CG  1 
HETATM 670  SE SE  . MSE B 1 23 ? 2.854   -1.365  -3.740  1.00 20.98 ? 23   MSE B SE  1 
HETATM 671  C  CE  . MSE B 1 23 ? 1.436   -1.915  -2.860  1.00 21.25 ? 23   MSE B CE  1 
ATOM   672  N  N   . GLY B 1 24 ? 3.700   4.251   -1.651  1.00 15.73 ? 24   GLY B N   1 
ATOM   673  C  CA  . GLY B 1 24 ? 4.025   5.046   -0.472  1.00 15.29 ? 24   GLY B CA  1 
ATOM   674  C  C   . GLY B 1 24 ? 4.255   4.167   0.758   1.00 15.82 ? 24   GLY B C   1 
ATOM   675  O  O   . GLY B 1 24 ? 3.842   4.471   1.869   1.00 15.95 ? 24   GLY B O   1 
ATOM   676  N  N   . VAL B 1 25 ? 4.908   3.014   0.518   1.00 15.86 ? 25   VAL B N   1 
ATOM   677  C  CA  . VAL B 1 25 ? 5.181   2.097   1.616   1.00 17.43 ? 25   VAL B CA  1 
ATOM   678  C  C   . VAL B 1 25 ? 6.613   2.249   2.131   1.00 18.24 ? 25   VAL B C   1 
ATOM   679  O  O   . VAL B 1 25 ? 7.509   2.722   1.443   1.00 18.86 ? 25   VAL B O   1 
ATOM   680  C  CB  . VAL B 1 25 ? 4.964   0.671   1.110   1.00 19.27 ? 25   VAL B CB  1 
ATOM   681  C  CG1 . VAL B 1 25 ? 3.578   0.547   0.482   1.00 20.00 ? 25   VAL B CG1 1 
ATOM   682  C  CG2 . VAL B 1 25 ? 6.015   0.322   0.070   1.00 18.95 ? 25   VAL B CG2 1 
ATOM   683  N  N   . GLU B 1 26 ? 6.805   1.868   3.408   1.00 18.58 ? 26   GLU B N   1 
ATOM   684  C  CA  . GLU B 1 26 ? 8.136   1.884   3.996   1.00 19.63 ? 26   GLU B CA  1 
ATOM   685  C  C   . GLU B 1 26 ? 8.966   0.692   3.512   1.00 17.73 ? 26   GLU B C   1 
ATOM   686  O  O   . GLU B 1 26 ? 8.661   -0.462  3.784   1.00 17.92 ? 26   GLU B O   1 
ATOM   687  C  CB  . GLU B 1 26 ? 7.980   1.831   5.518   1.00 23.02 ? 26   GLU B CB  1 
ATOM   688  C  CG  . GLU B 1 26 ? 8.872   2.845   6.237   1.00 29.75 ? 26   GLU B CG  1 
ATOM   689  C  CD  . GLU B 1 26 ? 8.459   2.938   7.689   1.00 32.45 ? 26   GLU B CD  1 
ATOM   690  O  OE1 . GLU B 1 26 ? 7.496   3.630   7.982   1.00 34.37 ? 26   GLU B OE1 1 
ATOM   691  O  OE2 . GLU B 1 26 ? 9.134   2.342   8.527   1.00 35.83 ? 26   GLU B OE2 1 
ATOM   692  N  N   . LEU B 1 27 ? 10.033  0.979   2.748   1.00 16.53 ? 27   LEU B N   1 
ATOM   693  C  CA  . LEU B 1 27 ? 10.849  -0.112  2.227   1.00 15.88 ? 27   LEU B CA  1 
ATOM   694  C  C   . LEU B 1 27 ? 11.245  -1.099  3.327   1.00 15.55 ? 27   LEU B C   1 
ATOM   695  O  O   . LEU B 1 27 ? 11.198  -2.312  3.163   1.00 14.21 ? 27   LEU B O   1 
ATOM   696  C  CB  . LEU B 1 27 ? 12.100  0.489   1.585   1.00 16.89 ? 27   LEU B CB  1 
ATOM   697  C  CG  . LEU B 1 27 ? 11.811  1.094   0.209   1.00 18.53 ? 27   LEU B CG  1 
ATOM   698  C  CD1 . LEU B 1 27 ? 13.085  1.527   -0.518  1.00 18.09 ? 27   LEU B CD1 1 
ATOM   699  C  CD2 . LEU B 1 27 ? 11.095  0.118   -0.726  1.00 19.03 ? 27   LEU B CD2 1 
ATOM   700  N  N   . LYS B 1 28 ? 11.685  -0.538  4.467   1.00 15.11 ? 28   LYS B N   1 
ATOM   701  C  CA  . LYS B 1 28 ? 12.120  -1.398  5.560   1.00 15.89 ? 28   LYS B CA  1 
ATOM   702  C  C   . LYS B 1 28 ? 10.936  -2.088  6.239   1.00 15.28 ? 28   LYS B C   1 
ATOM   703  O  O   . LYS B 1 28 ? 11.088  -3.048  6.985   1.00 15.57 ? 28   LYS B O   1 
ATOM   704  C  CB  . LYS B 1 28 ? 12.882  -0.540  6.568   1.00 17.32 ? 28   LYS B CB  1 
ATOM   705  C  CG  . LYS B 1 28 ? 14.269  -0.144  6.055   1.00 21.61 ? 28   LYS B CG  1 
ATOM   706  C  CD  . LYS B 1 28 ? 14.954  0.882   6.961   1.00 25.40 ? 28   LYS B CD  1 
ATOM   707  C  CE  . LYS B 1 28 ? 16.420  1.116   6.579   1.00 28.24 ? 28   LYS B CE  1 
ATOM   708  N  NZ  . LYS B 1 28 ? 16.522  2.295   5.722   1.00 31.79 ? 28   LYS B NZ  1 
ATOM   709  N  N   . GLY B 1 29 ? 9.731   -1.581  6.002   1.00 14.45 ? 29   GLY B N   1 
ATOM   710  C  CA  . GLY B 1 29 ? 8.567   -2.149  6.657   1.00 12.49 ? 29   GLY B CA  1 
ATOM   711  C  C   . GLY B 1 29 ? 7.831   -3.231  5.891   1.00 11.18 ? 29   GLY B C   1 
ATOM   712  O  O   . GLY B 1 29 ? 6.806   -3.729  6.351   1.00 9.72  ? 29   GLY B O   1 
ATOM   713  N  N   . VAL B 1 30 ? 8.352   -3.621  4.733   1.00 10.58 ? 30   VAL B N   1 
ATOM   714  C  CA  . VAL B 1 30 ? 7.677   -4.633  3.937   1.00 9.95  ? 30   VAL B CA  1 
ATOM   715  C  C   . VAL B 1 30 ? 8.576   -5.721  3.383   1.00 10.83 ? 30   VAL B C   1 
ATOM   716  O  O   . VAL B 1 30 ? 9.806   -5.600  3.367   1.00 11.56 ? 30   VAL B O   1 
ATOM   717  C  CB  . VAL B 1 30 ? 6.947   -3.995  2.728   1.00 8.70  ? 30   VAL B CB  1 
ATOM   718  C  CG1 . VAL B 1 30 ? 5.930   -2.974  3.217   1.00 9.88  ? 30   VAL B CG1 1 
ATOM   719  C  CG2 . VAL B 1 30 ? 7.961   -3.344  1.787   1.00 9.44  ? 30   VAL B CG2 1 
ATOM   720  N  N   . ALA B 1 31 ? 7.923   -6.788  2.937   1.00 11.69 ? 31   ALA B N   1 
ATOM   721  C  CA  . ALA B 1 31 ? 8.576   -7.921  2.306   1.00 10.92 ? 31   ALA B CA  1 
ATOM   722  C  C   . ALA B 1 31 ? 7.906   -7.950  0.938   1.00 11.31 ? 31   ALA B C   1 
ATOM   723  O  O   . ALA B 1 31 ? 6.718   -7.628  0.814   1.00 10.92 ? 31   ALA B O   1 
ATOM   724  C  CB  . ALA B 1 31 ? 8.290   -9.200  3.061   1.00 11.45 ? 31   ALA B CB  1 
ATOM   725  N  N   . VAL B 1 32 ? 8.661   -8.324  -0.086  1.00 10.57 ? 32   VAL B N   1 
ATOM   726  C  CA  . VAL B 1 32 ? 8.099   -8.346  -1.432  1.00 10.40 ? 32   VAL B CA  1 
ATOM   727  C  C   . VAL B 1 32 ? 8.330   -9.696  -2.120  1.00 11.22 ? 32   VAL B C   1 
ATOM   728  O  O   . VAL B 1 32 ? 9.424   -10.241 -2.133  1.00 11.22 ? 32   VAL B O   1 
ATOM   729  C  CB  . VAL B 1 32 ? 8.763   -7.230  -2.237  1.00 9.54  ? 32   VAL B CB  1 
ATOM   730  C  CG1 . VAL B 1 32 ? 8.209   -7.218  -3.660  1.00 10.48 ? 32   VAL B CG1 1 
ATOM   731  C  CG2 . VAL B 1 32 ? 8.503   -5.888  -1.584  1.00 10.63 ? 32   VAL B CG2 1 
ATOM   732  N  N   . LEU B 1 33 ? 7.231   -10.253 -2.670  1.00 11.42 ? 33   LEU B N   1 
ATOM   733  C  CA  . LEU B 1 33 ? 7.275   -11.546 -3.343  1.00 14.17 ? 33   LEU B CA  1 
ATOM   734  C  C   . LEU B 1 33 ? 7.193   -11.410 -4.863  1.00 13.81 ? 33   LEU B C   1 
ATOM   735  O  O   . LEU B 1 33 ? 6.139   -11.187 -5.447  1.00 18.64 ? 33   LEU B O   1 
ATOM   736  C  CB  . LEU B 1 33 ? 6.112   -12.398 -2.832  1.00 16.94 ? 33   LEU B CB  1 
ATOM   737  C  CG  . LEU B 1 33 ? 6.503   -13.250 -1.622  1.00 20.70 ? 33   LEU B CG  1 
ATOM   738  C  CD1 . LEU B 1 33 ? 6.541   -12.436 -0.327  1.00 22.78 ? 33   LEU B CD1 1 
ATOM   739  C  CD2 . LEU B 1 33 ? 5.536   -14.409 -1.373  1.00 23.33 ? 33   LEU B CD2 1 
ATOM   740  N  N   . LEU B 1 34 ? 8.372   -11.511 -5.505  1.00 12.20 ? 34   LEU B N   1 
ATOM   741  C  CA  . LEU B 1 34 ? 8.395   -11.500 -6.963  1.00 11.35 ? 34   LEU B CA  1 
ATOM   742  C  C   . LEU B 1 34 ? 8.367   -12.917 -7.534  1.00 12.69 ? 34   LEU B C   1 
ATOM   743  O  O   . LEU B 1 34 ? 9.327   -13.674 -7.454  1.00 11.97 ? 34   LEU B O   1 
ATOM   744  C  CB  . LEU B 1 34 ? 9.663   -10.777 -7.420  1.00 10.89 ? 34   LEU B CB  1 
ATOM   745  C  CG  . LEU B 1 34 ? 9.717   -10.616 -8.940  1.00 8.87  ? 34   LEU B CG  1 
ATOM   746  C  CD1 . LEU B 1 34 ? 8.487   -9.891  -9.492  1.00 11.02 ? 34   LEU B CD1 1 
ATOM   747  C  CD2 . LEU B 1 34 ? 10.933  -9.820  -9.413  1.00 10.44 ? 34   LEU B CD2 1 
ATOM   748  N  N   . ASN B 1 35 ? 7.201   -13.279 -8.097  1.00 13.61 ? 35   ASN B N   1 
ATOM   749  C  CA  . ASN B 1 35 ? 7.046   -14.629 -8.615  1.00 16.48 ? 35   ASN B CA  1 
ATOM   750  C  C   . ASN B 1 35 ? 7.437   -15.673 -7.569  1.00 18.41 ? 35   ASN B C   1 
ATOM   751  O  O   . ASN B 1 35 ? 8.272   -16.539 -7.788  1.00 20.01 ? 35   ASN B O   1 
ATOM   752  C  CB  . ASN B 1 35 ? 7.923   -14.767 -9.860  1.00 15.42 ? 35   ASN B CB  1 
ATOM   753  C  CG  . ASN B 1 35 ? 7.367   -13.892 -10.956 1.00 15.19 ? 35   ASN B CG  1 
ATOM   754  O  OD1 . ASN B 1 35 ? 6.167   -13.853 -11.207 1.00 16.73 ? 35   ASN B OD1 1 
ATOM   755  N  ND2 . ASN B 1 35 ? 8.278   -13.161 -11.619 1.00 15.08 ? 35   ASN B ND2 1 
ATOM   756  N  N   . GLU B 1 36 ? 6.831   -15.526 -6.375  1.00 21.07 ? 36   GLU B N   1 
ATOM   757  C  CA  . GLU B 1 36 ? 7.038   -16.517 -5.328  1.00 24.27 ? 36   GLU B CA  1 
ATOM   758  C  C   . GLU B 1 36 ? 8.420   -16.408 -4.682  1.00 24.06 ? 36   GLU B C   1 
ATOM   759  O  O   . GLU B 1 36 ? 8.769   -17.130 -3.757  1.00 24.79 ? 36   GLU B O   1 
ATOM   760  C  CB  . GLU B 1 36 ? 6.847   -17.907 -5.935  1.00 27.43 ? 36   GLU B CB  1 
ATOM   761  C  CG  . GLU B 1 36 ? 5.431   -18.438 -5.715  1.00 32.90 ? 36   GLU B CG  1 
ATOM   762  C  CD  . GLU B 1 36 ? 5.244   -19.711 -6.508  1.00 35.42 ? 36   GLU B CD  1 
ATOM   763  O  OE1 . GLU B 1 36 ? 6.047   -20.618 -6.354  1.00 37.49 ? 36   GLU B OE1 1 
ATOM   764  O  OE2 . GLU B 1 36 ? 4.293   -19.777 -7.285  1.00 37.93 ? 36   GLU B OE2 1 
ATOM   765  N  N   . GLU B 1 37 ? 9.237   -15.489 -5.229  1.00 22.28 ? 37   GLU B N   1 
ATOM   766  C  CA  . GLU B 1 37 ? 10.540  -15.244 -4.624  1.00 20.10 ? 37   GLU B CA  1 
ATOM   767  C  C   . GLU B 1 37 ? 10.498  -14.026 -3.699  1.00 16.95 ? 37   GLU B C   1 
ATOM   768  O  O   . GLU B 1 37 ? 9.994   -12.966 -4.047  1.00 16.21 ? 37   GLU B O   1 
ATOM   769  C  CB  . GLU B 1 37 ? 11.560  -15.021 -5.741  1.00 22.67 ? 37   GLU B CB  1 
ATOM   770  C  CG  . GLU B 1 37 ? 12.992  -14.927 -5.212  1.00 25.40 ? 37   GLU B CG  1 
ATOM   771  C  CD  . GLU B 1 37 ? 13.965  -15.129 -6.352  1.00 29.22 ? 37   GLU B CD  1 
ATOM   772  O  OE1 . GLU B 1 37 ? 13.560  -14.996 -7.499  1.00 29.62 ? 37   GLU B OE1 1 
ATOM   773  O  OE2 . GLU B 1 37 ? 15.129  -15.421 -6.082  1.00 30.13 ? 37   GLU B OE2 1 
ATOM   774  N  N   . ALA B 1 38 ? 11.013  -14.212 -2.468  1.00 14.44 ? 38   ALA B N   1 
ATOM   775  C  CA  . ALA B 1 38 ? 10.822  -13.183 -1.453  1.00 12.51 ? 38   ALA B CA  1 
ATOM   776  C  C   . ALA B 1 38 ? 12.034  -12.253 -1.331  1.00 12.71 ? 38   ALA B C   1 
ATOM   777  O  O   . ALA B 1 38 ? 13.186  -12.662 -1.412  1.00 11.87 ? 38   ALA B O   1 
ATOM   778  C  CB  . ALA B 1 38 ? 10.561  -13.875 -0.115  1.00 13.71 ? 38   ALA B CB  1 
ATOM   779  N  N   . PHE B 1 39 ? 11.732  -10.949 -1.171  1.00 10.20 ? 39   PHE B N   1 
ATOM   780  C  CA  . PHE B 1 39 ? 12.795  -9.977  -0.934  1.00 10.90 ? 39   PHE B CA  1 
ATOM   781  C  C   . PHE B 1 39 ? 12.402  -9.004  0.173   1.00 10.79 ? 39   PHE B C   1 
ATOM   782  O  O   . PHE B 1 39 ? 11.256  -8.589  0.293   1.00 11.38 ? 39   PHE B O   1 
ATOM   783  C  CB  . PHE B 1 39 ? 13.014  -9.174  -2.219  1.00 11.33 ? 39   PHE B CB  1 
ATOM   784  C  CG  . PHE B 1 39 ? 13.463  -10.076 -3.324  1.00 11.83 ? 39   PHE B CG  1 
ATOM   785  C  CD1 . PHE B 1 39 ? 14.806  -10.424 -3.423  1.00 11.35 ? 39   PHE B CD1 1 
ATOM   786  C  CD2 . PHE B 1 39 ? 12.543  -10.561 -4.241  1.00 10.80 ? 39   PHE B CD2 1 
ATOM   787  C  CE1 . PHE B 1 39 ? 15.223  -11.270 -4.439  1.00 12.83 ? 39   PHE B CE1 1 
ATOM   788  C  CE2 . PHE B 1 39 ? 12.972  -11.411 -5.256  1.00 13.47 ? 39   PHE B CE2 1 
ATOM   789  C  CZ  . PHE B 1 39 ? 14.310  -11.771 -5.357  1.00 12.73 ? 39   PHE B CZ  1 
ATOM   790  N  N   . LEU B 1 40 ? 13.383  -8.670  1.026   1.00 10.00 ? 40   LEU B N   1 
ATOM   791  C  CA  . LEU B 1 40 ? 13.165  -7.533  1.911   1.00 11.13 ? 40   LEU B CA  1 
ATOM   792  C  C   . LEU B 1 40 ? 13.030  -6.259  1.074   1.00 10.47 ? 40   LEU B C   1 
ATOM   793  O  O   . LEU B 1 40 ? 13.558  -6.149  -0.024  1.00 10.23 ? 40   LEU B O   1 
ATOM   794  C  CB  . LEU B 1 40 ? 14.356  -7.424  2.865   1.00 12.87 ? 40   LEU B CB  1 
ATOM   795  C  CG  . LEU B 1 40 ? 14.203  -8.320  4.098   1.00 13.98 ? 40   LEU B CG  1 
ATOM   796  C  CD1 . LEU B 1 40 ? 15.201  -7.971  5.204   1.00 15.07 ? 40   LEU B CD1 1 
ATOM   797  C  CD2 . LEU B 1 40 ? 12.814  -8.231  4.732   1.00 15.11 ? 40   LEU B CD2 1 
ATOM   798  N  N   . GLY B 1 41 ? 12.256  -5.296  1.602   1.00 10.90 ? 41   GLY B N   1 
ATOM   799  C  CA  . GLY B 1 41 ? 11.951  -4.106  0.814   1.00 12.30 ? 41   GLY B CA  1 
ATOM   800  C  C   . GLY B 1 41 ? 13.190  -3.493  0.159   1.00 13.80 ? 41   GLY B C   1 
ATOM   801  O  O   . GLY B 1 41 ? 13.197  -3.125  -1.012  1.00 13.53 ? 41   GLY B O   1 
ATOM   802  N  N   . LEU B 1 42 ? 14.253  -3.348  0.971   1.00 14.80 ? 42   LEU B N   1 
ATOM   803  C  CA  . LEU B 1 42 ? 15.434  -2.627  0.500   1.00 16.69 ? 42   LEU B CA  1 
ATOM   804  C  C   . LEU B 1 42 ? 16.267  -3.449  -0.488  1.00 17.28 ? 42   LEU B C   1 
ATOM   805  O  O   . LEU B 1 42 ? 17.149  -2.950  -1.173  1.00 17.90 ? 42   LEU B O   1 
ATOM   806  C  CB  . LEU B 1 42 ? 16.294  -2.286  1.716   1.00 18.27 ? 42   LEU B CB  1 
ATOM   807  C  CG  . LEU B 1 42 ? 15.785  -1.060  2.473   1.00 20.37 ? 42   LEU B CG  1 
ATOM   808  C  CD1 . LEU B 1 42 ? 16.603  -0.784  3.737   1.00 21.35 ? 42   LEU B CD1 1 
ATOM   809  C  CD2 . LEU B 1 42 ? 15.841  0.223   1.646   1.00 20.23 ? 42   LEU B CD2 1 
ATOM   810  N  N   . GLU B 1 43 ? 15.993  -4.767  -0.520  1.00 16.85 ? 43   GLU B N   1 
ATOM   811  C  CA  . GLU B 1 43 ? 16.816  -5.650  -1.346  1.00 16.71 ? 43   GLU B CA  1 
ATOM   812  C  C   . GLU B 1 43 ? 16.025  -6.285  -2.495  1.00 15.72 ? 43   GLU B C   1 
ATOM   813  O  O   . GLU B 1 43 ? 16.204  -7.447  -2.825  1.00 15.45 ? 43   GLU B O   1 
ATOM   814  C  CB  . GLU B 1 43 ? 17.383  -6.736  -0.437  1.00 19.19 ? 43   GLU B CB  1 
ATOM   815  C  CG  . GLU B 1 43 ? 18.053  -6.147  0.800   1.00 22.28 ? 43   GLU B CG  1 
ATOM   816  C  CD  . GLU B 1 43 ? 18.786  -7.240  1.534   1.00 25.36 ? 43   GLU B CD  1 
ATOM   817  O  OE1 . GLU B 1 43 ? 18.130  -8.091  2.119   1.00 26.05 ? 43   GLU B OE1 1 
ATOM   818  O  OE2 . GLU B 1 43 ? 20.014  -7.241  1.503   1.00 26.21 ? 43   GLU B OE2 1 
ATOM   819  N  N   . VAL B 1 44 ? 15.100  -5.497  -3.067  1.00 13.92 ? 44   VAL B N   1 
ATOM   820  C  CA  . VAL B 1 44 ? 14.344  -6.004  -4.199  1.00 13.94 ? 44   VAL B CA  1 
ATOM   821  C  C   . VAL B 1 44 ? 15.169  -5.942  -5.486  1.00 14.68 ? 44   VAL B C   1 
ATOM   822  O  O   . VAL B 1 44 ? 16.041  -5.099  -5.655  1.00 15.82 ? 44   VAL B O   1 
ATOM   823  C  CB  . VAL B 1 44 ? 13.078  -5.159  -4.341  1.00 12.58 ? 44   VAL B CB  1 
ATOM   824  C  CG1 . VAL B 1 44 ? 12.134  -5.444  -3.173  1.00 13.06 ? 44   VAL B CG1 1 
ATOM   825  C  CG2 . VAL B 1 44 ? 13.437  -3.685  -4.344  1.00 13.82 ? 44   VAL B CG2 1 
ATOM   826  N  N   . PRO B 1 45 ? 14.939  -6.839  -6.456  1.00 14.38 ? 45   PRO B N   1 
ATOM   827  C  CA  . PRO B 1 45 ? 15.698  -6.802  -7.712  1.00 15.77 ? 45   PRO B CA  1 
ATOM   828  C  C   . PRO B 1 45 ? 15.439  -5.461  -8.387  1.00 16.49 ? 45   PRO B C   1 
ATOM   829  O  O   . PRO B 1 45 ? 14.430  -4.818  -8.114  1.00 16.67 ? 45   PRO B O   1 
ATOM   830  C  CB  . PRO B 1 45 ? 15.095  -7.948  -8.523  1.00 15.64 ? 45   PRO B CB  1 
ATOM   831  C  CG  . PRO B 1 45 ? 14.615  -8.894  -7.484  1.00 15.93 ? 45   PRO B CG  1 
ATOM   832  C  CD  . PRO B 1 45 ? 14.016  -7.985  -6.436  1.00 15.58 ? 45   PRO B CD  1 
ATOM   833  N  N   . ASP B 1 46 ? 16.342  -5.036  -9.261  1.00 17.80 ? 46   ASP B N   1 
ATOM   834  C  CA  . ASP B 1 46 ? 16.149  -3.768  -9.951  1.00 19.14 ? 46   ASP B CA  1 
ATOM   835  C  C   . ASP B 1 46 ? 15.667  -3.931  -11.390 1.00 18.42 ? 46   ASP B C   1 
ATOM   836  O  O   . ASP B 1 46 ? 15.485  -2.941  -12.096 1.00 18.28 ? 46   ASP B O   1 
ATOM   837  C  CB  . ASP B 1 46 ? 17.441  -2.946  -9.931  1.00 23.80 ? 46   ASP B CB  1 
ATOM   838  C  CG  . ASP B 1 46 ? 18.640  -3.739  -10.388 1.00 27.43 ? 46   ASP B CG  1 
ATOM   839  O  OD1 . ASP B 1 46 ? 18.527  -4.445  -11.410 1.00 29.45 ? 46   ASP B OD1 1 
ATOM   840  O  OD2 . ASP B 1 46 ? 19.699  -3.652  -9.729  1.00 31.16 ? 46   ASP B OD2 1 
ATOM   841  N  N   . ARG B 1 47 ? 15.438  -5.167  -11.827 1.00 17.04 ? 47   ARG B N   1 
ATOM   842  C  CA  . ARG B 1 47 ? 14.984  -5.378  -13.198 1.00 16.74 ? 47   ARG B CA  1 
ATOM   843  C  C   . ARG B 1 47 ? 13.587  -4.821  -13.418 1.00 16.94 ? 47   ARG B C   1 
ATOM   844  O  O   . ARG B 1 47 ? 12.737  -4.869  -12.526 1.00 17.08 ? 47   ARG B O   1 
ATOM   845  C  CB  . ARG B 1 47 ? 14.983  -6.866  -13.568 1.00 17.15 ? 47   ARG B CB  1 
ATOM   846  C  CG  . ARG B 1 47 ? 13.794  -7.678  -13.055 1.00 16.50 ? 47   ARG B CG  1 
ATOM   847  C  CD  . ARG B 1 47 ? 13.684  -8.968  -13.859 1.00 17.91 ? 47   ARG B CD  1 
ATOM   848  N  NE  . ARG B 1 47 ? 12.711  -9.922  -13.329 1.00 17.50 ? 47   ARG B NE  1 
ATOM   849  C  CZ  . ARG B 1 47 ? 11.393  -9.824  -13.468 1.00 15.96 ? 47   ARG B CZ  1 
ATOM   850  N  NH1 . ARG B 1 47 ? 10.860  -8.804  -14.126 1.00 15.46 ? 47   ARG B NH1 1 
ATOM   851  N  NH2 . ARG B 1 47 ? 10.608  -10.762 -12.957 1.00 15.94 ? 47   ARG B NH2 1 
ATOM   852  N  N   . PRO B 1 48 ? 13.330  -4.271  -14.613 1.00 17.04 ? 48   PRO B N   1 
ATOM   853  C  CA  . PRO B 1 48 ? 11.992  -3.734  -14.858 1.00 16.94 ? 48   PRO B CA  1 
ATOM   854  C  C   . PRO B 1 48 ? 10.979  -4.869  -14.846 1.00 15.96 ? 48   PRO B C   1 
ATOM   855  O  O   . PRO B 1 48 ? 11.277  -5.991  -15.265 1.00 16.07 ? 48   PRO B O   1 
ATOM   856  C  CB  . PRO B 1 48 ? 12.127  -3.079  -16.231 1.00 16.49 ? 48   PRO B CB  1 
ATOM   857  C  CG  . PRO B 1 48 ? 13.200  -3.892  -16.892 1.00 18.41 ? 48   PRO B CG  1 
ATOM   858  C  CD  . PRO B 1 48 ? 14.204  -4.071  -15.781 1.00 17.68 ? 48   PRO B CD  1 
ATOM   859  N  N   . LEU B 1 49 ? 9.789   -4.580  -14.337 1.00 15.19 ? 49   LEU B N   1 
ATOM   860  C  CA  . LEU B 1 49 ? 8.733   -5.569  -14.285 1.00 15.01 ? 49   LEU B CA  1 
ATOM   861  C  C   . LEU B 1 49 ? 8.288   -5.849  -15.712 1.00 16.07 ? 49   LEU B C   1 
ATOM   862  O  O   . LEU B 1 49 ? 8.415   -4.993  -16.592 1.00 16.61 ? 49   LEU B O   1 
ATOM   863  C  CB  . LEU B 1 49 ? 7.571   -5.043  -13.438 1.00 12.48 ? 49   LEU B CB  1 
ATOM   864  C  CG  . LEU B 1 49 ? 7.896   -4.965  -11.940 1.00 11.22 ? 49   LEU B CG  1 
ATOM   865  C  CD1 . LEU B 1 49 ? 6.902   -4.050  -11.237 1.00 9.98  ? 49   LEU B CD1 1 
ATOM   866  C  CD2 . LEU B 1 49 ? 7.881   -6.372  -11.338 1.00 10.07 ? 49   LEU B CD2 1 
ATOM   867  N  N   . ARG B 1 50 ? 7.774   -7.049  -15.940 1.00 16.90 ? 50   ARG B N   1 
ATOM   868  C  CA  . ARG B 1 50 ? 7.335   -7.441  -17.272 1.00 18.65 ? 50   ARG B CA  1 
ATOM   869  C  C   . ARG B 1 50 ? 5.989   -8.145  -17.207 1.00 19.86 ? 50   ARG B C   1 
ATOM   870  O  O   . ARG B 1 50 ? 5.555   -8.590  -16.142 1.00 18.47 ? 50   ARG B O   1 
ATOM   871  C  CB  . ARG B 1 50 ? 8.383   -8.367  -17.903 1.00 19.84 ? 50   ARG B CB  1 
ATOM   872  C  CG  . ARG B 1 50 ? 8.533   -9.692  -17.184 1.00 20.29 ? 50   ARG B CG  1 
ATOM   873  C  CD  . ARG B 1 50 ? 9.832   -10.388 -17.548 1.00 22.33 ? 50   ARG B CD  1 
ATOM   874  N  NE  . ARG B 1 50 ? 9.978   -11.650 -16.832 1.00 22.30 ? 50   ARG B NE  1 
ATOM   875  C  CZ  . ARG B 1 50 ? 11.141  -12.125 -16.401 1.00 22.44 ? 50   ARG B CZ  1 
ATOM   876  N  NH1 . ARG B 1 50 ? 12.253  -11.438 -16.614 1.00 21.87 ? 50   ARG B NH1 1 
ATOM   877  N  NH2 . ARG B 1 50 ? 11.190  -13.284 -15.761 1.00 23.77 ? 50   ARG B NH2 1 
ATOM   878  N  N   . ASP B 1 51 ? 5.326   -8.228  -18.356 1.00 20.63 ? 51   ASP B N   1 
ATOM   879  C  CA  . ASP B 1 51 ? 4.031   -8.880  -18.452 1.00 22.75 ? 51   ASP B CA  1 
ATOM   880  C  C   . ASP B 1 51 ? 4.079   -10.277 -17.845 1.00 21.47 ? 51   ASP B C   1 
ATOM   881  O  O   . ASP B 1 51 ? 4.965   -11.073 -18.166 1.00 22.27 ? 51   ASP B O   1 
ATOM   882  C  CB  . ASP B 1 51 ? 3.608   -8.967  -19.921 1.00 25.54 ? 51   ASP B CB  1 
ATOM   883  C  CG  . ASP B 1 51 ? 2.378   -9.824  -20.125 1.00 30.72 ? 51   ASP B CG  1 
ATOM   884  O  OD1 . ASP B 1 51 ? 1.289   -9.442  -19.646 1.00 32.35 ? 51   ASP B OD1 1 
ATOM   885  O  OD2 . ASP B 1 51 ? 2.507   -10.891 -20.765 1.00 34.04 ? 51   ASP B OD2 1 
ATOM   886  N  N   . GLY B 1 52 ? 3.133   -10.563 -16.956 1.00 19.64 ? 52   GLY B N   1 
ATOM   887  C  CA  . GLY B 1 52 ? 3.077   -11.871 -16.330 1.00 17.70 ? 52   GLY B CA  1 
ATOM   888  C  C   . GLY B 1 52 ? 3.657   -11.944 -14.930 1.00 15.79 ? 52   GLY B C   1 
ATOM   889  O  O   . GLY B 1 52 ? 3.393   -12.905 -14.206 1.00 16.43 ? 52   GLY B O   1 
ATOM   890  N  N   . ASP B 1 53 ? 4.447   -10.945 -14.544 1.00 14.29 ? 53   ASP B N   1 
ATOM   891  C  CA  . ASP B 1 53 ? 5.043   -10.935 -13.209 1.00 12.95 ? 53   ASP B CA  1 
ATOM   892  C  C   . ASP B 1 53 ? 3.962   -10.916 -12.133 1.00 12.02 ? 53   ASP B C   1 
ATOM   893  O  O   . ASP B 1 53 ? 2.949   -10.233 -12.267 1.00 12.95 ? 53   ASP B O   1 
ATOM   894  C  CB  . ASP B 1 53 ? 5.953   -9.710  -13.009 1.00 12.08 ? 53   ASP B CB  1 
ATOM   895  C  CG  . ASP B 1 53 ? 7.362   -9.922  -13.540 1.00 11.88 ? 53   ASP B CG  1 
ATOM   896  O  OD1 . ASP B 1 53 ? 7.823   -11.084 -13.622 1.00 13.49 ? 53   ASP B OD1 1 
ATOM   897  O  OD2 . ASP B 1 53 ? 8.022   -8.915  -13.859 1.00 11.53 ? 53   ASP B OD2 1 
ATOM   898  N  N   . VAL B 1 54 ? 4.177   -11.673 -11.064 1.00 10.83 ? 54   VAL B N   1 
ATOM   899  C  CA  . VAL B 1 54 ? 3.219   -11.698 -9.971  1.00 10.76 ? 54   VAL B CA  1 
ATOM   900  C  C   . VAL B 1 54 ? 3.922   -11.095 -8.766  1.00 10.79 ? 54   VAL B C   1 
ATOM   901  O  O   . VAL B 1 54 ? 4.925   -11.623 -8.300  1.00 11.24 ? 54   VAL B O   1 
ATOM   902  C  CB  . VAL B 1 54 ? 2.755   -13.132 -9.653  1.00 11.13 ? 54   VAL B CB  1 
ATOM   903  C  CG1 . VAL B 1 54 ? 1.872   -13.125 -8.418  1.00 11.41 ? 54   VAL B CG1 1 
ATOM   904  C  CG2 . VAL B 1 54 ? 1.984   -13.699 -10.843 1.00 10.98 ? 54   VAL B CG2 1 
ATOM   905  N  N   . VAL B 1 55 ? 3.401   -9.970  -8.289  1.00 10.63 ? 55   VAL B N   1 
ATOM   906  C  CA  . VAL B 1 55 ? 4.000   -9.280  -7.156  1.00 11.83 ? 55   VAL B CA  1 
ATOM   907  C  C   . VAL B 1 55 ? 3.100   -9.237  -5.927  1.00 12.46 ? 55   VAL B C   1 
ATOM   908  O  O   . VAL B 1 55 ? 1.907   -8.948  -6.022  1.00 14.11 ? 55   VAL B O   1 
ATOM   909  C  CB  . VAL B 1 55 ? 4.363   -7.820  -7.521  1.00 10.31 ? 55   VAL B CB  1 
ATOM   910  C  CG1 . VAL B 1 55 ? 5.131   -7.178  -6.377  1.00 11.90 ? 55   VAL B CG1 1 
ATOM   911  C  CG2 . VAL B 1 55 ? 5.164   -7.780  -8.800  1.00 11.26 ? 55   VAL B CG2 1 
ATOM   912  N  N   . GLU B 1 56 ? 3.682   -9.532  -4.772  1.00 13.56 ? 56   GLU B N   1 
ATOM   913  C  CA  . GLU B 1 56 ? 2.947   -9.487  -3.519  1.00 14.65 ? 56   GLU B CA  1 
ATOM   914  C  C   . GLU B 1 56 ? 3.747   -8.626  -2.556  1.00 14.55 ? 56   GLU B C   1 
ATOM   915  O  O   . GLU B 1 56 ? 4.947   -8.843  -2.362  1.00 14.56 ? 56   GLU B O   1 
ATOM   916  C  CB  . GLU B 1 56 ? 2.771   -10.888 -2.929  1.00 18.21 ? 56   GLU B CB  1 
ATOM   917  C  CG  . GLU B 1 56 ? 1.952   -11.834 -3.785  1.00 24.21 ? 56   GLU B CG  1 
ATOM   918  C  CD  . GLU B 1 56 ? 0.485   -11.454 -3.848  1.00 28.50 ? 56   GLU B CD  1 
ATOM   919  O  OE1 . GLU B 1 56 ? 0.017   -10.719 -2.955  1.00 30.39 ? 56   GLU B OE1 1 
ATOM   920  O  OE2 . GLU B 1 56 ? -0.204  -11.898 -4.793  1.00 31.49 ? 56   GLU B OE2 1 
ATOM   921  N  N   . VAL B 1 57 ? 3.088   -7.637  -1.970  1.00 11.97 ? 57   VAL B N   1 
ATOM   922  C  CA  . VAL B 1 57 ? 3.749   -6.760  -1.021  1.00 11.58 ? 57   VAL B CA  1 
ATOM   923  C  C   . VAL B 1 57 ? 3.046   -6.935  0.308   1.00 12.19 ? 57   VAL B C   1 
ATOM   924  O  O   . VAL B 1 57 ? 1.839   -6.715  0.412   1.00 12.61 ? 57   VAL B O   1 
ATOM   925  C  CB  . VAL B 1 57 ? 3.677   -5.292  -1.470  1.00 11.36 ? 57   VAL B CB  1 
ATOM   926  C  CG1 . VAL B 1 57 ? 4.331   -4.403  -0.425  1.00 10.82 ? 57   VAL B CG1 1 
ATOM   927  C  CG2 . VAL B 1 57 ? 4.385   -5.126  -2.824  1.00 11.01 ? 57   VAL B CG2 1 
ATOM   928  N  N   . VAL B 1 58 ? 3.800   -7.340  1.325   1.00 11.05 ? 58   VAL B N   1 
ATOM   929  C  CA  . VAL B 1 58 ? 3.225   -7.569  2.640   1.00 12.33 ? 58   VAL B CA  1 
ATOM   930  C  C   . VAL B 1 58 ? 3.975   -6.830  3.745   1.00 11.77 ? 58   VAL B C   1 
ATOM   931  O  O   . VAL B 1 58 ? 5.206   -6.820  3.778   1.00 13.37 ? 58   VAL B O   1 
ATOM   932  C  CB  . VAL B 1 58 ? 3.193   -9.083  2.966   1.00 11.98 ? 58   VAL B CB  1 
ATOM   933  C  CG1 . VAL B 1 58 ? 2.259   -9.798  2.013   1.00 15.19 ? 58   VAL B CG1 1 
ATOM   934  C  CG2 . VAL B 1 58 ? 4.603   -9.675  2.853   1.00 13.52 ? 58   VAL B CG2 1 
ATOM   935  N  N   . ALA B 1 59 ? 3.218   -6.198  4.637   1.00 11.63 ? 59   ALA B N   1 
ATOM   936  C  CA  . ALA B 1 59 ? 3.797   -5.462  5.755   1.00 11.31 ? 59   ALA B CA  1 
ATOM   937  C  C   . ALA B 1 59 ? 4.275   -6.433  6.835   1.00 11.23 ? 59   ALA B C   1 
ATOM   938  O  O   . ALA B 1 59 ? 3.563   -7.363  7.196   1.00 11.46 ? 59   ALA B O   1 
ATOM   939  C  CB  . ALA B 1 59 ? 2.760   -4.507  6.337   1.00 10.87 ? 59   ALA B CB  1 
ATOM   940  N  N   . LEU B 1 60 ? 5.478   -6.202  7.350   1.00 10.88 ? 60   LEU B N   1 
ATOM   941  C  CA  . LEU B 1 60 ? 6.059   -7.041  8.394   1.00 12.42 ? 60   LEU B CA  1 
ATOM   942  C  C   . LEU B 1 60 ? 5.536   -6.654  9.780   1.00 13.73 ? 60   LEU B C   1 
ATOM   943  O  O   . LEU B 1 60 ? 5.759   -5.561  10.282  1.00 14.15 ? 60   LEU B O   1 
ATOM   944  C  CB  . LEU B 1 60 ? 7.579   -6.881  8.344   1.00 11.80 ? 60   LEU B CB  1 
ATOM   945  C  CG  . LEU B 1 60 ? 8.186   -7.423  7.047   1.00 12.96 ? 60   LEU B CG  1 
ATOM   946  C  CD1 . LEU B 1 60 ? 9.651   -7.018  6.873   1.00 15.35 ? 60   LEU B CD1 1 
ATOM   947  C  CD2 . LEU B 1 60 ? 8.152   -8.950  6.970   1.00 14.62 ? 60   LEU B CD2 1 
HETATM 948  N  N   . MSE B 1 61 ? 4.782   -7.593  10.388  1.00 15.33 ? 61   MSE B N   1 
HETATM 949  C  CA  . MSE B 1 61 ? 4.158   -7.297  11.674  1.00 19.27 ? 61   MSE B CA  1 
HETATM 950  C  C   . MSE B 1 61 ? 5.024   -7.749  12.852  1.00 20.05 ? 61   MSE B C   1 
HETATM 951  O  O   . MSE B 1 61 ? 6.004   -8.471  12.710  1.00 18.09 ? 61   MSE B O   1 
HETATM 952  C  CB  . MSE B 1 61 ? 2.808   -8.011  11.722  1.00 21.61 ? 61   MSE B CB  1 
HETATM 953  C  CG  . MSE B 1 61 ? 1.803   -7.438  10.720  1.00 23.83 ? 61   MSE B CG  1 
HETATM 954  SE SE  . MSE B 1 61 ? 1.366   -5.736  11.094  1.00 39.18 ? 61   MSE B SE  1 
HETATM 955  C  CE  . MSE B 1 61 ? 2.087   -4.970  9.634   1.00 17.97 ? 61   MSE B CE  1 
ATOM   956  N  N   . GLN B 1 62 ? 4.650   -7.257  14.047  1.00 22.60 ? 62   GLN B N   1 
ATOM   957  C  CA  . GLN B 1 62 ? 5.304   -7.727  15.264  1.00 26.31 ? 62   GLN B CA  1 
ATOM   958  C  C   . GLN B 1 62 ? 4.466   -8.785  15.991  1.00 26.87 ? 62   GLN B C   1 
ATOM   959  O  O   . GLN B 1 62 ? 3.480   -8.487  16.651  1.00 27.59 ? 62   GLN B O   1 
ATOM   960  C  CB  . GLN B 1 62 ? 5.532   -6.524  16.180  1.00 28.68 ? 62   GLN B CB  1 
ATOM   961  C  CG  . GLN B 1 62 ? 7.001   -6.105  16.241  1.00 32.85 ? 62   GLN B CG  1 
ATOM   962  C  CD  . GLN B 1 62 ? 7.662   -6.765  17.428  1.00 35.15 ? 62   GLN B CD  1 
ATOM   963  O  OE1 . GLN B 1 62 ? 7.657   -6.277  18.546  1.00 37.89 ? 62   GLN B OE1 1 
ATOM   964  N  NE2 . GLN B 1 62 ? 8.264   -7.934  17.134  1.00 35.93 ? 62   GLN B NE2 1 
ATOM   965  N  N   . GLY B 1 63 ? 4.869   -10.059 15.824  1.00 27.97 ? 63   GLY B N   1 
ATOM   966  C  CA  . GLY B 1 63 ? 4.164   -11.128 16.520  1.00 29.72 ? 63   GLY B CA  1 
ATOM   967  C  C   . GLY B 1 63 ? 4.764   -11.362 17.906  1.00 31.87 ? 63   GLY B C   1 
ATOM   968  O  O   . GLY B 1 63 ? 5.880   -11.839 18.061  1.00 33.42 ? 63   GLY B O   1 
ATOM   969  N  N   . GLY B 1 64 ? 4.011   -10.960 18.941  1.00 33.42 ? 64   GLY B N   1 
ATOM   970  C  CA  . GLY B 1 64 ? 4.539   -11.133 20.285  1.00 35.41 ? 64   GLY B CA  1 
ATOM   971  C  C   . GLY B 1 64 ? 4.349   -9.878  21.144  1.00 37.07 ? 64   GLY B C   1 
ATOM   972  O  O   . GLY B 1 64 ? 3.791   -8.884  20.632  1.00 38.45 ? 64   GLY B O   1 
ATOM   973  O  OXT . GLY B 1 64 ? 4.761   -9.895  22.324  1.00 39.35 ? 64   GLY B OXT 1 
HETATM 974  CD CD  . CD  C 2 .  ? -10.333 -6.002  -7.541  1.00 25.22 ? 1001 CD  A CD  1 
HETATM 975  O  O   . HOH D 3 .  ? -3.462  17.078  7.160   1.00 13.17 ? 1002 HOH A O   1 
HETATM 976  O  O   . HOH D 3 .  ? 2.103   12.877  6.677   1.00 14.12 ? 1003 HOH A O   1 
HETATM 977  O  O   . HOH D 3 .  ? 5.901   9.654   -0.931  1.00 15.35 ? 1004 HOH A O   1 
HETATM 978  O  O   . HOH D 3 .  ? 0.312   9.048   -6.018  1.00 13.11 ? 1005 HOH A O   1 
HETATM 979  O  O   . HOH D 3 .  ? -6.159  6.987   13.087  1.00 15.35 ? 1006 HOH A O   1 
HETATM 980  O  O   . HOH D 3 .  ? 4.049   16.055  -3.035  1.00 15.48 ? 1007 HOH A O   1 
HETATM 981  O  O   . HOH D 3 .  ? -11.526 3.245   -2.161  1.00 12.51 ? 1008 HOH A O   1 
HETATM 982  O  O   . HOH D 3 .  ? -9.433  6.682   11.577  1.00 20.94 ? 1009 HOH A O   1 
HETATM 983  O  O   . HOH D 3 .  ? -10.663 17.833  2.766   1.00 17.48 ? 1010 HOH A O   1 
HETATM 984  O  O   . HOH D 3 .  ? -12.943 16.011  10.079  1.00 24.09 ? 1011 HOH A O   1 
HETATM 985  O  O   . HOH D 3 .  ? 6.473   8.504   8.608   1.00 19.11 ? 1012 HOH A O   1 
HETATM 986  O  O   . HOH D 3 .  ? 4.032   14.704  5.982   1.00 25.60 ? 1013 HOH A O   1 
HETATM 987  O  O   . HOH D 3 .  ? 5.427   5.730   9.143   1.00 20.95 ? 1014 HOH A O   1 
HETATM 988  O  O   . HOH D 3 .  ? -1.074  9.287   12.112  1.00 26.58 ? 1015 HOH A O   1 
HETATM 989  O  O   . HOH D 3 .  ? -18.471 -2.588  7.075   1.00 29.37 ? 1016 HOH A O   1 
HETATM 990  O  O   . HOH D 3 .  ? -12.356 9.110   -0.206  1.00 17.25 ? 1017 HOH A O   1 
HETATM 991  O  O   . HOH D 3 .  ? 1.785   7.374   -7.374  1.00 28.53 ? 1018 HOH A O   1 
HETATM 992  O  O   . HOH D 3 .  ? -12.851 -8.350  0.782   1.00 28.19 ? 1019 HOH A O   1 
HETATM 993  O  O   . HOH D 3 .  ? -4.901  -7.628  12.637  1.00 28.59 ? 1020 HOH A O   1 
HETATM 994  O  O   . HOH D 3 .  ? -1.984  20.417  7.622   1.00 35.83 ? 1021 HOH A O   1 
HETATM 995  O  O   . HOH D 3 .  ? -11.678 3.883   -5.982  1.00 35.02 ? 1022 HOH A O   1 
HETATM 996  O  O   . HOH D 3 .  ? -19.756 5.712   6.074   1.00 22.85 ? 1023 HOH A O   1 
HETATM 997  O  O   . HOH D 3 .  ? 8.371   11.052  -6.025  1.00 31.18 ? 1024 HOH A O   1 
HETATM 998  O  O   . HOH D 3 .  ? 0.212   4.045   11.110  1.00 24.62 ? 1025 HOH A O   1 
HETATM 999  O  O   . HOH D 3 .  ? -10.889 -1.629  -8.190  1.00 43.01 ? 1026 HOH A O   1 
HETATM 1000 O  O   . HOH D 3 .  ? -2.913  10.785  13.404  1.00 29.27 ? 1027 HOH A O   1 
HETATM 1001 O  O   . HOH D 3 .  ? -14.617 18.447  4.816   1.00 40.02 ? 1028 HOH A O   1 
HETATM 1002 O  O   . HOH D 3 .  ? -15.237 6.885   9.940   1.00 20.75 ? 1029 HOH A O   1 
HETATM 1003 O  O   . HOH D 3 .  ? 0.746   -1.537  1.047   1.00 31.32 ? 1030 HOH A O   1 
HETATM 1004 O  O   . HOH D 3 .  ? 0.698   5.810   -9.350  1.00 47.78 ? 1031 HOH A O   1 
HETATM 1005 O  O   . HOH D 3 .  ? -11.011 -9.307  2.526   1.00 22.01 ? 1032 HOH A O   1 
HETATM 1006 O  O   . HOH D 3 .  ? -13.982 -2.691  -6.637  1.00 22.08 ? 1033 HOH A O   1 
HETATM 1007 O  O   . HOH D 3 .  ? -1.008  -6.693  7.496   1.00 27.15 ? 1034 HOH A O   1 
HETATM 1008 O  O   . HOH D 3 .  ? 4.030   -1.108  9.156   1.00 25.27 ? 1035 HOH A O   1 
HETATM 1009 O  O   . HOH D 3 .  ? -11.722 13.099  0.017   1.00 32.49 ? 1036 HOH A O   1 
HETATM 1010 O  O   . HOH D 3 .  ? -14.362 12.316  6.205   1.00 31.78 ? 1037 HOH A O   1 
HETATM 1011 O  O   . HOH D 3 .  ? -6.572  -2.217  -1.261  1.00 29.47 ? 1038 HOH A O   1 
HETATM 1012 O  O   . HOH D 3 .  ? -13.524 -3.932  14.354  1.00 26.87 ? 1039 HOH A O   1 
HETATM 1013 O  O   . HOH D 3 .  ? 2.070   3.142   9.486   1.00 31.04 ? 1040 HOH A O   1 
HETATM 1014 O  O   . HOH D 3 .  ? -21.536 6.425   7.762   1.00 31.88 ? 1041 HOH A O   1 
HETATM 1015 O  O   . HOH D 3 .  ? -9.705  0.567   16.687  1.00 41.29 ? 1042 HOH A O   1 
HETATM 1016 O  O   . HOH D 3 .  ? -18.398 7.887   8.164   1.00 21.22 ? 1043 HOH A O   1 
HETATM 1017 O  O   . HOH D 3 .  ? -13.141 -1.044  17.407  1.00 37.89 ? 1044 HOH A O   1 
HETATM 1018 O  O   . HOH D 3 .  ? -1.325  3.620   -1.904  1.00 38.79 ? 1045 HOH A O   1 
HETATM 1019 O  O   . HOH D 3 .  ? 7.824   10.606  -3.061  1.00 45.03 ? 1046 HOH A O   1 
HETATM 1020 O  O   . HOH D 3 .  ? -19.162 -4.880  11.947  1.00 48.95 ? 1047 HOH A O   1 
HETATM 1021 O  O   . HOH D 3 .  ? -5.623  -4.333  6.824   1.00 39.36 ? 1048 HOH A O   1 
HETATM 1022 O  O   . HOH D 3 .  ? -24.448 1.134   6.740   1.00 46.40 ? 1049 HOH A O   1 
HETATM 1023 O  O   . HOH D 3 .  ? -5.177  4.244   16.485  1.00 36.22 ? 1050 HOH A O   1 
HETATM 1024 O  O   . HOH D 3 .  ? -23.166 2.165   4.621   1.00 35.05 ? 1051 HOH A O   1 
HETATM 1025 O  O   . HOH D 3 .  ? -20.304 0.871   10.711  1.00 35.09 ? 1052 HOH A O   1 
HETATM 1026 O  O   . HOH D 3 .  ? -8.295  4.011   -6.061  1.00 34.06 ? 1053 HOH A O   1 
HETATM 1027 O  O   . HOH D 3 .  ? 1.161   9.441   13.525  1.00 35.60 ? 1054 HOH A O   1 
HETATM 1028 O  O   . HOH D 3 .  ? 8.303   10.535  2.557   1.00 41.39 ? 1055 HOH A O   1 
HETATM 1029 O  O   . HOH D 3 .  ? -12.619 9.186   -2.901  1.00 33.80 ? 1056 HOH A O   1 
HETATM 1030 O  O   . HOH D 3 .  ? -10.895 -7.344  -3.255  1.00 43.66 ? 1057 HOH A O   1 
HETATM 1031 O  O   . HOH D 3 .  ? 3.353   7.783   -9.614  1.00 52.15 ? 1058 HOH A O   1 
HETATM 1032 O  O   . HOH D 3 .  ? -6.332  -4.155  4.320   1.00 35.71 ? 1059 HOH A O   1 
HETATM 1033 O  O   . HOH D 3 .  ? 12.515  8.464   4.103   1.00 54.36 ? 1060 HOH A O   1 
HETATM 1034 O  O   . HOH D 3 .  ? -16.220 -3.445  7.180   1.00 18.12 ? 1061 HOH A O   1 
HETATM 1035 O  O   . HOH D 3 .  ? -13.983 18.921  6.962   1.00 25.40 ? 1062 HOH A O   1 
HETATM 1036 O  O   . HOH D 3 .  ? 1.030   11.709  14.241  1.00 32.44 ? 1063 HOH A O   1 
HETATM 1037 O  O   . HOH D 3 .  ? 3.612   13.662  14.190  1.00 41.23 ? 1064 HOH A O   1 
HETATM 1038 O  O   . HOH D 3 .  ? -5.601  -5.675  -3.755  1.00 51.42 ? 1065 HOH A O   1 
HETATM 1039 O  O   . HOH D 3 .  ? -14.579 12.494  -2.551  1.00 51.14 ? 1066 HOH A O   1 
HETATM 1040 O  O   . HOH D 3 .  ? -16.893 6.018   13.705  1.00 31.02 ? 1067 HOH A O   1 
HETATM 1041 O  O   . HOH D 3 .  ? -17.021 1.537   13.511  1.00 28.76 ? 1068 HOH A O   1 
HETATM 1042 O  O   . HOH D 3 .  ? -4.132  -4.093  4.718   1.00 39.06 ? 1069 HOH A O   1 
HETATM 1043 O  O   . HOH D 3 .  ? -10.654 5.765   18.102  1.00 27.29 ? 1070 HOH A O   1 
HETATM 1044 O  O   . HOH D 3 .  ? -20.177 11.167  2.138   1.00 49.43 ? 1071 HOH A O   1 
HETATM 1045 O  O   . HOH D 3 .  ? -11.927 6.738   -4.097  1.00 49.16 ? 1072 HOH A O   1 
HETATM 1046 O  O   . HOH D 3 .  ? 4.001   -2.625  12.922  1.00 50.19 ? 1073 HOH A O   1 
HETATM 1047 O  O   . HOH D 3 .  ? -10.822 16.980  11.403  1.00 46.15 ? 1074 HOH A O   1 
HETATM 1048 O  O   . HOH D 3 .  ? 7.368   9.796   10.959  1.00 38.08 ? 1075 HOH A O   1 
HETATM 1049 O  O   . HOH D 3 .  ? 7.429   12.421  11.402  1.00 44.10 ? 1076 HOH A O   1 
HETATM 1050 O  O   . HOH D 3 .  ? 6.126   12.343  13.411  1.00 38.94 ? 1077 HOH A O   1 
HETATM 1051 O  O   . HOH D 3 .  ? -0.353  17.283  13.870  1.00 48.97 ? 1078 HOH A O   1 
HETATM 1052 O  O   . HOH D 3 .  ? -7.305  -7.668  11.262  1.00 44.45 ? 1079 HOH A O   1 
HETATM 1053 O  O   . HOH D 3 .  ? -8.566  -8.791  4.437   1.00 36.81 ? 1080 HOH A O   1 
HETATM 1054 O  O   . HOH D 3 .  ? -8.675  -6.381  5.221   1.00 33.34 ? 1081 HOH A O   1 
HETATM 1055 O  O   . HOH D 3 .  ? -17.156 11.392  6.580   1.00 39.43 ? 1082 HOH A O   1 
HETATM 1056 O  O   . HOH D 3 .  ? -1.414  1.908   -4.071  1.00 45.02 ? 1083 HOH A O   1 
HETATM 1057 O  O   . HOH D 3 .  ? -7.035  3.597   18.749  1.00 46.76 ? 1084 HOH A O   1 
HETATM 1058 O  O   . HOH D 3 .  ? -2.735  2.857   16.200  1.00 38.17 ? 1085 HOH A O   1 
HETATM 1059 O  O   . HOH E 3 .  ? 13.846  -2.130  -7.806  1.00 11.82 ? 65   HOH B O   1 
HETATM 1060 O  O   . HOH E 3 .  ? 11.960  -5.053  5.049   1.00 13.19 ? 66   HOH B O   1 
HETATM 1061 O  O   . HOH E 3 .  ? 14.299  -3.852  3.809   1.00 18.12 ? 67   HOH B O   1 
HETATM 1062 O  O   . HOH E 3 .  ? 12.195  -4.735  -9.905  1.00 12.45 ? 68   HOH B O   1 
HETATM 1063 O  O   . HOH E 3 .  ? 11.135  -13.210 -11.435 1.00 15.10 ? 69   HOH B O   1 
HETATM 1064 O  O   . HOH E 3 .  ? 5.834   -3.034  8.851   1.00 17.87 ? 70   HOH B O   1 
HETATM 1065 O  O   . HOH E 3 .  ? 17.305  -7.850  -11.405 1.00 18.41 ? 71   HOH B O   1 
HETATM 1066 O  O   . HOH E 3 .  ? 4.885   -13.714 -6.021  1.00 19.00 ? 72   HOH B O   1 
HETATM 1067 O  O   . HOH E 3 .  ? 4.152   0.909   -16.412 1.00 20.30 ? 73   HOH B O   1 
HETATM 1068 O  O   . HOH E 3 .  ? 0.569   -2.792  -19.525 1.00 21.14 ? 74   HOH B O   1 
HETATM 1069 O  O   . HOH E 3 .  ? 0.474   -5.613  4.061   1.00 29.75 ? 75   HOH B O   1 
HETATM 1070 O  O   . HOH E 3 .  ? -0.324  -8.055  0.652   1.00 25.23 ? 76   HOH B O   1 
HETATM 1071 O  O   . HOH E 3 .  ? -8.291  -3.678  -9.956  1.00 35.00 ? 77   HOH B O   1 
HETATM 1072 O  O   . HOH E 3 .  ? 6.888   -6.646  -20.674 1.00 25.96 ? 78   HOH B O   1 
HETATM 1073 O  O   . HOH E 3 .  ? -2.812  -3.451  -5.848  1.00 36.86 ? 79   HOH B O   1 
HETATM 1074 O  O   . HOH E 3 .  ? 11.854  -13.429 -8.642  1.00 16.32 ? 80   HOH B O   1 
HETATM 1075 O  O   . HOH E 3 .  ? 4.912   -16.036 -11.484 1.00 34.02 ? 81   HOH B O   1 
HETATM 1076 O  O   . HOH E 3 .  ? 14.499  -11.807 -11.836 1.00 29.34 ? 82   HOH B O   1 
HETATM 1077 O  O   . HOH E 3 .  ? -2.821  -12.194 -3.670  1.00 41.72 ? 83   HOH B O   1 
HETATM 1078 O  O   . HOH E 3 .  ? 19.020  -10.860 3.287   1.00 42.76 ? 84   HOH B O   1 
HETATM 1079 O  O   . HOH E 3 .  ? -0.289  5.941   -4.037  1.00 20.60 ? 85   HOH B O   1 
HETATM 1080 O  O   . HOH E 3 .  ? 16.065  -1.199  -13.809 1.00 42.68 ? 86   HOH B O   1 
HETATM 1081 O  O   . HOH E 3 .  ? 6.672   7.249   -1.571  1.00 22.85 ? 87   HOH B O   1 
HETATM 1082 O  O   . HOH E 3 .  ? 14.405  1.889   -9.307  1.00 23.96 ? 88   HOH B O   1 
HETATM 1083 O  O   . HOH E 3 .  ? 2.440   -16.949 -7.631  1.00 34.45 ? 89   HOH B O   1 
HETATM 1084 O  O   . HOH E 3 .  ? 2.807   -14.379 -4.781  1.00 34.41 ? 90   HOH B O   1 
HETATM 1085 O  O   . HOH E 3 .  ? 8.510   -14.107 -18.840 1.00 34.25 ? 91   HOH B O   1 
HETATM 1086 O  O   . HOH E 3 .  ? 1.178   2.350   -14.113 1.00 37.75 ? 92   HOH B O   1 
HETATM 1087 O  O   . HOH E 3 .  ? 9.723   -4.835  -19.058 1.00 25.15 ? 93   HOH B O   1 
HETATM 1088 O  O   . HOH E 3 .  ? 8.423   5.558   -0.057  1.00 46.70 ? 94   HOH B O   1 
HETATM 1089 O  O   . HOH E 3 .  ? -7.526  -7.454  -4.322  1.00 45.80 ? 95   HOH B O   1 
HETATM 1090 O  O   . HOH E 3 .  ? 0.354   -4.545  2.059   1.00 47.17 ? 96   HOH B O   1 
HETATM 1091 O  O   . HOH E 3 .  ? -1.390  -8.196  -21.031 1.00 34.70 ? 97   HOH B O   1 
HETATM 1092 O  O   . HOH E 3 .  ? 18.648  -0.635  -0.971  1.00 41.09 ? 98   HOH B O   1 
HETATM 1093 O  O   . HOH E 3 .  ? -0.418  -10.560 -7.110  1.00 15.43 ? 99   HOH B O   1 
HETATM 1094 O  O   . HOH E 3 .  ? 12.409  -7.085  -17.291 1.00 28.80 ? 100  HOH B O   1 
HETATM 1095 O  O   . HOH E 3 .  ? -2.410  5.701   -5.309  1.00 32.59 ? 101  HOH B O   1 
HETATM 1096 O  O   . HOH E 3 .  ? 12.197  2.400   4.944   1.00 28.67 ? 102  HOH B O   1 
HETATM 1097 O  O   . HOH E 3 .  ? 7.164   -11.597 -19.815 1.00 38.00 ? 103  HOH B O   1 
HETATM 1098 O  O   . HOH E 3 .  ? 6.331   6.778   -10.661 1.00 40.54 ? 104  HOH B O   1 
HETATM 1099 O  O   . HOH E 3 .  ? -2.490  -3.431  -1.865  1.00 50.28 ? 105  HOH B O   1 
HETATM 1100 O  O   . HOH E 3 .  ? 15.366  4.792   6.637   1.00 40.31 ? 106  HOH B O   1 
HETATM 1101 O  O   . HOH E 3 .  ? 5.924   -18.286 -2.315  1.00 44.54 ? 107  HOH B O   1 
HETATM 1102 O  O   . HOH E 3 .  ? 10.987  0.413   9.963   1.00 38.12 ? 108  HOH B O   1 
HETATM 1103 O  O   . HOH E 3 .  ? 2.207   -15.920 -3.301  1.00 24.92 ? 109  HOH B O   1 
HETATM 1104 O  O   . HOH E 3 .  ? 8.502   -10.856 18.652  1.00 39.24 ? 110  HOH B O   1 
HETATM 1105 O  O   . HOH E 3 .  ? 8.873   6.738   -7.940  1.00 51.84 ? 111  HOH B O   1 
HETATM 1106 O  O   . HOH E 3 .  ? 2.432   -13.797 -19.658 1.00 44.08 ? 112  HOH B O   1 
HETATM 1107 O  O   . HOH E 3 .  ? 16.574  0.593   -8.898  1.00 39.57 ? 113  HOH B O   1 
HETATM 1108 O  O   . HOH E 3 .  ? 1.611   -15.582 -1.060  1.00 33.52 ? 114  HOH B O   1 
HETATM 1109 O  O   . HOH E 3 .  ? -0.304  -16.123 -2.562  1.00 44.59 ? 115  HOH B O   1 
HETATM 1110 O  O   . HOH E 3 .  ? -1.992  -3.573  -20.349 1.00 31.38 ? 116  HOH B O   1 
HETATM 1111 O  O   . HOH E 3 .  ? 11.516  3.403   7.666   1.00 42.43 ? 117  HOH B O   1 
HETATM 1112 O  O   . HOH E 3 .  ? -0.612  1.664   -11.313 1.00 41.19 ? 118  HOH B O   1 
HETATM 1113 O  O   . HOH E 3 .  ? -8.148  -8.941  -10.039 1.00 29.31 ? 119  HOH B O   1 
HETATM 1114 O  O   . HOH E 3 .  ? -0.535  -10.153 -0.863  1.00 36.41 ? 120  HOH B O   1 
HETATM 1115 O  O   . HOH E 3 .  ? 11.210  3.847   2.721   1.00 36.03 ? 121  HOH B O   1 
HETATM 1116 O  O   . HOH E 3 .  ? 3.146   -5.127  14.206  1.00 38.21 ? 122  HOH B O   1 
HETATM 1117 O  O   . HOH E 3 .  ? 2.715   5.970   -13.471 1.00 41.10 ? 123  HOH B O   1 
HETATM 1118 O  O   . HOH E 3 .  ? 9.951   -3.433  9.724   1.00 40.73 ? 124  HOH B O   1 
HETATM 1119 O  O   . HOH E 3 .  ? 9.387   -17.744 -1.598  1.00 38.50 ? 125  HOH B O   1 
HETATM 1120 O  O   . HOH E 3 .  ? 17.119  -3.225  -4.241  1.00 41.82 ? 126  HOH B O   1 
HETATM 1121 O  O   . HOH E 3 .  ? 6.968   -4.699  12.786  1.00 45.53 ? 127  HOH B O   1 
HETATM 1122 O  O   . HOH E 3 .  ? 7.364   -0.866  10.036  1.00 41.09 ? 128  HOH B O   1 
HETATM 1123 O  O   . HOH E 3 .  ? 14.719  0.825   -14.892 1.00 36.50 ? 129  HOH B O   1 
HETATM 1124 O  O   . HOH E 3 .  ? 16.849  0.852   -1.775  1.00 40.80 ? 130  HOH B O   1 
HETATM 1125 O  O   . HOH E 3 .  ? 5.080   8.663   -11.926 1.00 47.52 ? 131  HOH B O   1 
HETATM 1126 O  O   . HOH E 3 .  ? 14.869  6.821   8.603   1.00 46.73 ? 132  HOH B O   1 
# 
